data_1W8U
# 
_entry.id   1W8U 
# 
_audit_conform.dict_name       mmcif_pdbx.dic 
_audit_conform.dict_version    5.382 
_audit_conform.dict_location   http://mmcif.pdb.org/dictionaries/ascii/mmcif_pdbx.dic 
# 
loop_
_database_2.database_id 
_database_2.database_code 
_database_2.pdbx_database_accession 
_database_2.pdbx_DOI 
PDB   1W8U         pdb_00001w8u 10.2210/pdb1w8u/pdb 
PDBE  EBI-21172    ?            ?                   
WWPDB D_1290021172 ?            ?                   
# 
loop_
_pdbx_database_related.db_name 
_pdbx_database_related.db_id 
_pdbx_database_related.content_type 
_pdbx_database_related.details 
PDB 1GWK unspecified 'CARBOHYDRATE BINDING MODULE FAMILY29' 
PDB 1GWL unspecified 'CARBOHYDRATE BINDING MODULE FAMILY29 COMPLEXED WITH MANNOHEXAOSE' 
PDB 1GWM unspecified 'CARBOHYDRATE BINDING MODULE FAMILY29 COMPLEXED WITH GLUCOHEXAOSE' 
PDB 1OH3 unspecified 'E78R MUTANT OF A CARBOHYDRATE BINDING MODULE FAMILY 29' 
PDB 1W8T unspecified 
;CBM29-2 MUTANT K74A COMPLEXED WITH CELLULOHEXAOSE: PROBING THE MECHANISM OF LIGAND RECOGNITION BY FAMILY 29 CARBOHYDRATE BINDING MODULES
;
PDB 1W8W unspecified 'CBM29-2 MUTANT Y46A: PROBING THE MECHANISM OF LIGAND RECOGNITION BY FAMILY 29 CARBOHYDRATE BINDING MODULES' 
PDB 1W8Z unspecified 'CBM29-2 MUTANT K85A: PROBING THE MECHANISM OF LIGAND RECOGNITION BY FAMILY 29 CARBOHYDRATE BINDING MODULES' 
PDB 1W90 unspecified 'CBM29-2 MUTANT D114A: PROBING THE MECHANISM OF LIGAND RECOGNITION BY FAMILY 29 CARBOHYDRATE BINDING MODULES' 
PDB 1W9F unspecified 'CBM29-2 MUTANT R112A: PROBING THE MECHANISM OF LIGAND RECOGNITION BY FAMILY 29 CARBOHYDRATE BINDING MODULES' 
# 
_pdbx_database_status.status_code                     REL 
_pdbx_database_status.entry_id                        1W8U 
_pdbx_database_status.deposit_site                    PDBE 
_pdbx_database_status.process_site                    PDBE 
_pdbx_database_status.SG_entry                        . 
_pdbx_database_status.recvd_initial_deposition_date   2004-09-28 
_pdbx_database_status.pdb_format_compatible           Y 
_pdbx_database_status.status_code_sf                  REL 
_pdbx_database_status.status_code_mr                  ? 
_pdbx_database_status.status_code_cs                  ? 
_pdbx_database_status.methods_development_category    ? 
_pdbx_database_status.status_code_nmr_data            ? 
# 
loop_
_audit_author.name 
_audit_author.pdbx_ordinal 
'Flint, J.'        1 
'Bolam, D.N.'      2 
'Nurizzo, D.'      3 
'Taylor, E.J.'     4 
'Williamson, M.P.' 5 
'Walters, C.'      6 
'Davies, G.J.'     7 
'Gilbert, H.J.'    8 
# 
_citation.id                        primary 
_citation.title                     'Probing the Mechanism of Ligand Recognition in Family 29 Carbohydrate-Binding Modules' 
_citation.journal_abbrev            J.Biol.Chem. 
_citation.journal_volume            280 
_citation.page_first                23718 
_citation.page_last                 ? 
_citation.year                      2005 
_citation.journal_id_ASTM           JBCHA3 
_citation.country                   US 
_citation.journal_id_ISSN           0021-9258 
_citation.journal_id_CSD            0071 
_citation.book_publisher            ? 
_citation.pdbx_database_id_PubMed   15784618 
_citation.pdbx_database_id_DOI      10.1074/JBC.M501551200 
# 
loop_
_citation_author.citation_id 
_citation_author.name 
_citation_author.ordinal 
_citation_author.identifier_ORCID 
primary 'Flint, J.'        1 ? 
primary 'Bolam, D.N.'      2 ? 
primary 'Nurizzo, D.'      3 ? 
primary 'Taylor, E.J.'     4 ? 
primary 'Williamson, M.P.' 5 ? 
primary 'Walters, C.'      6 ? 
primary 'Davies, G.J.'     7 ? 
primary 'Gilbert, H.J.'    8 ? 
# 
_cell.entry_id           1W8U 
_cell.length_a           51.150 
_cell.length_b           42.636 
_cell.length_c           60.182 
_cell.angle_alpha        90.00 
_cell.angle_beta         93.71 
_cell.angle_gamma        90.00 
_cell.Z_PDB              4 
_cell.pdbx_unique_axis   ? 
# 
_symmetry.entry_id                         1W8U 
_symmetry.space_group_name_H-M             'C 1 2 1' 
_symmetry.pdbx_full_space_group_name_H-M   ? 
_symmetry.cell_setting                     ? 
_symmetry.Int_Tables_number                5 
# 
loop_
_entity.id 
_entity.type 
_entity.src_method 
_entity.pdbx_description 
_entity.formula_weight 
_entity.pdbx_number_of_molecules 
_entity.pdbx_ec 
_entity.pdbx_mutation 
_entity.pdbx_fragment 
_entity.details 
1 polymer  man 'NON CATALYTIC PROTEIN 1' 16622.336 1   ? YES 'CARBOHYDRATE BINDING MODULE 2, RESIDUES 334-478' ? 
2 branched man 
'beta-D-mannopyranose-(1-4)-beta-D-mannopyranose-(1-4)-beta-D-mannopyranose-(1-4)-beta-D-mannopyranose-(1-4)-beta-D-mannopyranose' 
828.719   1   ? ?   ?                                                 ? 
3 water    nat water 18.015    166 ? ?   ?                                                 ? 
# 
_entity_poly.entity_id                      1 
_entity_poly.type                           'polypeptide(L)' 
_entity_poly.nstd_linkage                   no 
_entity_poly.nstd_monomer                   no 
_entity_poly.pdbx_seq_one_letter_code       
;SNVRATYTVIFKNASGLPNGYDNWGWGCTLSYYGGAMIINPQEGKYGAVSLKRNSGSFRGGSLRFDMKNEGKVKILVENS
EAAEKFEVETISPSDEYVTYILDVDFDLPFDRIDFQDAPGNGDRIWIKNLVHSTGSADDFVDPINLEHH
;
_entity_poly.pdbx_seq_one_letter_code_can   
;SNVRATYTVIFKNASGLPNGYDNWGWGCTLSYYGGAMIINPQEGKYGAVSLKRNSGSFRGGSLRFDMKNEGKVKILVENS
EAAEKFEVETISPSDEYVTYILDVDFDLPFDRIDFQDAPGNGDRIWIKNLVHSTGSADDFVDPINLEHH
;
_entity_poly.pdbx_strand_id                 A 
_entity_poly.pdbx_target_identifier         ? 
# 
loop_
_entity_poly_seq.entity_id 
_entity_poly_seq.num 
_entity_poly_seq.mon_id 
_entity_poly_seq.hetero 
1 1   SER n 
1 2   ASN n 
1 3   VAL n 
1 4   ARG n 
1 5   ALA n 
1 6   THR n 
1 7   TYR n 
1 8   THR n 
1 9   VAL n 
1 10  ILE n 
1 11  PHE n 
1 12  LYS n 
1 13  ASN n 
1 14  ALA n 
1 15  SER n 
1 16  GLY n 
1 17  LEU n 
1 18  PRO n 
1 19  ASN n 
1 20  GLY n 
1 21  TYR n 
1 22  ASP n 
1 23  ASN n 
1 24  TRP n 
1 25  GLY n 
1 26  TRP n 
1 27  GLY n 
1 28  CYS n 
1 29  THR n 
1 30  LEU n 
1 31  SER n 
1 32  TYR n 
1 33  TYR n 
1 34  GLY n 
1 35  GLY n 
1 36  ALA n 
1 37  MET n 
1 38  ILE n 
1 39  ILE n 
1 40  ASN n 
1 41  PRO n 
1 42  GLN n 
1 43  GLU n 
1 44  GLY n 
1 45  LYS n 
1 46  TYR n 
1 47  GLY n 
1 48  ALA n 
1 49  VAL n 
1 50  SER n 
1 51  LEU n 
1 52  LYS n 
1 53  ARG n 
1 54  ASN n 
1 55  SER n 
1 56  GLY n 
1 57  SER n 
1 58  PHE n 
1 59  ARG n 
1 60  GLY n 
1 61  GLY n 
1 62  SER n 
1 63  LEU n 
1 64  ARG n 
1 65  PHE n 
1 66  ASP n 
1 67  MET n 
1 68  LYS n 
1 69  ASN n 
1 70  GLU n 
1 71  GLY n 
1 72  LYS n 
1 73  VAL n 
1 74  LYS n 
1 75  ILE n 
1 76  LEU n 
1 77  VAL n 
1 78  GLU n 
1 79  ASN n 
1 80  SER n 
1 81  GLU n 
1 82  ALA n 
1 83  ALA n 
1 84  GLU n 
1 85  LYS n 
1 86  PHE n 
1 87  GLU n 
1 88  VAL n 
1 89  GLU n 
1 90  THR n 
1 91  ILE n 
1 92  SER n 
1 93  PRO n 
1 94  SER n 
1 95  ASP n 
1 96  GLU n 
1 97  TYR n 
1 98  VAL n 
1 99  THR n 
1 100 TYR n 
1 101 ILE n 
1 102 LEU n 
1 103 ASP n 
1 104 VAL n 
1 105 ASP n 
1 106 PHE n 
1 107 ASP n 
1 108 LEU n 
1 109 PRO n 
1 110 PHE n 
1 111 ASP n 
1 112 ARG n 
1 113 ILE n 
1 114 ASP n 
1 115 PHE n 
1 116 GLN n 
1 117 ASP n 
1 118 ALA n 
1 119 PRO n 
1 120 GLY n 
1 121 ASN n 
1 122 GLY n 
1 123 ASP n 
1 124 ARG n 
1 125 ILE n 
1 126 TRP n 
1 127 ILE n 
1 128 LYS n 
1 129 ASN n 
1 130 LEU n 
1 131 VAL n 
1 132 HIS n 
1 133 SER n 
1 134 THR n 
1 135 GLY n 
1 136 SER n 
1 137 ALA n 
1 138 ASP n 
1 139 ASP n 
1 140 PHE n 
1 141 VAL n 
1 142 ASP n 
1 143 PRO n 
1 144 ILE n 
1 145 ASN n 
1 146 LEU n 
1 147 GLU n 
1 148 HIS n 
1 149 HIS n 
# 
_entity_src_gen.entity_id                          1 
_entity_src_gen.pdbx_src_id                        1 
_entity_src_gen.pdbx_alt_source_flag               sample 
_entity_src_gen.pdbx_seq_type                      ? 
_entity_src_gen.pdbx_beg_seq_num                   ? 
_entity_src_gen.pdbx_end_seq_num                   ? 
_entity_src_gen.gene_src_common_name               ? 
_entity_src_gen.gene_src_genus                     ? 
_entity_src_gen.pdbx_gene_src_gene                 ? 
_entity_src_gen.gene_src_species                   ? 
_entity_src_gen.gene_src_strain                    ? 
_entity_src_gen.gene_src_tissue                    ? 
_entity_src_gen.gene_src_tissue_fraction           ? 
_entity_src_gen.gene_src_details                   ? 
_entity_src_gen.pdbx_gene_src_fragment             ? 
_entity_src_gen.pdbx_gene_src_scientific_name      'PIROMYCES EQUI' 
_entity_src_gen.pdbx_gene_src_ncbi_taxonomy_id     99929 
_entity_src_gen.pdbx_gene_src_variant              ? 
_entity_src_gen.pdbx_gene_src_cell_line            ? 
_entity_src_gen.pdbx_gene_src_atcc                 ? 
_entity_src_gen.pdbx_gene_src_organ                ? 
_entity_src_gen.pdbx_gene_src_organelle            ? 
_entity_src_gen.pdbx_gene_src_cell                 ? 
_entity_src_gen.pdbx_gene_src_cellular_location    ? 
_entity_src_gen.host_org_common_name               ? 
_entity_src_gen.pdbx_host_org_scientific_name      'ESCHERICHIA COLI' 
_entity_src_gen.pdbx_host_org_ncbi_taxonomy_id     469008 
_entity_src_gen.host_org_genus                     ? 
_entity_src_gen.pdbx_host_org_gene                 ? 
_entity_src_gen.pdbx_host_org_organ                ? 
_entity_src_gen.host_org_species                   ? 
_entity_src_gen.pdbx_host_org_tissue               ? 
_entity_src_gen.pdbx_host_org_tissue_fraction      ? 
_entity_src_gen.pdbx_host_org_strain               'BL21(DE3)' 
_entity_src_gen.pdbx_host_org_variant              ? 
_entity_src_gen.pdbx_host_org_cell_line            ? 
_entity_src_gen.pdbx_host_org_atcc                 ? 
_entity_src_gen.pdbx_host_org_culture_collection   ? 
_entity_src_gen.pdbx_host_org_cell                 ? 
_entity_src_gen.pdbx_host_org_organelle            ? 
_entity_src_gen.pdbx_host_org_cellular_location    ? 
_entity_src_gen.pdbx_host_org_vector_type          ? 
_entity_src_gen.pdbx_host_org_vector               ? 
_entity_src_gen.host_org_details                   ? 
_entity_src_gen.expression_system_id               ? 
_entity_src_gen.plasmid_name                       PET22B 
_entity_src_gen.plasmid_details                    ? 
_entity_src_gen.pdbx_description                   ? 
# 
loop_
_struct_ref.id 
_struct_ref.db_name 
_struct_ref.db_code 
_struct_ref.entity_id 
_struct_ref.pdbx_seq_one_letter_code 
_struct_ref.pdbx_align_begin 
_struct_ref.pdbx_db_accession 
_struct_ref.pdbx_db_isoform 
1 UNP Q9C171 1 ? ? Q9C171 ? 
2 PDB 1W8U   1 ? ? 1W8U   ? 
# 
loop_
_struct_ref_seq.align_id 
_struct_ref_seq.ref_id 
_struct_ref_seq.pdbx_PDB_id_code 
_struct_ref_seq.pdbx_strand_id 
_struct_ref_seq.seq_align_beg 
_struct_ref_seq.pdbx_seq_align_beg_ins_code 
_struct_ref_seq.seq_align_end 
_struct_ref_seq.pdbx_seq_align_end_ins_code 
_struct_ref_seq.pdbx_db_accession 
_struct_ref_seq.db_align_beg 
_struct_ref_seq.pdbx_db_align_beg_ins_code 
_struct_ref_seq.db_align_end 
_struct_ref_seq.pdbx_db_align_end_ins_code 
_struct_ref_seq.pdbx_auth_seq_align_beg 
_struct_ref_seq.pdbx_auth_seq_align_end 
1 1 1W8U A 1   ? 145 ? Q9C171 334 ? 478 ? 1   145 
2 2 1W8U A 146 ? 149 ? 1W8U   146 ? 149 ? 146 149 
# 
_struct_ref_seq_dif.align_id                     1 
_struct_ref_seq_dif.pdbx_pdb_id_code             1W8U 
_struct_ref_seq_dif.mon_id                       ALA 
_struct_ref_seq_dif.pdbx_pdb_strand_id           A 
_struct_ref_seq_dif.seq_num                      83 
_struct_ref_seq_dif.pdbx_pdb_ins_code            ? 
_struct_ref_seq_dif.pdbx_seq_db_name             UNP 
_struct_ref_seq_dif.pdbx_seq_db_accession_code   Q9C171 
_struct_ref_seq_dif.db_mon_id                    LYS 
_struct_ref_seq_dif.pdbx_seq_db_seq_num          415 
_struct_ref_seq_dif.details                      'engineered mutation' 
_struct_ref_seq_dif.pdbx_auth_seq_num            83 
_struct_ref_seq_dif.pdbx_ordinal                 1 
# 
loop_
_chem_comp.id 
_chem_comp.type 
_chem_comp.mon_nstd_flag 
_chem_comp.name 
_chem_comp.pdbx_synonyms 
_chem_comp.formula 
_chem_comp.formula_weight 
ALA 'L-peptide linking'          y ALANINE              ?                                    'C3 H7 N O2'     89.093  
ARG 'L-peptide linking'          y ARGININE             ?                                    'C6 H15 N4 O2 1' 175.209 
ASN 'L-peptide linking'          y ASPARAGINE           ?                                    'C4 H8 N2 O3'    132.118 
ASP 'L-peptide linking'          y 'ASPARTIC ACID'      ?                                    'C4 H7 N O4'     133.103 
BMA 'D-saccharide, beta linking' . beta-D-mannopyranose 'beta-D-mannose; D-mannose; mannose' 'C6 H12 O6'      180.156 
CYS 'L-peptide linking'          y CYSTEINE             ?                                    'C3 H7 N O2 S'   121.158 
GLN 'L-peptide linking'          y GLUTAMINE            ?                                    'C5 H10 N2 O3'   146.144 
GLU 'L-peptide linking'          y 'GLUTAMIC ACID'      ?                                    'C5 H9 N O4'     147.129 
GLY 'peptide linking'            y GLYCINE              ?                                    'C2 H5 N O2'     75.067  
HIS 'L-peptide linking'          y HISTIDINE            ?                                    'C6 H10 N3 O2 1' 156.162 
HOH non-polymer                  . WATER                ?                                    'H2 O'           18.015  
ILE 'L-peptide linking'          y ISOLEUCINE           ?                                    'C6 H13 N O2'    131.173 
LEU 'L-peptide linking'          y LEUCINE              ?                                    'C6 H13 N O2'    131.173 
LYS 'L-peptide linking'          y LYSINE               ?                                    'C6 H15 N2 O2 1' 147.195 
MET 'L-peptide linking'          y METHIONINE           ?                                    'C5 H11 N O2 S'  149.211 
PHE 'L-peptide linking'          y PHENYLALANINE        ?                                    'C9 H11 N O2'    165.189 
PRO 'L-peptide linking'          y PROLINE              ?                                    'C5 H9 N O2'     115.130 
SER 'L-peptide linking'          y SERINE               ?                                    'C3 H7 N O3'     105.093 
THR 'L-peptide linking'          y THREONINE            ?                                    'C4 H9 N O3'     119.119 
TRP 'L-peptide linking'          y TRYPTOPHAN           ?                                    'C11 H12 N2 O2'  204.225 
TYR 'L-peptide linking'          y TYROSINE             ?                                    'C9 H11 N O3'    181.189 
VAL 'L-peptide linking'          y VALINE               ?                                    'C5 H11 N O2'    117.146 
# 
_exptl.entry_id          1W8U 
_exptl.method            'X-RAY DIFFRACTION' 
_exptl.crystals_number   1 
# 
_exptl_crystal.id                    1 
_exptl_crystal.density_meas          ? 
_exptl_crystal.density_Matthews      2.2 
_exptl_crystal.density_percent_sol   0.43 
_exptl_crystal.description           ? 
# 
_exptl_crystal_grow.crystal_id      1 
_exptl_crystal_grow.method          ? 
_exptl_crystal_grow.temp            ? 
_exptl_crystal_grow.temp_details    ? 
_exptl_crystal_grow.pH              6.50 
_exptl_crystal_grow.pdbx_pH_range   ? 
_exptl_crystal_grow.pdbx_details    '1.5 M AMMONIUM SULPHATE, 0.1 M SODIUM CITRATE PH6.5 10 MM MANNOHEXAOSE 25% GLYCEROL, pH 6.50' 
# 
_diffrn.id                     1 
_diffrn.ambient_temp           100.0 
_diffrn.ambient_temp_details   ? 
_diffrn.crystal_id             1 
# 
_diffrn_radiation.diffrn_id                        1 
_diffrn_radiation.wavelength_id                    1 
_diffrn_radiation.pdbx_monochromatic_or_laue_m_l   M 
_diffrn_radiation.monochromator                    ? 
_diffrn_radiation.pdbx_diffrn_protocol             'SINGLE WAVELENGTH' 
_diffrn_radiation.pdbx_scattering_type             x-ray 
# 
_diffrn_radiation_wavelength.id           1 
_diffrn_radiation_wavelength.wavelength   0.87 
_diffrn_radiation_wavelength.wt           1.0 
# 
_diffrn_source.diffrn_id                   1 
_diffrn_source.source                      SYNCHROTRON 
_diffrn_source.type                        'SRS BEAMLINE PX9.6' 
_diffrn_source.pdbx_synchrotron_site       SRS 
_diffrn_source.pdbx_synchrotron_beamline   PX9.6 
_diffrn_source.pdbx_wavelength             0.87 
_diffrn_source.pdbx_wavelength_list        ? 
# 
_reflns.pdbx_diffrn_id               1 
_reflns.pdbx_ordinal                 1 
_reflns.entry_id                     1W8U 
_reflns.observed_criterion_sigma_I   ? 
_reflns.observed_criterion_sigma_F   ? 
_reflns.d_resolution_low             100.000 
_reflns.d_resolution_high            1.300 
_reflns.number_obs                   31892 
_reflns.number_all                   ? 
_reflns.percent_possible_obs         99.8 
_reflns.pdbx_Rmerge_I_obs            0.06000 
_reflns.pdbx_Rsym_value              ? 
_reflns.pdbx_netI_over_sigmaI        32.4000 
_reflns.B_iso_Wilson_estimate        ? 
_reflns.pdbx_redundancy              3.600 
# 
_reflns_shell.pdbx_diffrn_id         1 
_reflns_shell.pdbx_ordinal           1 
_reflns_shell.d_res_high             1.30 
_reflns_shell.d_res_low              1.32 
_reflns_shell.percent_possible_all   98.1 
_reflns_shell.Rmerge_I_obs           0.23000 
_reflns_shell.pdbx_Rsym_value        ? 
_reflns_shell.meanI_over_sigI_obs    6.600 
_reflns_shell.pdbx_redundancy        2.70 
# 
_refine.pdbx_refine_id                           'X-RAY DIFFRACTION' 
_refine.entry_id                                 1W8U 
_refine.pdbx_diffrn_id                           1 
_refine.pdbx_TLS_residual_ADP_flag               ? 
_refine.ls_number_reflns_obs                     30250 
_refine.ls_number_reflns_all                     ? 
_refine.pdbx_ls_sigma_I                          ? 
_refine.pdbx_ls_sigma_F                          ? 
_refine.pdbx_data_cutoff_high_absF               ? 
_refine.pdbx_data_cutoff_low_absF                ? 
_refine.pdbx_data_cutoff_high_rms_absF           ? 
_refine.ls_d_res_low                             30.00 
_refine.ls_d_res_high                            1.30 
_refine.ls_percent_reflns_obs                    99.8 
_refine.ls_R_factor_obs                          0.162 
_refine.ls_R_factor_all                          ? 
_refine.ls_R_factor_R_work                       0.161 
_refine.ls_R_factor_R_free                       0.175 
_refine.ls_R_factor_R_free_error                 ? 
_refine.ls_R_factor_R_free_error_details         ? 
_refine.ls_percent_reflns_R_free                 5.100 
_refine.ls_number_reflns_R_free                  1610 
_refine.ls_number_parameters                     ? 
_refine.ls_number_restraints                     ? 
_refine.occupancy_min                            ? 
_refine.occupancy_max                            ? 
_refine.correlation_coeff_Fo_to_Fc               0.966 
_refine.correlation_coeff_Fo_to_Fc_free          0.964 
_refine.B_iso_mean                               8.66 
_refine.aniso_B[1][1]                            0.12000 
_refine.aniso_B[2][2]                            0.11000 
_refine.aniso_B[3][3]                            -0.23000 
_refine.aniso_B[1][2]                            0.00000 
_refine.aniso_B[1][3]                            -0.01000 
_refine.aniso_B[2][3]                            0.00000 
_refine.solvent_model_details                    'BABINET MODEL WITH MASK' 
_refine.solvent_model_param_ksol                 ? 
_refine.solvent_model_param_bsol                 ? 
_refine.pdbx_solvent_vdw_probe_radii             1.20 
_refine.pdbx_solvent_ion_probe_radii             0.80 
_refine.pdbx_solvent_shrinkage_radii             0.80 
_refine.pdbx_ls_cross_valid_method               THROUGHOUT 
_refine.details                                  'HYDROGENS HAVE BEEN ADDED IN THE RIDING POSITIONS.' 
_refine.pdbx_starting_model                      'PDB ENTRY 1GWM' 
_refine.pdbx_method_to_determine_struct          'MOLECULAR REPLACEMENT' 
_refine.pdbx_isotropic_thermal_model             ? 
_refine.pdbx_stereochemistry_target_values       'MAXIMUM LIKELIHOOD' 
_refine.pdbx_stereochem_target_val_spec_case     ? 
_refine.pdbx_R_Free_selection_details            RANDOM 
_refine.pdbx_overall_ESU_R                       0.050 
_refine.pdbx_overall_ESU_R_Free                  0.049 
_refine.overall_SU_ML                            0.029 
_refine.pdbx_overall_phase_error                 ? 
_refine.overall_SU_B                             1.345 
_refine.overall_SU_R_Cruickshank_DPI             ? 
_refine.pdbx_overall_SU_R_free_Cruickshank_DPI   ? 
_refine.pdbx_overall_SU_R_Blow_DPI               ? 
_refine.pdbx_overall_SU_R_free_Blow_DPI          ? 
# 
_refine_hist.pdbx_refine_id                   'X-RAY DIFFRACTION' 
_refine_hist.cycle_id                         LAST 
_refine_hist.pdbx_number_atoms_protein        1106 
_refine_hist.pdbx_number_atoms_nucleic_acid   0 
_refine_hist.pdbx_number_atoms_ligand         56 
_refine_hist.number_atoms_solvent             166 
_refine_hist.number_atoms_total               1328 
_refine_hist.d_res_high                       1.30 
_refine_hist.d_res_low                        30.00 
# 
loop_
_refine_ls_restr.type 
_refine_ls_restr.dev_ideal 
_refine_ls_restr.dev_ideal_target 
_refine_ls_restr.weight 
_refine_ls_restr.number 
_refine_ls_restr.pdbx_refine_id 
_refine_ls_restr.pdbx_restraint_function 
r_bond_refined_d             0.018  0.022  ? 1215 'X-RAY DIFFRACTION' ? 
r_bond_other_d               0.002  0.020  ? 1030 'X-RAY DIFFRACTION' ? 
r_angle_refined_deg          1.908  1.986  ? 1651 'X-RAY DIFFRACTION' ? 
r_angle_other_deg            3.350  3.000  ? 2408 'X-RAY DIFFRACTION' ? 
r_dihedral_angle_1_deg       7.334  5.000  ? 140  'X-RAY DIFFRACTION' ? 
r_dihedral_angle_2_deg       31.740 24.590 ? 61   'X-RAY DIFFRACTION' ? 
r_dihedral_angle_3_deg       14.106 15.000 ? 191  'X-RAY DIFFRACTION' ? 
r_dihedral_angle_4_deg       17.839 15.000 ? 7    'X-RAY DIFFRACTION' ? 
r_chiral_restr               0.107  0.200  ? 185  'X-RAY DIFFRACTION' ? 
r_gen_planes_refined         0.010  0.020  ? 1309 'X-RAY DIFFRACTION' ? 
r_gen_planes_other           0.001  0.020  ? 247  'X-RAY DIFFRACTION' ? 
r_nbd_refined                0.189  0.200  ? 182  'X-RAY DIFFRACTION' ? 
r_nbd_other                  0.192  0.200  ? 989  'X-RAY DIFFRACTION' ? 
r_nbtor_refined              0.183  0.200  ? 596  'X-RAY DIFFRACTION' ? 
r_nbtor_other                0.099  0.200  ? 713  'X-RAY DIFFRACTION' ? 
r_xyhbond_nbd_refined        0.143  0.200  ? 91   'X-RAY DIFFRACTION' ? 
r_xyhbond_nbd_other          ?      ?      ? ?    'X-RAY DIFFRACTION' ? 
r_metal_ion_refined          ?      ?      ? ?    'X-RAY DIFFRACTION' ? 
r_metal_ion_other            ?      ?      ? ?    'X-RAY DIFFRACTION' ? 
r_symmetry_vdw_refined       0.470  0.200  ? 17   'X-RAY DIFFRACTION' ? 
r_symmetry_vdw_other         0.370  0.200  ? 68   'X-RAY DIFFRACTION' ? 
r_symmetry_hbond_refined     0.143  0.200  ? 19   'X-RAY DIFFRACTION' ? 
r_symmetry_hbond_other       ?      ?      ? ?    'X-RAY DIFFRACTION' ? 
r_symmetry_metal_ion_refined ?      ?      ? ?    'X-RAY DIFFRACTION' ? 
r_symmetry_metal_ion_other   ?      ?      ? ?    'X-RAY DIFFRACTION' ? 
r_mcbond_it                  1.436  1.500  ? 897  'X-RAY DIFFRACTION' ? 
r_mcbond_other               ?      ?      ? ?    'X-RAY DIFFRACTION' ? 
r_mcangle_it                 1.739  2.000  ? 1125 'X-RAY DIFFRACTION' ? 
r_mcangle_other              ?      ?      ? ?    'X-RAY DIFFRACTION' ? 
r_scbond_it                  2.658  3.000  ? 610  'X-RAY DIFFRACTION' ? 
r_scbond_other               ?      ?      ? ?    'X-RAY DIFFRACTION' ? 
r_scangle_it                 3.801  4.500  ? 526  'X-RAY DIFFRACTION' ? 
r_scangle_other              ?      ?      ? ?    'X-RAY DIFFRACTION' ? 
r_long_range_B_refined       ?      ?      ? ?    'X-RAY DIFFRACTION' ? 
r_long_range_B_other         ?      ?      ? ?    'X-RAY DIFFRACTION' ? 
r_rigid_bond_restr           ?      ?      ? ?    'X-RAY DIFFRACTION' ? 
r_sphericity_free            ?      ?      ? ?    'X-RAY DIFFRACTION' ? 
r_sphericity_bonded          ?      ?      ? ?    'X-RAY DIFFRACTION' ? 
# 
_refine_ls_shell.pdbx_refine_id                   'X-RAY DIFFRACTION' 
_refine_ls_shell.pdbx_total_number_of_bins_used   20 
_refine_ls_shell.d_res_high                       1.30 
_refine_ls_shell.d_res_low                        1.33 
_refine_ls_shell.number_reflns_R_work             2191 
_refine_ls_shell.R_factor_R_work                  0.1910 
_refine_ls_shell.percent_reflns_obs               ? 
_refine_ls_shell.R_factor_R_free                  0.2270 
_refine_ls_shell.R_factor_R_free_error            ? 
_refine_ls_shell.percent_reflns_R_free            ? 
_refine_ls_shell.number_reflns_R_free             125 
_refine_ls_shell.number_reflns_all                ? 
_refine_ls_shell.R_factor_all                     ? 
# 
_struct.entry_id                  1W8U 
_struct.title                     
;CBM29-2 mutant D83A complexed with mannohexaose: Probing the Mechanism of Ligand Recognition by Family 29 Carbohydrate Binding Modules
;
_struct.pdbx_model_details        ? 
_struct.pdbx_CASP_flag            ? 
_struct.pdbx_model_type_details   ? 
# 
_struct_keywords.entry_id        1W8U 
_struct_keywords.pdbx_keywords   'CARBOHYDRATE-BINDING DOMAIN' 
_struct_keywords.text            
'CARBOHYDRATE-BINDING DOMAIN, CARBOHYDRATE BINDING MODULE, GLUCOMANNAN, CELLOHEXAOSE, MANNOHEXAOSE, CELLULOSOME' 
# 
loop_
_struct_asym.id 
_struct_asym.pdbx_blank_PDB_chainid_flag 
_struct_asym.pdbx_modified 
_struct_asym.entity_id 
_struct_asym.details 
A N N 1 ? 
B N N 2 ? 
C N N 3 ? 
# 
_struct_biol.id   1 
# 
_struct_conf.conf_type_id            HELX_P 
_struct_conf.id                      HELX_P1 
_struct_conf.pdbx_PDB_helix_id       1 
_struct_conf.beg_label_comp_id       SER 
_struct_conf.beg_label_asym_id       A 
_struct_conf.beg_label_seq_id        136 
_struct_conf.pdbx_beg_PDB_ins_code   ? 
_struct_conf.end_label_comp_id       PHE 
_struct_conf.end_label_asym_id       A 
_struct_conf.end_label_seq_id        140 
_struct_conf.pdbx_end_PDB_ins_code   ? 
_struct_conf.beg_auth_comp_id        SER 
_struct_conf.beg_auth_asym_id        A 
_struct_conf.beg_auth_seq_id         136 
_struct_conf.end_auth_comp_id        PHE 
_struct_conf.end_auth_asym_id        A 
_struct_conf.end_auth_seq_id         140 
_struct_conf.pdbx_PDB_helix_class    5 
_struct_conf.details                 ? 
_struct_conf.pdbx_PDB_helix_length   5 
# 
_struct_conf_type.id          HELX_P 
_struct_conf_type.criteria    ? 
_struct_conf_type.reference   ? 
# 
loop_
_struct_conn.id 
_struct_conn.conn_type_id 
_struct_conn.pdbx_leaving_atom_flag 
_struct_conn.pdbx_PDB_id 
_struct_conn.ptnr1_label_asym_id 
_struct_conn.ptnr1_label_comp_id 
_struct_conn.ptnr1_label_seq_id 
_struct_conn.ptnr1_label_atom_id 
_struct_conn.pdbx_ptnr1_label_alt_id 
_struct_conn.pdbx_ptnr1_PDB_ins_code 
_struct_conn.pdbx_ptnr1_standard_comp_id 
_struct_conn.ptnr1_symmetry 
_struct_conn.ptnr2_label_asym_id 
_struct_conn.ptnr2_label_comp_id 
_struct_conn.ptnr2_label_seq_id 
_struct_conn.ptnr2_label_atom_id 
_struct_conn.pdbx_ptnr2_label_alt_id 
_struct_conn.pdbx_ptnr2_PDB_ins_code 
_struct_conn.ptnr1_auth_asym_id 
_struct_conn.ptnr1_auth_comp_id 
_struct_conn.ptnr1_auth_seq_id 
_struct_conn.ptnr2_auth_asym_id 
_struct_conn.ptnr2_auth_comp_id 
_struct_conn.ptnr2_auth_seq_id 
_struct_conn.ptnr2_symmetry 
_struct_conn.pdbx_ptnr3_label_atom_id 
_struct_conn.pdbx_ptnr3_label_seq_id 
_struct_conn.pdbx_ptnr3_label_comp_id 
_struct_conn.pdbx_ptnr3_label_asym_id 
_struct_conn.pdbx_ptnr3_label_alt_id 
_struct_conn.pdbx_ptnr3_PDB_ins_code 
_struct_conn.details 
_struct_conn.pdbx_dist_value 
_struct_conn.pdbx_value_order 
_struct_conn.pdbx_role 
covale1 covale both ? B BMA . O4 ? ? ? 1_555 B BMA . C1 ? ? B BMA 1 B BMA 2 1_555 ? ? ? ? ? ? ? 1.420 ? ? 
covale2 covale both ? B BMA . O4 ? ? ? 1_555 B BMA . C1 ? ? B BMA 2 B BMA 3 1_555 ? ? ? ? ? ? ? 1.418 ? ? 
covale3 covale both ? B BMA . O4 ? ? ? 1_555 B BMA . C1 ? ? B BMA 3 B BMA 4 1_555 ? ? ? ? ? ? ? 1.421 ? ? 
covale4 covale both ? B BMA . O4 ? ? ? 1_555 B BMA . C1 ? ? B BMA 4 B BMA 5 1_555 ? ? ? ? ? ? ? 1.428 ? ? 
# 
_struct_conn_type.id          covale 
_struct_conn_type.criteria    ? 
_struct_conn_type.reference   ? 
# 
loop_
_struct_sheet.id 
_struct_sheet.type 
_struct_sheet.number_strands 
_struct_sheet.details 
AA ? 4 ? 
AB ? 4 ? 
AC ? 5 ? 
# 
loop_
_struct_sheet_order.sheet_id 
_struct_sheet_order.range_id_1 
_struct_sheet_order.range_id_2 
_struct_sheet_order.offset 
_struct_sheet_order.sense 
AA 1 2 ? anti-parallel 
AA 2 3 ? anti-parallel 
AA 3 4 ? anti-parallel 
AB 1 2 ? anti-parallel 
AB 2 3 ? anti-parallel 
AB 3 4 ? anti-parallel 
AC 1 2 ? anti-parallel 
AC 2 3 ? anti-parallel 
AC 3 4 ? anti-parallel 
AC 4 5 ? anti-parallel 
# 
loop_
_struct_sheet_range.sheet_id 
_struct_sheet_range.id 
_struct_sheet_range.beg_label_comp_id 
_struct_sheet_range.beg_label_asym_id 
_struct_sheet_range.beg_label_seq_id 
_struct_sheet_range.pdbx_beg_PDB_ins_code 
_struct_sheet_range.end_label_comp_id 
_struct_sheet_range.end_label_asym_id 
_struct_sheet_range.end_label_seq_id 
_struct_sheet_range.pdbx_end_PDB_ins_code 
_struct_sheet_range.beg_auth_comp_id 
_struct_sheet_range.beg_auth_asym_id 
_struct_sheet_range.beg_auth_seq_id 
_struct_sheet_range.end_auth_comp_id 
_struct_sheet_range.end_auth_asym_id 
_struct_sheet_range.end_auth_seq_id 
AA 1 TYR A 7   ? PHE A 11  ? TYR A 7   PHE A 11  
AA 2 ILE A 125 ? SER A 133 ? ILE A 125 SER A 133 
AA 3 ALA A 36  ? PRO A 41  ? ALA A 36  PRO A 41  
AA 4 CYS A 28  ? TYR A 33  ? CYS A 28  TYR A 33  
AB 1 TYR A 7   ? PHE A 11  ? TYR A 7   PHE A 11  
AB 2 ILE A 125 ? SER A 133 ? ILE A 125 SER A 133 
AB 3 SER A 62  ? ASN A 69  ? SER A 62  ASN A 69  
AB 4 SER A 94  ? ASP A 103 ? SER A 94  ASP A 103 
AC 1 TYR A 21  ? ASN A 23  ? TYR A 21  ASN A 23  
AC 2 ALA A 48  ? ARG A 53  ? ALA A 48  ARG A 53  
AC 3 ARG A 112 ? ASP A 117 ? ARG A 112 ASP A 117 
AC 4 VAL A 73  ? ASN A 79  ? VAL A 73  ASN A 79  
AC 5 GLU A 84  ? ILE A 91  ? GLU A 84  ILE A 91  
# 
loop_
_pdbx_struct_sheet_hbond.sheet_id 
_pdbx_struct_sheet_hbond.range_id_1 
_pdbx_struct_sheet_hbond.range_id_2 
_pdbx_struct_sheet_hbond.range_1_label_atom_id 
_pdbx_struct_sheet_hbond.range_1_label_comp_id 
_pdbx_struct_sheet_hbond.range_1_label_asym_id 
_pdbx_struct_sheet_hbond.range_1_label_seq_id 
_pdbx_struct_sheet_hbond.range_1_PDB_ins_code 
_pdbx_struct_sheet_hbond.range_1_auth_atom_id 
_pdbx_struct_sheet_hbond.range_1_auth_comp_id 
_pdbx_struct_sheet_hbond.range_1_auth_asym_id 
_pdbx_struct_sheet_hbond.range_1_auth_seq_id 
_pdbx_struct_sheet_hbond.range_2_label_atom_id 
_pdbx_struct_sheet_hbond.range_2_label_comp_id 
_pdbx_struct_sheet_hbond.range_2_label_asym_id 
_pdbx_struct_sheet_hbond.range_2_label_seq_id 
_pdbx_struct_sheet_hbond.range_2_PDB_ins_code 
_pdbx_struct_sheet_hbond.range_2_auth_atom_id 
_pdbx_struct_sheet_hbond.range_2_auth_comp_id 
_pdbx_struct_sheet_hbond.range_2_auth_asym_id 
_pdbx_struct_sheet_hbond.range_2_auth_seq_id 
AA 1 2 N ILE A 10  ? N ILE A 10  O LEU A 130 ? O LEU A 130 
AA 2 3 N ILE A 127 ? N ILE A 127 O MET A 37  ? O MET A 37  
AA 3 4 N ASN A 40  ? N ASN A 40  O THR A 29  ? O THR A 29  
AB 1 2 N ILE A 10  ? N ILE A 10  O LEU A 130 ? O LEU A 130 
AB 2 3 N SER A 133 ? N SER A 133 O SER A 62  ? O SER A 62  
AB 3 4 N ASN A 69  ? N ASN A 69  O SER A 94  ? O SER A 94  
AC 1 2 N ASP A 22  ? N ASP A 22  O LYS A 52  ? O LYS A 52  
AC 2 3 N LEU A 51  ? N LEU A 51  O ILE A 113 ? O ILE A 113 
AC 3 4 N GLN A 116 ? N GLN A 116 O LYS A 74  ? O LYS A 74  
AC 4 5 N ASN A 79  ? N ASN A 79  O GLU A 84  ? O GLU A 84  
# 
_atom_sites.entry_id                    1W8U 
_atom_sites.fract_transf_matrix[1][1]   -0.01616854 
_atom_sites.fract_transf_matrix[1][2]   0.01105486 
_atom_sites.fract_transf_matrix[1][3]   -0.00042284 
_atom_sites.fract_transf_matrix[2][1]   -0.01196676 
_atom_sites.fract_transf_matrix[2][2]   -0.01709256 
_atom_sites.fract_transf_matrix[2][3]   0.01071127 
_atom_sites.fract_transf_matrix[3][1]   0.00313122 
_atom_sites.fract_transf_matrix[3][2]   0.00705386 
_atom_sites.fract_transf_matrix[3][3]   0.01475447 
_atom_sites.fract_transf_vector[1]      0.350360 
_atom_sites.fract_transf_vector[2]      -0.024673 
_atom_sites.fract_transf_vector[3]      0.257584 
# 
loop_
_atom_type.symbol 
C 
N 
O 
S 
# 
loop_
_atom_site.group_PDB 
_atom_site.id 
_atom_site.type_symbol 
_atom_site.label_atom_id 
_atom_site.label_alt_id 
_atom_site.label_comp_id 
_atom_site.label_asym_id 
_atom_site.label_entity_id 
_atom_site.label_seq_id 
_atom_site.pdbx_PDB_ins_code 
_atom_site.Cartn_x 
_atom_site.Cartn_y 
_atom_site.Cartn_z 
_atom_site.occupancy 
_atom_site.B_iso_or_equiv 
_atom_site.pdbx_formal_charge 
_atom_site.auth_seq_id 
_atom_site.auth_comp_id 
_atom_site.auth_asym_id 
_atom_site.auth_atom_id 
_atom_site.pdbx_PDB_model_num 
ATOM   1    N N   . VAL A 1 3   ? 10.931  6.468   22.085  1.00 16.96 ? 3    VAL A N   1 
ATOM   2    C CA  . VAL A 1 3   ? 10.654  5.238   21.253  1.00 15.97 ? 3    VAL A CA  1 
ATOM   3    C C   . VAL A 1 3   ? 9.318   5.382   20.453  1.00 13.96 ? 3    VAL A C   1 
ATOM   4    O O   . VAL A 1 3   ? 8.957   4.593   19.507  1.00 15.04 ? 3    VAL A O   1 
ATOM   5    C CB  . VAL A 1 3   ? 10.627  3.969   22.180  1.00 16.09 ? 3    VAL A CB  1 
ATOM   6    C CG1 . VAL A 1 3   ? 10.101  2.688   21.462  1.00 17.77 ? 3    VAL A CG1 1 
ATOM   7    C CG2 . VAL A 1 3   ? 12.000  3.736   22.752  1.00 19.59 ? 3    VAL A CG2 1 
ATOM   8    N N   . ARG A 1 4   ? 8.530   6.291   20.980  1.00 14.01 ? 4    ARG A N   1 
ATOM   9    C CA  . ARG A 1 4   ? 7.198   6.551   20.511  1.00 12.36 ? 4    ARG A CA  1 
ATOM   10   C C   . ARG A 1 4   ? 7.241   7.074   19.077  1.00 11.24 ? 4    ARG A C   1 
ATOM   11   O O   . ARG A 1 4   ? 8.073   7.845   18.700  1.00 13.44 ? 4    ARG A O   1 
ATOM   12   C CB  . ARG A 1 4   ? 6.461   7.576   21.434  1.00 12.36 ? 4    ARG A CB  1 
ATOM   13   C CG  A ARG A 1 4   ? 5.037   7.899   21.038  0.50 12.04 ? 4    ARG A CG  1 
ATOM   14   C CG  B ARG A 1 4   ? 4.952   7.669   21.217  0.50 13.54 ? 4    ARG A CG  1 
ATOM   15   C CD  A ARG A 1 4   ? 4.248   8.573   22.146  0.50 8.39  ? 4    ARG A CD  1 
ATOM   16   C CD  B ARG A 1 4   ? 4.366   8.951   20.611  0.50 14.00 ? 4    ARG A CD  1 
ATOM   17   N NE  A ARG A 1 4   ? 4.070   7.597   23.222  0.50 7.24  ? 4    ARG A NE  1 
ATOM   18   N NE  B ARG A 1 4   ? 3.412   8.425   19.700  0.50 19.65 ? 4    ARG A NE  1 
ATOM   19   C CZ  A ARG A 1 4   ? 4.702   7.598   24.396  0.50 5.75  ? 4    ARG A CZ  1 
ATOM   20   C CZ  B ARG A 1 4   ? 2.194   8.820   19.404  0.50 18.22 ? 4    ARG A CZ  1 
ATOM   21   N NH1 A ARG A 1 4   ? 5.544   8.577   24.764  0.50 3.88  ? 4    ARG A NH1 1 
ATOM   22   N NH1 B ARG A 1 4   ? 1.523   7.970   18.648  0.50 13.39 ? 4    ARG A NH1 1 
ATOM   23   N NH2 A ARG A 1 4   ? 4.475   6.596   25.223  0.50 5.13  ? 4    ARG A NH2 1 
ATOM   24   N NH2 B ARG A 1 4   ? 1.741   10.051  19.600  0.50 15.47 ? 4    ARG A NH2 1 
ATOM   25   N N   . ALA A 1 5   ? 6.352   6.543   18.326  1.00 10.00 ? 5    ALA A N   1 
ATOM   26   C CA  . ALA A 1 5   ? 6.204   6.874   16.918  1.00 8.54  ? 5    ALA A CA  1 
ATOM   27   C C   . ALA A 1 5   ? 4.956   7.692   16.759  1.00 8.49  ? 5    ALA A C   1 
ATOM   28   O O   . ALA A 1 5   ? 4.101   7.770   17.625  1.00 8.67  ? 5    ALA A O   1 
ATOM   29   C CB  . ALA A 1 5   ? 6.128   5.575   16.100  1.00 9.77  ? 5    ALA A CB  1 
ATOM   30   N N   . THR A 1 6   ? 4.848   8.238   15.560  1.00 9.15  ? 6    THR A N   1 
ATOM   31   C CA  . THR A 1 6   ? 3.604   8.856   15.091  1.00 9.60  ? 6    THR A CA  1 
ATOM   32   C C   . THR A 1 6   ? 2.938   7.874   14.117  1.00 8.93  ? 6    THR A C   1 
ATOM   33   O O   . THR A 1 6   ? 3.605   7.433   13.121  1.00 10.05 ? 6    THR A O   1 
ATOM   34   C CB  . THR A 1 6   ? 3.917   10.174  14.392  1.00 10.14 ? 6    THR A CB  1 
ATOM   35   O OG1 . THR A 1 6   ? 4.465   11.089  15.342  1.00 10.15 ? 6    THR A OG1 1 
ATOM   36   C CG2 . THR A 1 6   ? 2.610   10.840  13.817  1.00 10.96 ? 6    THR A CG2 1 
ATOM   37   N N   . TYR A 1 7   ? 1.705   7.484   14.395  1.00 10.51 ? 7    TYR A N   1 
ATOM   38   C CA  . TYR A 1 7   ? 0.904   6.505   13.566  1.00 10.89 ? 7    TYR A CA  1 
ATOM   39   C C   . TYR A 1 7   ? -0.153  7.221   12.722  1.00 11.68 ? 7    TYR A C   1 
ATOM   40   O O   . TYR A 1 7   ? -1.154  7.742   13.321  1.00 15.36 ? 7    TYR A O   1 
ATOM   41   C CB  . TYR A 1 7   ? 0.209   5.490   14.420  1.00 12.65 ? 7    TYR A CB  1 
ATOM   42   C CG  . TYR A 1 7   ? 1.159   4.629   15.146  1.00 10.19 ? 7    TYR A CG  1 
ATOM   43   C CD1 . TYR A 1 7   ? 1.641   5.003   16.401  1.00 12.28 ? 7    TYR A CD1 1 
ATOM   44   C CD2 . TYR A 1 7   ? 1.607   3.434   14.599  1.00 10.60 ? 7    TYR A CD2 1 
ATOM   45   C CE1 . TYR A 1 7   ? 2.538   4.212   17.095  1.00 10.99 ? 7    TYR A CE1 1 
ATOM   46   C CE2 . TYR A 1 7   ? 2.467   2.626   15.288  1.00 10.46 ? 7    TYR A CE2 1 
ATOM   47   C CZ  . TYR A 1 7   ? 2.947   3.011   16.538  1.00 10.24 ? 7    TYR A CZ  1 
ATOM   48   O OH  . TYR A 1 7   ? 3.800   2.182   17.188  1.00 10.76 ? 7    TYR A OH  1 
ATOM   49   N N   . THR A 1 8   ? 0.040   7.253   11.388  1.00 9.32  ? 8    THR A N   1 
ATOM   50   C CA  . THR A 1 8   ? -0.880  7.900   10.422  1.00 8.76  ? 8    THR A CA  1 
ATOM   51   C C   . THR A 1 8   ? -1.810  6.849   9.890   1.00 8.13  ? 8    THR A C   1 
ATOM   52   O O   . THR A 1 8   ? -1.375  5.924   9.163   1.00 7.00  ? 8    THR A O   1 
ATOM   53   C CB  . THR A 1 8   ? -0.108  8.549   9.320   1.00 8.48  ? 8    THR A CB  1 
ATOM   54   O OG1 . THR A 1 8   ? 0.821   9.500   9.880   1.00 9.61  ? 8    THR A OG1 1 
ATOM   55   C CG2 . THR A 1 8   ? -1.009  9.338   8.337   1.00 8.74  ? 8    THR A CG2 1 
ATOM   56   N N   . VAL A 1 9   ? -3.102  6.930   10.219  1.00 8.16  ? 9    VAL A N   1 
ATOM   57   C CA  . VAL A 1 9   ? -4.076  6.012   9.711   1.00 8.38  ? 9    VAL A CA  1 
ATOM   58   C C   . VAL A 1 9   ? -4.491  6.520   8.347   1.00 7.36  ? 9    VAL A C   1 
ATOM   59   O O   . VAL A 1 9   ? -5.023  7.630   8.202   1.00 8.29  ? 9    VAL A O   1 
ATOM   60   C CB  . VAL A 1 9   ? -5.292  5.924   10.651  1.00 10.21 ? 9    VAL A CB  1 
ATOM   61   C CG1 . VAL A 1 9   ? -6.287  4.986   10.087  1.00 12.01 ? 9    VAL A CG1 1 
ATOM   62   C CG2 . VAL A 1 9   ? -4.813  5.480   12.014  1.00 13.20 ? 9    VAL A CG2 1 
ATOM   63   N N   . ILE A 1 10  ? -4.186  5.748   7.321   1.00 6.26  ? 10   ILE A N   1 
ATOM   64   C CA  . ILE A 1 10  ? -4.510  6.115   5.951   1.00 7.15  ? 10   ILE A CA  1 
ATOM   65   C C   . ILE A 1 10  ? -5.873  5.582   5.581   1.00 8.06  ? 10   ILE A C   1 
ATOM   66   O O   . ILE A 1 10  ? -6.694  6.394   5.120   1.00 9.23  ? 10   ILE A O   1 
ATOM   67   C CB  . ILE A 1 10  ? -3.396  5.644   4.985   1.00 5.59  ? 10   ILE A CB  1 
ATOM   68   C CG1 . ILE A 1 10  ? -2.056  6.323   5.380   1.00 7.28  ? 10   ILE A CG1 1 
ATOM   69   C CG2 . ILE A 1 10  ? -3.742  5.990   3.545   1.00 6.77  ? 10   ILE A CG2 1 
ATOM   70   C CD1 . ILE A 1 10  ? -0.818  5.740   4.648   1.00 9.35  ? 10   ILE A CD1 1 
ATOM   71   N N   . PHE A 1 11  ? -6.152  4.291   5.794   1.00 8.68  ? 11   PHE A N   1 
ATOM   72   C CA  . PHE A 1 11  ? -7.380  3.596   5.238   1.00 13.40 ? 11   PHE A CA  1 
ATOM   73   C C   . PHE A 1 11  ? -7.810  2.610   6.341   1.00 14.23 ? 11   PHE A C   1 
ATOM   74   O O   . PHE A 1 11  ? -7.025  1.738   6.757   1.00 13.99 ? 11   PHE A O   1 
ATOM   75   C CB  . PHE A 1 11  ? -7.128  2.868   3.859   1.00 12.37 ? 11   PHE A CB  1 
ATOM   76   C CG  . PHE A 1 11  ? -8.333  2.252   3.271   1.00 13.57 ? 11   PHE A CG  1 
ATOM   77   C CD1 . PHE A 1 11  ? -9.160  2.987   2.444   1.00 13.47 ? 11   PHE A CD1 1 
ATOM   78   C CD2 . PHE A 1 11  ? -8.695  0.962   3.590   1.00 15.19 ? 11   PHE A CD2 1 
ATOM   79   C CE1 . PHE A 1 11  ? -10.333 2.442   1.894   1.00 15.16 ? 11   PHE A CE1 1 
ATOM   80   C CE2 . PHE A 1 11  ? -9.870  0.396   3.054   1.00 16.08 ? 11   PHE A CE2 1 
ATOM   81   C CZ  . PHE A 1 11  ? -10.721 1.199   2.217   1.00 13.24 ? 11   PHE A CZ  1 
ATOM   82   N N   . LYS A 1 12  ? -9.031  2.770   6.847   1.00 14.86 ? 12   LYS A N   1 
ATOM   83   C CA  . LYS A 1 12  ? -9.667  1.764   7.717   1.00 15.16 ? 12   LYS A CA  1 
ATOM   84   C C   . LYS A 1 12  ? -11.184 1.909   7.626   1.00 13.48 ? 12   LYS A C   1 
ATOM   85   O O   . LYS A 1 12  ? -11.743 3.011   7.851   1.00 14.65 ? 12   LYS A O   1 
ATOM   86   C CB  . LYS A 1 12  ? -9.242  1.990   9.139   1.00 15.41 ? 12   LYS A CB  1 
ATOM   87   C CG  . LYS A 1 12  ? -9.956  1.169   10.153  1.00 16.59 ? 12   LYS A CG  1 
ATOM   88   C CD  . LYS A 1 12  ? -9.320  1.227   11.554  1.00 21.04 ? 12   LYS A CD  1 
ATOM   89   C CE  . LYS A 1 12  ? -10.425 1.359   12.613  1.00 24.51 ? 12   LYS A CE  1 
ATOM   90   N NZ  . LYS A 1 12  ? -11.282 0.130   12.712  1.00 28.36 ? 12   LYS A NZ  1 
ATOM   91   N N   . ASN A 1 13  ? -11.840 0.828   7.294   1.00 11.61 ? 13   ASN A N   1 
ATOM   92   C CA  . ASN A 1 13  ? -13.344 0.731   7.237   1.00 13.23 ? 13   ASN A CA  1 
ATOM   93   C C   . ASN A 1 13  ? -13.979 1.790   6.361   1.00 13.31 ? 13   ASN A C   1 
ATOM   94   O O   . ASN A 1 13  ? -15.038 2.315   6.671   1.00 14.57 ? 13   ASN A O   1 
ATOM   95   C CB  . ASN A 1 13  ? -13.899 0.791   8.632   1.00 15.42 ? 13   ASN A CB  1 
ATOM   96   C CG  . ASN A 1 13  ? -13.712 -0.492  9.338   1.00 17.85 ? 13   ASN A CG  1 
ATOM   97   O OD1 . ASN A 1 13  ? -13.619 -1.556  8.678   1.00 24.77 ? 13   ASN A OD1 1 
ATOM   98   N ND2 . ASN A 1 13  ? -13.528 -0.425  10.642  1.00 23.96 ? 13   ASN A ND2 1 
ATOM   99   N N   . ALA A 1 14  ? -13.268 2.134   5.302   1.00 13.01 ? 14   ALA A N   1 
ATOM   100  C CA  . ALA A 1 14  ? -13.715 3.027   4.250   1.00 12.96 ? 14   ALA A CA  1 
ATOM   101  C C   . ALA A 1 14  ? -14.225 2.374   2.926   1.00 12.37 ? 14   ALA A C   1 
ATOM   102  O O   . ALA A 1 14  ? -14.061 1.182   2.593   1.00 12.78 ? 14   ALA A O   1 
ATOM   103  C CB  . ALA A 1 14  ? -12.560 3.993   3.958   1.00 13.31 ? 14   ALA A CB  1 
ATOM   104  N N   . SER A 1 15  ? -14.821 3.260   2.181   1.00 10.50 ? 15   SER A N   1 
ATOM   105  C CA  . SER A 1 15  ? -15.539 2.906   0.993   1.00 7.60  ? 15   SER A CA  1 
ATOM   106  C C   . SER A 1 15  ? -15.287 3.885   -0.072  1.00 7.81  ? 15   SER A C   1 
ATOM   107  O O   . SER A 1 15  ? -16.139 4.118   -0.937  1.00 8.02  ? 15   SER A O   1 
ATOM   108  C CB  . SER A 1 15  ? -17.010 2.921   1.342   1.00 9.65  ? 15   SER A CB  1 
ATOM   109  O OG  A SER A 1 15  ? -17.300 1.968   2.377   0.50 4.85  ? 15   SER A OG  1 
ATOM   110  O OG  B SER A 1 15  ? -17.145 3.331   2.682   0.50 17.19 ? 15   SER A OG  1 
ATOM   111  N N   . GLY A 1 16  ? -14.092 4.456   -0.040  1.00 7.16  ? 16   GLY A N   1 
ATOM   112  C CA  . GLY A 1 16  ? -13.687 5.481   -0.987  1.00 7.30  ? 16   GLY A CA  1 
ATOM   113  C C   . GLY A 1 16  ? -12.249 5.786   -0.671  1.00 7.05  ? 16   GLY A C   1 
ATOM   114  O O   . GLY A 1 16  ? -11.651 5.210   0.225   1.00 7.87  ? 16   GLY A O   1 
ATOM   115  N N   . LEU A 1 17  ? -11.703 6.752   -1.380  1.00 7.34  ? 17   LEU A N   1 
ATOM   116  C CA  . LEU A 1 17  ? -10.281 7.076   -1.160  1.00 7.78  ? 17   LEU A CA  1 
ATOM   117  C C   . LEU A 1 17  ? -10.097 7.784   0.182   1.00 7.93  ? 17   LEU A C   1 
ATOM   118  O O   . LEU A 1 17  ? -10.966 8.520   0.612   1.00 8.99  ? 17   LEU A O   1 
ATOM   119  C CB  . LEU A 1 17  ? -9.736  7.953   -2.273  1.00 9.53  ? 17   LEU A CB  1 
ATOM   120  C CG  . LEU A 1 17  ? -9.528  7.223   -3.612  1.00 10.72 ? 17   LEU A CG  1 
ATOM   121  C CD1 . LEU A 1 17  ? -9.230  8.244   -4.715  1.00 14.69 ? 17   LEU A CD1 1 
ATOM   122  C CD2 . LEU A 1 17  ? -8.512  6.128   -3.572  1.00 13.82 ? 17   LEU A CD2 1 
ATOM   123  N N   . PRO A 1 18  ? -8.950  7.644   0.819   1.00 8.20  ? 18   PRO A N   1 
ATOM   124  C CA  . PRO A 1 18  ? -8.629  8.429   2.006   1.00 8.86  ? 18   PRO A CA  1 
ATOM   125  C C   . PRO A 1 18  ? -8.671  9.926   1.766   1.00 7.94  ? 18   PRO A C   1 
ATOM   126  O O   . PRO A 1 18  ? -8.318  10.365  0.685   1.00 7.89  ? 18   PRO A O   1 
ATOM   127  C CB  . PRO A 1 18  ? -7.180  8.011   2.293   1.00 11.08 ? 18   PRO A CB  1 
ATOM   128  C CG  . PRO A 1 18  ? -6.955  6.820   1.605   1.00 11.07 ? 18   PRO A CG  1 
ATOM   129  C CD  . PRO A 1 18  ? -7.832  6.783   0.428   1.00 9.10  ? 18   PRO A CD  1 
ATOM   130  N N   . ASN A 1 19  ? -9.096  10.735  2.729   1.00 8.27  ? 19   ASN A N   1 
ATOM   131  C CA  . ASN A 1 19  ? -9.039  12.168  2.596   1.00 7.87  ? 19   ASN A CA  1 
ATOM   132  C C   . ASN A 1 19  ? -7.580  12.543  2.320   1.00 7.11  ? 19   ASN A C   1 
ATOM   133  O O   . ASN A 1 19  ? -6.636  12.054  2.986   1.00 7.46  ? 19   ASN A O   1 
ATOM   134  C CB  . ASN A 1 19  ? -9.478  12.836  3.897   1.00 7.91  ? 19   ASN A CB  1 
ATOM   135  C CG  . ASN A 1 19  ? -9.526  14.291  3.827   1.00 9.22  ? 19   ASN A CG  1 
ATOM   136  O OD1 . ASN A 1 19  ? -10.081 14.869  2.894   1.00 11.43 ? 19   ASN A OD1 1 
ATOM   137  N ND2 . ASN A 1 19  ? -8.901  14.943  4.821   1.00 10.71 ? 19   ASN A ND2 1 
ATOM   138  N N   . GLY A 1 20  ? -7.393  13.423  1.365   1.00 7.46  ? 20   GLY A N   1 
ATOM   139  C CA  . GLY A 1 20  ? -6.051  13.961  1.042   1.00 7.80  ? 20   GLY A CA  1 
ATOM   140  C C   . GLY A 1 20  ? -5.215  13.037  0.163   1.00 7.52  ? 20   GLY A C   1 
ATOM   141  O O   . GLY A 1 20  ? -4.029  13.318  -0.015  1.00 8.00  ? 20   GLY A O   1 
ATOM   142  N N   . TYR A 1 21  ? -5.816  11.982  -0.406  1.00 7.38  ? 21   TYR A N   1 
ATOM   143  C CA  . TYR A 1 21  ? -5.122  11.051  -1.298  1.00 6.97  ? 21   TYR A CA  1 
ATOM   144  C C   . TYR A 1 21  ? -5.846  10.951  -2.608  1.00 8.56  ? 21   TYR A C   1 
ATOM   145  O O   . TYR A 1 21  ? -7.090  10.917  -2.657  1.00 10.40 ? 21   TYR A O   1 
ATOM   146  C CB  . TYR A 1 21  ? -4.979  9.652   -0.681  1.00 7.46  ? 21   TYR A CB  1 
ATOM   147  C CG  . TYR A 1 21  ? -4.000  9.589   0.450   1.00 6.52  ? 21   TYR A CG  1 
ATOM   148  C CD1 . TYR A 1 21  ? -4.269  10.188  1.655   1.00 7.29  ? 21   TYR A CD1 1 
ATOM   149  C CD2 . TYR A 1 21  ? -2.750  9.011   0.296   1.00 6.72  ? 21   TYR A CD2 1 
ATOM   150  C CE1 . TYR A 1 21  ? -3.370  10.190  2.681   1.00 7.90  ? 21   TYR A CE1 1 
ATOM   151  C CE2 . TYR A 1 21  ? -1.851  8.976   1.331   1.00 7.48  ? 21   TYR A CE2 1 
ATOM   152  C CZ  . TYR A 1 21  ? -2.127  9.597   2.480   1.00 7.48  ? 21   TYR A CZ  1 
ATOM   153  O OH  . TYR A 1 21  ? -1.185  9.581   3.523   1.00 10.24 ? 21   TYR A OH  1 
ATOM   154  N N   . ASP A 1 22  ? -5.079  10.893  -3.677  1.00 7.43  ? 22   ASP A N   1 
ATOM   155  C CA  . ASP A 1 22  ? -5.573  10.541  -5.010  1.00 8.15  ? 22   ASP A CA  1 
ATOM   156  C C   . ASP A 1 22  ? -5.113  9.123   -5.373  1.00 7.95  ? 22   ASP A C   1 
ATOM   157  O O   . ASP A 1 22  ? -4.219  8.565   -4.753  1.00 8.40  ? 22   ASP A O   1 
ATOM   158  C CB  . ASP A 1 22  ? -5.011  11.537  -6.026  1.00 8.97  ? 22   ASP A CB  1 
ATOM   159  C CG  . ASP A 1 22  ? -5.674  12.903  -5.989  1.00 14.73 ? 22   ASP A CG  1 
ATOM   160  O OD1 . ASP A 1 22  ? -6.471  13.182  -5.078  1.00 17.15 ? 22   ASP A OD1 1 
ATOM   161  O OD2 . ASP A 1 22  ? -5.389  13.771  -6.873  1.00 21.61 ? 22   ASP A OD2 1 
ATOM   162  N N   . ASN A 1 23  ? -5.731  8.543   -6.381  1.00 8.20  ? 23   ASN A N   1 
ATOM   163  C CA  . ASN A 1 23  ? -5.255  7.287   -6.944  1.00 8.34  ? 23   ASN A CA  1 
ATOM   164  C C   . ASN A 1 23  ? -4.542  7.526   -8.254  1.00 7.84  ? 23   ASN A C   1 
ATOM   165  O O   . ASN A 1 23  ? -5.170  7.902   -9.238  1.00 8.75  ? 23   ASN A O   1 
ATOM   166  C CB  . ASN A 1 23  ? -6.409  6.312   -7.150  1.00 9.95  ? 23   ASN A CB  1 
ATOM   167  C CG  . ASN A 1 23  ? -5.948  5.012   -7.780  1.00 10.12 ? 23   ASN A CG  1 
ATOM   168  O OD1 . ASN A 1 23  ? -4.785  4.587   -7.672  1.00 11.09 ? 23   ASN A OD1 1 
ATOM   169  N ND2 . ASN A 1 23  ? -6.908  4.311   -8.390  1.00 18.21 ? 23   ASN A ND2 1 
ATOM   170  N N   . TRP A 1 24  ? -3.236  7.336   -8.240  1.00 6.99  ? 24   TRP A N   1 
ATOM   171  C CA  . TRP A 1 24  ? -2.384  7.439   -9.423  1.00 6.71  ? 24   TRP A CA  1 
ATOM   172  C C   . TRP A 1 24  ? -2.106  6.036   -9.979  1.00 7.21  ? 24   TRP A C   1 
ATOM   173  O O   . TRP A 1 24  ? -1.137  5.823   -10.717 1.00 9.03  ? 24   TRP A O   1 
ATOM   174  C CB  . TRP A 1 24  ? -1.104  8.176   -9.073  1.00 8.21  ? 24   TRP A CB  1 
ATOM   175  C CG  . TRP A 1 24  ? -1.199  9.658   -8.948  1.00 7.32  ? 24   TRP A CG  1 
ATOM   176  C CD1 . TRP A 1 24  ? -2.301  10.397  -8.705  1.00 9.40  ? 24   TRP A CD1 1 
ATOM   177  C CD2 . TRP A 1 24  ? -0.109  10.574  -9.064  1.00 8.68  ? 24   TRP A CD2 1 
ATOM   178  N NE1 . TRP A 1 24  ? -1.965  11.742  -8.673  1.00 10.36 ? 24   TRP A NE1 1 
ATOM   179  C CE2 . TRP A 1 24  ? -0.622  11.871  -8.878  1.00 9.87  ? 24   TRP A CE2 1 
ATOM   180  C CE3 . TRP A 1 24  ? 1.254   10.429  -9.318  1.00 9.68  ? 24   TRP A CE3 1 
ATOM   181  C CZ2 . TRP A 1 24  ? 0.190   13.014  -8.958  1.00 10.80 ? 24   TRP A CZ2 1 
ATOM   182  C CZ3 . TRP A 1 24  ? 2.062   11.564  -9.368  1.00 10.56 ? 24   TRP A CZ3 1 
ATOM   183  C CH2 . TRP A 1 24  ? 1.517   12.831  -9.196  1.00 10.32 ? 24   TRP A CH2 1 
ATOM   184  N N   . GLY A 1 25  ? -2.956  5.079   -9.672  1.00 7.23  ? 25   GLY A N   1 
ATOM   185  C CA  . GLY A 1 25  ? -2.844  3.722   -10.162 1.00 7.60  ? 25   GLY A CA  1 
ATOM   186  C C   . GLY A 1 25  ? -3.027  3.576   -11.660 1.00 8.19  ? 25   GLY A C   1 
ATOM   187  O O   . GLY A 1 25  ? -3.324  4.516   -12.410 1.00 10.36 ? 25   GLY A O   1 
ATOM   188  N N   . TRP A 1 26  ? -2.829  2.366   -12.113 1.00 6.60  ? 26   TRP A N   1 
ATOM   189  C CA  . TRP A 1 26  ? -2.853  2.047   -13.537 1.00 7.36  ? 26   TRP A CA  1 
ATOM   190  C C   . TRP A 1 26  ? -3.291  0.618   -13.700 1.00 7.23  ? 26   TRP A C   1 
ATOM   191  O O   . TRP A 1 26  ? -3.070  -0.209  -12.850 1.00 6.28  ? 26   TRP A O   1 
ATOM   192  C CB  . TRP A 1 26  ? -1.453  2.250   -14.149 1.00 8.35  ? 26   TRP A CB  1 
ATOM   193  C CG  . TRP A 1 26  ? -0.364  1.396   -13.579 1.00 8.34  ? 26   TRP A CG  1 
ATOM   194  C CD1 . TRP A 1 26  ? 0.038   0.188   -14.065 1.00 8.81  ? 26   TRP A CD1 1 
ATOM   195  C CD2 . TRP A 1 26  ? 0.438   1.654   -12.428 1.00 7.67  ? 26   TRP A CD2 1 
ATOM   196  N NE1 . TRP A 1 26  ? 1.046   -0.302  -13.286 1.00 7.24  ? 26   TRP A NE1 1 
ATOM   197  C CE2 . TRP A 1 26  ? 1.308   0.568   -12.271 1.00 7.69  ? 26   TRP A CE2 1 
ATOM   198  C CE3 . TRP A 1 26  ? 0.523   2.707   -11.507 1.00 8.27  ? 26   TRP A CE3 1 
ATOM   199  C CZ2 . TRP A 1 26  ? 2.239   0.504   -11.238 1.00 7.41  ? 26   TRP A CZ2 1 
ATOM   200  C CZ3 . TRP A 1 26  ? 1.453   2.635   -10.455 1.00 8.39  ? 26   TRP A CZ3 1 
ATOM   201  C CH2 . TRP A 1 26  ? 2.285   1.538   -10.338 1.00 8.25  ? 26   TRP A CH2 1 
ATOM   202  N N   . GLY A 1 27  ? -3.911  0.307   -14.843 1.00 7.59  ? 27   GLY A N   1 
ATOM   203  C CA  . GLY A 1 27  ? -4.154  -1.050  -15.229 1.00 8.11  ? 27   GLY A CA  1 
ATOM   204  C C   . GLY A 1 27  ? -5.095  -1.818  -14.353 1.00 7.93  ? 27   GLY A C   1 
ATOM   205  O O   . GLY A 1 27  ? -5.000  -3.030  -14.311 1.00 8.42  ? 27   GLY A O   1 
ATOM   206  N N   . CYS A 1 28  ? -5.962  -1.122  -13.607 1.00 7.30  ? 28   CYS A N   1 
ATOM   207  C CA  . CYS A 1 28  ? -6.900  -1.789  -12.718 1.00 8.32  ? 28   CYS A CA  1 
ATOM   208  C C   . CYS A 1 28  ? -8.160  -0.990  -12.453 1.00 8.44  ? 28   CYS A C   1 
ATOM   209  O O   . CYS A 1 28  ? -8.183  0.209   -12.704 1.00 10.03 ? 28   CYS A O   1 
ATOM   210  C CB  . CYS A 1 28  ? -6.337  -2.086  -11.335 1.00 8.03  ? 28   CYS A CB  1 
ATOM   211  S SG  A CYS A 1 28  ? -5.701  -0.660  -10.407 0.70 8.05  ? 28   CYS A SG  1 
ATOM   212  S SG  B CYS A 1 28  ? -4.707  -2.288  -10.714 0.30 8.92  ? 28   CYS A SG  1 
ATOM   213  N N   . THR A 1 29  ? -9.168  -1.681  -11.929 1.00 8.57  ? 29   THR A N   1 
ATOM   214  C CA  . THR A 1 29  ? -10.412 -1.083  -11.396 1.00 10.53 ? 29   THR A CA  1 
ATOM   215  C C   . THR A 1 29  ? -10.350 -1.172  -9.881  1.00 10.54 ? 29   THR A C   1 
ATOM   216  O O   . THR A 1 29  ? -10.135 -2.293  -9.370  1.00 11.92 ? 29   THR A O   1 
ATOM   217  C CB  . THR A 1 29  ? -11.647 -1.945  -11.911 1.00 11.23 ? 29   THR A CB  1 
ATOM   218  O OG1 . THR A 1 29  ? -11.807 -1.697  -13.316 1.00 16.38 ? 29   THR A OG1 1 
ATOM   219  C CG2 . THR A 1 29  ? -13.004 -1.538  -11.271 1.00 12.35 ? 29   THR A CG2 1 
ATOM   220  N N   . LEU A 1 30  ? -10.584 -0.052  -9.198  1.00 9.03  ? 30   LEU A N   1 
ATOM   221  C CA  . LEU A 1 30  ? -10.648 0.004   -7.729  1.00 9.50  ? 30   LEU A CA  1 
ATOM   222  C C   . LEU A 1 30  ? -12.098 0.032   -7.307  1.00 8.30  ? 30   LEU A C   1 
ATOM   223  O O   . LEU A 1 30  ? -12.891 0.821   -7.849  1.00 9.53  ? 30   LEU A O   1 
ATOM   224  C CB  . LEU A 1 30  ? -9.935  1.266   -7.255  1.00 11.68 ? 30   LEU A CB  1 
ATOM   225  C CG  . LEU A 1 30  ? -9.627  1.393   -5.749  1.00 13.83 ? 30   LEU A CG  1 
ATOM   226  C CD1 . LEU A 1 30  ? -8.831  0.190   -5.303  1.00 20.87 ? 30   LEU A CD1 1 
ATOM   227  C CD2 . LEU A 1 30  ? -8.861  2.671   -5.442  1.00 12.10 ? 30   LEU A CD2 1 
ATOM   228  N N   . SER A 1 31  ? -12.461 -0.837  -6.389  1.00 7.69  ? 31   SER A N   1 
ATOM   229  C CA  . SER A 1 31  ? -13.790 -0.858  -5.771  1.00 7.12  ? 31   SER A CA  1 
ATOM   230  C C   . SER A 1 31  ? -13.616 -1.184  -4.281  1.00 7.38  ? 31   SER A C   1 
ATOM   231  O O   . SER A 1 31  ? -12.502 -1.295  -3.778  1.00 6.39  ? 31   SER A O   1 
ATOM   232  C CB  . SER A 1 31  ? -14.711 -1.867  -6.440  1.00 8.01  ? 31   SER A CB  1 
ATOM   233  O OG  . SER A 1 31  ? -14.275 -3.175  -6.232  1.00 9.91  ? 31   SER A OG  1 
ATOM   234  N N   . TYR A 1 32  ? -14.738 -1.253  -3.555  1.00 6.59  ? 32   TYR A N   1 
ATOM   235  C CA  . TYR A 1 32  ? -14.724 -1.420  -2.097  1.00 6.65  ? 32   TYR A CA  1 
ATOM   236  C C   . TYR A 1 32  ? -15.765 -2.455  -1.719  1.00 6.19  ? 32   TYR A C   1 
ATOM   237  O O   . TYR A 1 32  ? -16.777 -2.604  -2.399  1.00 7.63  ? 32   TYR A O   1 
ATOM   238  C CB  . TYR A 1 32  ? -14.968 -0.091  -1.352  1.00 6.65  ? 32   TYR A CB  1 
ATOM   239  C CG  . TYR A 1 32  ? -14.004 0.973   -1.789  1.00 6.88  ? 32   TYR A CG  1 
ATOM   240  C CD1 . TYR A 1 32  ? -14.241 1.724   -2.903  1.00 6.50  ? 32   TYR A CD1 1 
ATOM   241  C CD2 . TYR A 1 32  ? -12.796 1.155   -1.124  1.00 7.46  ? 32   TYR A CD2 1 
ATOM   242  C CE1 . TYR A 1 32  ? -13.300 2.655   -3.362  1.00 7.78  ? 32   TYR A CE1 1 
ATOM   243  C CE2 . TYR A 1 32  ? -11.856 2.052   -1.583  1.00 7.06  ? 32   TYR A CE2 1 
ATOM   244  C CZ  . TYR A 1 32  ? -12.119 2.782   -2.671  1.00 6.59  ? 32   TYR A CZ  1 
ATOM   245  O OH  . TYR A 1 32  ? -11.190 3.712   -3.126  1.00 9.70  ? 32   TYR A OH  1 
ATOM   246  N N   . TYR A 1 33  ? -15.571 -3.140  -0.609  1.00 5.91  ? 33   TYR A N   1 
ATOM   247  C CA  . TYR A 1 33  ? -16.604 -4.011  -0.045  1.00 6.12  ? 33   TYR A CA  1 
ATOM   248  C C   . TYR A 1 33  ? -16.344 -4.207  1.432   1.00 6.11  ? 33   TYR A C   1 
ATOM   249  O O   . TYR A 1 33  ? -15.254 -4.635  1.803   1.00 7.21  ? 33   TYR A O   1 
ATOM   250  C CB  . TYR A 1 33  ? -16.658 -5.365  -0.740  1.00 8.03  ? 33   TYR A CB  1 
ATOM   251  C CG  . TYR A 1 33  ? -17.872 -6.217  -0.362  1.00 7.03  ? 33   TYR A CG  1 
ATOM   252  C CD1 . TYR A 1 33  ? -17.938 -6.852  0.846   1.00 9.34  ? 33   TYR A CD1 1 
ATOM   253  C CD2 . TYR A 1 33  ? -18.966 -6.316  -1.191  1.00 8.09  ? 33   TYR A CD2 1 
ATOM   254  C CE1 . TYR A 1 33  ? -19.060 -7.594  1.231   1.00 10.16 ? 33   TYR A CE1 1 
ATOM   255  C CE2 . TYR A 1 33  ? -20.061 -7.077  -0.859  1.00 8.30  ? 33   TYR A CE2 1 
ATOM   256  C CZ  . TYR A 1 33  ? -20.086 -7.696  0.363   1.00 9.20  ? 33   TYR A CZ  1 
ATOM   257  O OH  . TYR A 1 33  ? -21.202 -8.457  0.754   1.00 10.78 ? 33   TYR A OH  1 
ATOM   258  N N   . GLY A 1 34  ? -17.296 -3.864  2.294   1.00 6.06  ? 34   GLY A N   1 
ATOM   259  C CA  . GLY A 1 34  ? -17.168 -4.214  3.708   1.00 6.17  ? 34   GLY A CA  1 
ATOM   260  C C   . GLY A 1 34  ? -15.982 -3.565  4.400   1.00 7.16  ? 34   GLY A C   1 
ATOM   261  O O   . GLY A 1 34  ? -15.535 -4.102  5.441   1.00 10.08 ? 34   GLY A O   1 
ATOM   262  N N   . GLY A 1 35  ? -15.487 -2.446  3.900   1.00 7.04  ? 35   GLY A N   1 
ATOM   263  C CA  . GLY A 1 35  ? -14.346 -1.808  4.530   1.00 6.80  ? 35   GLY A CA  1 
ATOM   264  C C   . GLY A 1 35  ? -13.032 -2.132  3.852   1.00 7.38  ? 35   GLY A C   1 
ATOM   265  O O   . GLY A 1 35  ? -12.009 -1.599  4.280   1.00 10.57 ? 35   GLY A O   1 
ATOM   266  N N   . ALA A 1 36  ? -13.000 -2.985  2.856   1.00 6.96  ? 36   ALA A N   1 
ATOM   267  C CA  . ALA A 1 36  ? -11.775 -3.320  2.101   1.00 7.05  ? 36   ALA A CA  1 
ATOM   268  C C   . ALA A 1 36  ? -11.731 -2.612  0.786   1.00 6.66  ? 36   ALA A C   1 
ATOM   269  O O   . ALA A 1 36  ? -12.748 -2.428  0.110   1.00 6.81  ? 36   ALA A O   1 
ATOM   270  C CB  . ALA A 1 36  ? -11.720 -4.792  1.845   1.00 9.06  ? 36   ALA A CB  1 
ATOM   271  N N   . MET A 1 37  ? -10.534 -2.147  0.446   1.00 6.60  ? 37   MET A N   1 
ATOM   272  C CA  . MET A 1 37  ? -10.199 -1.682  -0.871  1.00 8.18  ? 37   MET A CA  1 
ATOM   273  C C   . MET A 1 37  ? -9.869  -2.867  -1.740  1.00 8.69  ? 37   MET A C   1 
ATOM   274  O O   . MET A 1 37  ? -9.059  -3.705  -1.336  1.00 10.66 ? 37   MET A O   1 
ATOM   275  C CB  . MET A 1 37  ? -9.033  -0.687  -0.739  1.00 9.81  ? 37   MET A CB  1 
ATOM   276  C CG  . MET A 1 37  ? -8.565  -0.008  -2.021  1.00 10.39 ? 37   MET A CG  1 
ATOM   277  S SD  . MET A 1 37  ? -7.176  1.148   -1.782  1.00 13.95 ? 37   MET A SD  1 
ATOM   278  C CE  . MET A 1 37  ? -8.017  2.611   -1.208  1.00 16.16 ? 37   MET A CE  1 
ATOM   279  N N   . ILE A 1 38  ? -10.565 -3.011  -2.870  1.00 8.52  ? 38   ILE A N   1 
ATOM   280  C CA  . ILE A 1 38  ? -10.378 -4.122  -3.791  1.00 8.18  ? 38   ILE A CA  1 
ATOM   281  C C   . ILE A 1 38  ? -9.809  -3.656  -5.122  1.00 8.01  ? 38   ILE A C   1 
ATOM   282  O O   . ILE A 1 38  ? -10.374 -2.787  -5.793  1.00 8.34  ? 38   ILE A O   1 
ATOM   283  C CB  . ILE A 1 38  ? -11.692 -4.855  -4.006  1.00 8.92  ? 38   ILE A CB  1 
ATOM   284  C CG1 . ILE A 1 38  ? -12.232 -5.255  -2.641  1.00 11.67 ? 38   ILE A CG1 1 
ATOM   285  C CG2 . ILE A 1 38  ? -11.457 -6.088  -4.888  1.00 11.24 ? 38   ILE A CG2 1 
ATOM   286  C CD1 . ILE A 1 38  ? -13.569 -5.868  -2.711  1.00 12.61 ? 38   ILE A CD1 1 
ATOM   287  N N   . ILE A 1 39  ? -8.620  -4.216  -5.448  1.00 7.62  ? 39   ILE A N   1 
ATOM   288  C CA  . ILE A 1 39  ? -7.936  -3.936  -6.710  1.00 7.89  ? 39   ILE A CA  1 
ATOM   289  C C   . ILE A 1 39  ? -8.222  -5.067  -7.670  1.00 7.55  ? 39   ILE A C   1 
ATOM   290  O O   . ILE A 1 39  ? -7.960  -6.217  -7.350  1.00 7.53  ? 39   ILE A O   1 
ATOM   291  C CB  . ILE A 1 39  ? -6.424  -3.816  -6.465  1.00 8.05  ? 39   ILE A CB  1 
ATOM   292  C CG1 . ILE A 1 39  ? -6.151  -2.839  -5.328  1.00 10.83 ? 39   ILE A CG1 1 
ATOM   293  C CG2 . ILE A 1 39  ? -5.751  -3.436  -7.743  1.00 8.58  ? 39   ILE A CG2 1 
ATOM   294  C CD1 . ILE A 1 39  ? -4.737  -2.760  -4.934  1.00 13.36 ? 39   ILE A CD1 1 
ATOM   295  N N   . ASN A 1 40  ? -8.778  -4.729  -8.834  1.00 7.44  ? 40   ASN A N   1 
ATOM   296  C CA  . ASN A 1 40  ? -9.089  -5.703  -9.858  1.00 8.52  ? 40   ASN A CA  1 
ATOM   297  C C   . ASN A 1 40  ? -8.204  -5.391  -11.079 1.00 7.24  ? 40   ASN A C   1 
ATOM   298  O O   . ASN A 1 40  ? -8.586  -4.567  -11.919 1.00 6.62  ? 40   ASN A O   1 
ATOM   299  C CB  . ASN A 1 40  ? -10.537 -5.574  -10.364 1.00 9.63  ? 40   ASN A CB  1 
ATOM   300  C CG  A ASN A 1 40  ? -10.856 -6.722  -11.329 0.50 9.28  ? 40   ASN A CG  1 
ATOM   301  C CG  B ASN A 1 40  ? -11.647 -6.466  -9.686  0.50 14.42 ? 40   ASN A CG  1 
ATOM   302  O OD1 A ASN A 1 40  ? -9.953  -7.518  -11.654 0.50 9.13  ? 40   ASN A OD1 1 
ATOM   303  O OD1 B ASN A 1 40  ? -11.519 -6.974  -8.576  0.50 17.41 ? 40   ASN A OD1 1 
ATOM   304  N ND2 A ASN A 1 40  ? -12.064 -6.775  -11.850 0.50 12.72 ? 40   ASN A ND2 1 
ATOM   305  N ND2 B ASN A 1 40  ? -12.818 -6.469  -10.318 0.50 15.00 ? 40   ASN A ND2 1 
ATOM   306  N N   . PRO A 1 41  ? -6.997  -5.952  -11.131 1.00 7.43  ? 41   PRO A N   1 
ATOM   307  C CA  . PRO A 1 41  ? -6.066  -5.614  -12.219 1.00 7.24  ? 41   PRO A CA  1 
ATOM   308  C C   . PRO A 1 41  ? -6.420  -6.337  -13.510 1.00 7.41  ? 41   PRO A C   1 
ATOM   309  O O   . PRO A 1 41  ? -6.907  -7.464  -13.465 1.00 8.79  ? 41   PRO A O   1 
ATOM   310  C CB  . PRO A 1 41  ? -4.704  -6.087  -11.686 1.00 7.62  ? 41   PRO A CB  1 
ATOM   311  C CG  . PRO A 1 41  ? -4.935  -6.788  -10.414 1.00 9.55  ? 41   PRO A CG  1 
ATOM   312  C CD  . PRO A 1 41  ? -6.411  -6.935  -10.220 1.00 6.17  ? 41   PRO A CD  1 
ATOM   313  N N   . GLN A 1 42  ? -6.148  -5.702  -14.634 1.00 6.70  ? 42   GLN A N   1 
ATOM   314  C CA  . GLN A 1 42  ? -6.343  -6.367  -15.918 1.00 8.13  ? 42   GLN A CA  1 
ATOM   315  C C   . GLN A 1 42  ? -5.145  -7.246  -16.258 1.00 8.21  ? 42   GLN A C   1 
ATOM   316  O O   . GLN A 1 42  ? -3.980  -6.808  -16.086 1.00 7.12  ? 42   GLN A O   1 
ATOM   317  C CB  . GLN A 1 42  ? -6.612  -5.376  -17.008 1.00 8.62  ? 42   GLN A CB  1 
ATOM   318  C CG  . GLN A 1 42  ? -6.976  -6.084  -18.309 1.00 8.81  ? 42   GLN A CG  1 
ATOM   319  C CD  . GLN A 1 42  ? -7.516  -5.188  -19.290 1.00 11.29 ? 42   GLN A CD  1 
ATOM   320  O OE1 . GLN A 1 42  ? -8.426  -4.433  -19.021 1.00 11.04 ? 42   GLN A OE1 1 
ATOM   321  N NE2 . GLN A 1 42  ? -6.951  -5.252  -20.504 1.00 15.91 ? 42   GLN A NE2 1 
ATOM   322  N N   . GLU A 1 43  ? -5.395  -8.452  -16.751 1.00 7.80  ? 43   GLU A N   1 
ATOM   323  C CA  . GLU A 1 43  ? -4.348  -9.319  -17.206 1.00 8.60  ? 43   GLU A CA  1 
ATOM   324  C C   . GLU A 1 43  ? -3.467  -8.589  -18.233 1.00 7.18  ? 43   GLU A C   1 
ATOM   325  O O   . GLU A 1 43  ? -3.966  -7.919  -19.105 1.00 8.60  ? 43   GLU A O   1 
ATOM   326  C CB  . GLU A 1 43  ? -4.915  -10.587 -17.844 1.00 10.44 ? 43   GLU A CB  1 
ATOM   327  C CG  . GLU A 1 43  ? -3.837  -11.595 -18.237 1.00 12.74 ? 43   GLU A CG  1 
ATOM   328  C CD  . GLU A 1 43  ? -4.368  -12.861 -18.867 1.00 17.95 ? 43   GLU A CD  1 
ATOM   329  O OE1 . GLU A 1 43  ? -5.587  -12.947 -19.160 1.00 24.53 ? 43   GLU A OE1 1 
ATOM   330  O OE2 . GLU A 1 43  ? -3.558  -13.800 -19.032 1.00 25.07 ? 43   GLU A OE2 1 
ATOM   331  N N   . GLY A 1 44  ? -2.153  -8.725  -18.071 1.00 7.66  ? 44   GLY A N   1 
ATOM   332  C CA  . GLY A 1 44  ? -1.142  -8.194  -18.974 1.00 7.57  ? 44   GLY A CA  1 
ATOM   333  C C   . GLY A 1 44  ? -0.700  -6.812  -18.618 1.00 7.03  ? 44   GLY A C   1 
ATOM   334  O O   . GLY A 1 44  ? 0.262   -6.333  -19.245 1.00 8.92  ? 44   GLY A O   1 
ATOM   335  N N   . LYS A 1 45  ? -1.372  -6.096  -17.701 1.00 7.35  ? 45   LYS A N   1 
ATOM   336  C CA  . LYS A 1 45  ? -1.087  -4.689  -17.397 1.00 7.76  ? 45   LYS A CA  1 
ATOM   337  C C   . LYS A 1 45  ? -0.203  -4.471  -16.203 1.00 7.21  ? 45   LYS A C   1 
ATOM   338  O O   . LYS A 1 45  ? 0.242   -3.329  -15.995 1.00 8.72  ? 45   LYS A O   1 
ATOM   339  C CB  . LYS A 1 45  ? -2.381  -3.899  -17.213 1.00 9.14  ? 45   LYS A CB  1 
ATOM   340  C CG  . LYS A 1 45  ? -3.316  -3.932  -18.440 1.00 13.14 ? 45   LYS A CG  1 
ATOM   341  C CD  . LYS A 1 45  ? -2.743  -3.212  -19.609 1.00 18.65 ? 45   LYS A CD  1 
ATOM   342  C CE  . LYS A 1 45  ? -3.838  -2.779  -20.592 1.00 21.71 ? 45   LYS A CE  1 
ATOM   343  N NZ  . LYS A 1 45  ? -4.815  -1.837  -19.978 1.00 26.94 ? 45   LYS A NZ  1 
ATOM   344  N N   . TYR A 1 46  ? 0.068   -5.490  -15.402 1.00 5.73  ? 46   TYR A N   1 
ATOM   345  C CA  . TYR A 1 46  ? 0.829   -5.345  -14.163 1.00 6.78  ? 46   TYR A CA  1 
ATOM   346  C C   . TYR A 1 46  ? 0.211   -4.188  -13.350 1.00 7.48  ? 46   TYR A C   1 
ATOM   347  O O   . TYR A 1 46  ? 0.911   -3.291  -12.862 1.00 7.36  ? 46   TYR A O   1 
ATOM   348  C CB  . TYR A 1 46  ? 2.325   -5.166  -14.443 1.00 7.36  ? 46   TYR A CB  1 
ATOM   349  C CG  . TYR A 1 46  ? 2.854   -6.316  -15.255 1.00 8.08  ? 46   TYR A CG  1 
ATOM   350  C CD1 . TYR A 1 46  ? 3.256   -7.467  -14.654 1.00 8.09  ? 46   TYR A CD1 1 
ATOM   351  C CD2 . TYR A 1 46  ? 2.884   -6.261  -16.624 1.00 8.97  ? 46   TYR A CD2 1 
ATOM   352  C CE1 . TYR A 1 46  ? 3.716   -8.560  -15.388 1.00 8.78  ? 46   TYR A CE1 1 
ATOM   353  C CE2 . TYR A 1 46  ? 3.328   -7.344  -17.390 1.00 9.77  ? 46   TYR A CE2 1 
ATOM   354  C CZ  . TYR A 1 46  ? 3.724   -8.499  -16.744 1.00 8.47  ? 46   TYR A CZ  1 
ATOM   355  O OH  . TYR A 1 46  ? 4.156   -9.593  -17.505 1.00 10.19 ? 46   TYR A OH  1 
ATOM   356  N N   . GLY A 1 47  ? -1.101  -4.204  -13.210 1.00 6.69  ? 47   GLY A N   1 
ATOM   357  C CA  . GLY A 1 47  ? -1.828  -3.087  -12.607 1.00 6.80  ? 47   GLY A CA  1 
ATOM   358  C C   . GLY A 1 47  ? -1.564  -2.903  -11.139 1.00 6.47  ? 47   GLY A C   1 
ATOM   359  O O   . GLY A 1 47  ? -1.139  -3.808  -10.432 1.00 7.06  ? 47   GLY A O   1 
ATOM   360  N N   . ALA A 1 48  ? -1.816  -1.684  -10.663 1.00 6.60  ? 48   ALA A N   1 
ATOM   361  C CA  . ALA A 1 48  ? -1.552  -1.310  -9.295  1.00 5.68  ? 48   ALA A CA  1 
ATOM   362  C C   . ALA A 1 48  ? -2.457  -0.186  -8.899  1.00 5.20  ? 48   ALA A C   1 
ATOM   363  O O   . ALA A 1 48  ? -2.803  0.694   -9.710  1.00 6.14  ? 48   ALA A O   1 
ATOM   364  C CB  . ALA A 1 48  ? -0.115  -0.850  -9.153  1.00 6.69  ? 48   ALA A CB  1 
ATOM   365  N N   . VAL A 1 49  ? -2.795  -0.166  -7.609  1.00 5.78  ? 49   VAL A N   1 
ATOM   366  C CA  . VAL A 1 49  ? -3.252  1.090   -6.973  1.00 5.61  ? 49   VAL A CA  1 
ATOM   367  C C   . VAL A 1 49  ? -2.042  1.835   -6.503  1.00 5.74  ? 49   VAL A C   1 
ATOM   368  O O   . VAL A 1 49  ? -1.062  1.233   -6.046  1.00 6.71  ? 49   VAL A O   1 
ATOM   369  C CB  . VAL A 1 49  ? -4.203  0.801   -5.799  1.00 7.07  ? 49   VAL A CB  1 
ATOM   370  C CG1 A VAL A 1 49  ? -3.493  0.204   -4.604  0.50 5.87  ? 49   VAL A CG1 1 
ATOM   371  C CG1 B VAL A 1 49  ? -4.638  2.117   -5.164  0.50 7.95  ? 49   VAL A CG1 1 
ATOM   372  C CG2 A VAL A 1 49  ? -4.976  2.077   -5.410  0.50 7.89  ? 49   VAL A CG2 1 
ATOM   373  C CG2 B VAL A 1 49  ? -5.542  0.167   -6.100  0.50 11.11 ? 49   VAL A CG2 1 
ATOM   374  N N   . SER A 1 50  ? -2.072  3.151   -6.637  1.00 5.43  ? 50   SER A N   1 
ATOM   375  C CA  . SER A 1 50  ? -0.992  4.014   -6.161  1.00 5.51  ? 50   SER A CA  1 
ATOM   376  C C   . SER A 1 50  ? -1.597  5.153   -5.399  1.00 5.63  ? 50   SER A C   1 
ATOM   377  O O   . SER A 1 50  ? -2.141  6.097   -5.991  1.00 7.09  ? 50   SER A O   1 
ATOM   378  C CB  . SER A 1 50  ? -0.139  4.488   -7.331  1.00 5.92  ? 50   SER A CB  1 
ATOM   379  O OG  . SER A 1 50  ? 0.971   5.300   -6.908  1.00 6.83  ? 50   SER A OG  1 
ATOM   380  N N   . LEU A 1 51  ? -1.557  5.056   -4.077  1.00 5.30  ? 51   LEU A N   1 
ATOM   381  C CA  . LEU A 1 51  ? -2.134  6.081   -3.232  1.00 5.11  ? 51   LEU A CA  1 
ATOM   382  C C   . LEU A 1 51  ? -1.168  7.234   -3.158  1.00 5.53  ? 51   LEU A C   1 
ATOM   383  O O   . LEU A 1 51  ? -0.055  7.093   -2.630  1.00 6.19  ? 51   LEU A O   1 
ATOM   384  C CB  . LEU A 1 51  ? -2.454  5.506   -1.838  1.00 5.18  ? 51   LEU A CB  1 
ATOM   385  C CG  . LEU A 1 51  ? -3.474  4.349   -1.850  1.00 7.46  ? 51   LEU A CG  1 
ATOM   386  C CD1 . LEU A 1 51  ? -3.573  3.766   -0.438  1.00 11.03 ? 51   LEU A CD1 1 
ATOM   387  C CD2 . LEU A 1 51  ? -4.813  4.764   -2.372  1.00 12.04 ? 51   LEU A CD2 1 
ATOM   388  N N   . LYS A 1 52  ? -1.569  8.391   -3.666  1.00 5.31  ? 52   LYS A N   1 
ATOM   389  C CA  . LYS A 1 52  ? -0.745  9.578   -3.762  1.00 6.00  ? 52   LYS A CA  1 
ATOM   390  C C   . LYS A 1 52  ? -1.193  10.557  -2.702  1.00 6.06  ? 52   LYS A C   1 
ATOM   391  O O   . LYS A 1 52  ? -2.325  11.053  -2.749  1.00 6.17  ? 52   LYS A O   1 
ATOM   392  C CB  . LYS A 1 52  ? -0.868  10.205  -5.149  1.00 7.51  ? 52   LYS A CB  1 
ATOM   393  C CG  . LYS A 1 52  ? -0.396  11.629  -5.305  1.00 10.99 ? 52   LYS A CG  1 
ATOM   394  C CD  . LYS A 1 52  ? 1.074   11.656  -5.399  1.00 12.06 ? 52   LYS A CD  1 
ATOM   395  C CE  . LYS A 1 52  ? 1.620   13.096  -5.653  1.00 13.56 ? 52   LYS A CE  1 
ATOM   396  N NZ  . LYS A 1 52  ? 1.764   13.867  -4.412  1.00 16.25 ? 52   LYS A NZ  1 
ATOM   397  N N   . ARG A 1 53  ? -0.326  10.847  -1.743  1.00 5.87  ? 53   ARG A N   1 
ATOM   398  C CA  . ARG A 1 53  ? -0.574  11.805  -0.722  1.00 6.43  ? 53   ARG A CA  1 
ATOM   399  C C   . ARG A 1 53  ? -0.482  13.207  -1.311  1.00 7.42  ? 53   ARG A C   1 
ATOM   400  O O   . ARG A 1 53  ? 0.571   13.577  -1.848  1.00 8.45  ? 53   ARG A O   1 
ATOM   401  C CB  . ARG A 1 53  ? 0.445   11.613  0.402   1.00 6.78  ? 53   ARG A CB  1 
ATOM   402  C CG  . ARG A 1 53  ? 0.297   12.525  1.564   1.00 6.90  ? 53   ARG A CG  1 
ATOM   403  C CD  . ARG A 1 53  ? 1.203   12.202  2.688   1.00 7.00  ? 53   ARG A CD  1 
ATOM   404  N NE  . ARG A 1 53  ? 1.274   13.278  3.647   1.00 9.25  ? 53   ARG A NE  1 
ATOM   405  C CZ  . ARG A 1 53  ? 1.989   13.223  4.752   1.00 9.57  ? 53   ARG A CZ  1 
ATOM   406  N NH1 . ARG A 1 53  ? 2.646   12.134  5.067   1.00 10.01 ? 53   ARG A NH1 1 
ATOM   407  N NH2 . ARG A 1 53  ? 2.021   14.267  5.566   1.00 13.21 ? 53   ARG A NH2 1 
ATOM   408  N N   . ASN A 1 54  ? -1.543  13.985  -1.278  1.00 7.67  ? 54   ASN A N   1 
ATOM   409  C CA  . ASN A 1 54  ? -1.552  15.222  -2.007  1.00 9.79  ? 54   ASN A CA  1 
ATOM   410  C C   . ASN A 1 54  ? -0.677  16.266  -1.374  1.00 10.51 ? 54   ASN A C   1 
ATOM   411  O O   . ASN A 1 54  ? -0.141  17.096  -2.130  1.00 14.29 ? 54   ASN A O   1 
ATOM   412  C CB  . ASN A 1 54  ? -3.009  15.709  -2.179  1.00 10.82 ? 54   ASN A CB  1 
ATOM   413  C CG  . ASN A 1 54  ? -3.836  14.782  -3.116  1.00 13.87 ? 54   ASN A CG  1 
ATOM   414  O OD1 . ASN A 1 54  ? -3.306  14.156  -4.031  1.00 17.00 ? 54   ASN A OD1 1 
ATOM   415  N ND2 . ASN A 1 54  ? -5.131  14.669  -2.841  1.00 15.89 ? 54   ASN A ND2 1 
ATOM   416  N N   . SER A 1 55  ? -0.570  16.315  -0.071  1.00 9.09  ? 55   SER A N   1 
ATOM   417  C CA  . SER A 1 55  ? 0.274   17.282  0.594   1.00 11.06 ? 55   SER A CA  1 
ATOM   418  C C   . SER A 1 55  ? 1.159   16.549  1.591   1.00 10.06 ? 55   SER A C   1 
ATOM   419  O O   . SER A 1 55  ? 0.664   15.836  2.440   1.00 10.54 ? 55   SER A O   1 
ATOM   420  C CB  . SER A 1 55  ? -0.601  18.299  1.297   1.00 13.37 ? 55   SER A CB  1 
ATOM   421  O OG  . SER A 1 55  ? 0.192   19.179  2.050   1.00 19.04 ? 55   SER A OG  1 
ATOM   422  N N   . GLY A 1 56  ? 2.458   16.808  1.488   1.00 9.87  ? 56   GLY A N   1 
ATOM   423  C CA  . GLY A 1 56  ? 3.455   16.237  2.361   1.00 9.51  ? 56   GLY A CA  1 
ATOM   424  C C   . GLY A 1 56  ? 3.895   14.831  1.947   1.00 8.70  ? 56   GLY A C   1 
ATOM   425  O O   . GLY A 1 56  ? 3.428   14.245  0.969   1.00 9.74  ? 56   GLY A O   1 
ATOM   426  N N   . SER A 1 57  ? 4.823   14.312  2.750   1.00 7.93  ? 57   SER A N   1 
ATOM   427  C CA  . SER A 1 57  ? 5.429   13.017  2.476   1.00 7.31  ? 57   SER A CA  1 
ATOM   428  C C   . SER A 1 57  ? 5.792   12.335  3.758   1.00 7.15  ? 57   SER A C   1 
ATOM   429  O O   . SER A 1 57  ? 6.035   12.975  4.788   1.00 8.24  ? 57   SER A O   1 
ATOM   430  C CB  . SER A 1 57  ? 6.712   13.134  1.667   1.00 7.90  ? 57   SER A CB  1 
ATOM   431  O OG  A SER A 1 57  ? 6.527   13.824  0.444   0.50 7.47  ? 57   SER A OG  1 
ATOM   432  O OG  B SER A 1 57  ? 7.317   14.404  1.623   0.50 14.17 ? 57   SER A OG  1 
ATOM   433  N N   . PHE A 1 58  ? 5.852   11.015  3.681   1.00 5.81  ? 58   PHE A N   1 
ATOM   434  C CA  . PHE A 1 58  ? 6.354   10.168  4.758   1.00 6.04  ? 58   PHE A CA  1 
ATOM   435  C C   . PHE A 1 58  ? 7.865   9.999   4.626   1.00 6.35  ? 58   PHE A C   1 
ATOM   436  O O   . PHE A 1 58  ? 8.417   10.131  3.549   1.00 6.66  ? 58   PHE A O   1 
ATOM   437  C CB  . PHE A 1 58  ? 5.712   8.784   4.669   1.00 5.57  ? 58   PHE A CB  1 
ATOM   438  C CG  . PHE A 1 58  ? 4.210   8.803   4.865   1.00 5.77  ? 58   PHE A CG  1 
ATOM   439  C CD1 . PHE A 1 58  ? 3.686   9.032   6.103   1.00 5.72  ? 58   PHE A CD1 1 
ATOM   440  C CD2 . PHE A 1 58  ? 3.336   8.626   3.811   1.00 6.59  ? 58   PHE A CD2 1 
ATOM   441  C CE1 . PHE A 1 58  ? 2.329   9.065   6.309   1.00 6.46  ? 58   PHE A CE1 1 
ATOM   442  C CE2 . PHE A 1 58  ? 1.981   8.654   4.022   1.00 6.41  ? 58   PHE A CE2 1 
ATOM   443  C CZ  . PHE A 1 58  ? 1.486   8.871   5.262   1.00 7.88  ? 58   PHE A CZ  1 
ATOM   444  N N   . ARG A 1 59  ? 8.536   9.701   5.734   1.00 6.81  ? 59   ARG A N   1 
ATOM   445  C CA  . ARG A 1 59  ? 9.956   9.407   5.714   1.00 7.48  ? 59   ARG A CA  1 
ATOM   446  C C   . ARG A 1 59  ? 10.215  8.116   6.445   1.00 8.40  ? 59   ARG A C   1 
ATOM   447  O O   . ARG A 1 59  ? 9.914   7.998   7.662   1.00 9.03  ? 59   ARG A O   1 
ATOM   448  C CB  . ARG A 1 59  ? 10.740  10.542  6.348   1.00 7.24  ? 59   ARG A CB  1 
ATOM   449  C CG  . ARG A 1 59  ? 10.730  11.766  5.473   1.00 7.55  ? 59   ARG A CG  1 
ATOM   450  C CD  . ARG A 1 59  ? 11.486  12.870  6.104   1.00 10.28 ? 59   ARG A CD  1 
ATOM   451  N NE  . ARG A 1 59  ? 10.681  13.526  7.125   1.00 13.33 ? 59   ARG A NE  1 
ATOM   452  C CZ  . ARG A 1 59  ? 11.156  14.402  8.005   1.00 13.03 ? 59   ARG A CZ  1 
ATOM   453  N NH1 . ARG A 1 59  ? 12.448  14.675  8.065   1.00 12.67 ? 59   ARG A NH1 1 
ATOM   454  N NH2 . ARG A 1 59  ? 10.315  15.012  8.838   1.00 18.37 ? 59   ARG A NH2 1 
ATOM   455  N N   . GLY A 1 60  ? 10.806  7.139   5.777   1.00 6.86  ? 60   GLY A N   1 
ATOM   456  C CA  . GLY A 1 60  ? 11.199  5.882   6.397   1.00 7.54  ? 60   GLY A CA  1 
ATOM   457  C C   . GLY A 1 60  ? 10.058  5.278   7.172   1.00 6.76  ? 60   GLY A C   1 
ATOM   458  O O   . GLY A 1 60  ? 8.912   5.184   6.703   1.00 7.55  ? 60   GLY A O   1 
ATOM   459  N N   . GLY A 1 61  ? 10.367  4.773   8.359   1.00 6.58  ? 61   GLY A N   1 
ATOM   460  C CA  . GLY A 1 61  ? 9.358   4.131   9.189   1.00 6.38  ? 61   GLY A CA  1 
ATOM   461  C C   . GLY A 1 61  ? 8.885   2.811   8.630   1.00 6.10  ? 61   GLY A C   1 
ATOM   462  O O   . GLY A 1 61  ? 9.671   2.058   8.026   1.00 6.47  ? 61   GLY A O   1 
ATOM   463  N N   . SER A 1 62  ? 7.623   2.520   8.835   1.00 5.44  ? 62   SER A N   1 
ATOM   464  C CA  . SER A 1 62  ? 7.065   1.247   8.468   1.00 5.75  ? 62   SER A CA  1 
ATOM   465  C C   . SER A 1 62  ? 5.627   1.349   8.035   1.00 5.87  ? 62   SER A C   1 
ATOM   466  O O   . SER A 1 62  ? 4.917   2.281   8.406   1.00 5.53  ? 62   SER A O   1 
ATOM   467  C CB  . SER A 1 62  ? 7.228   0.273   9.627   1.00 5.96  ? 62   SER A CB  1 
ATOM   468  O OG  . SER A 1 62  ? 6.720   0.790   10.837  1.00 6.98  ? 62   SER A OG  1 
ATOM   469  N N   . LEU A 1 63  ? 5.209   0.433   7.174   1.00 4.43  ? 63   LEU A N   1 
ATOM   470  C CA  . LEU A 1 63  ? 3.848   0.374   6.663   1.00 4.66  ? 63   LEU A CA  1 
ATOM   471  C C   . LEU A 1 63  ? 3.183   -0.881  7.180   1.00 4.76  ? 63   LEU A C   1 
ATOM   472  O O   . LEU A 1 63  ? 3.733   -1.989  7.054   1.00 6.18  ? 63   LEU A O   1 
ATOM   473  C CB  . LEU A 1 63  ? 3.830   0.367   5.129   1.00 5.89  ? 63   LEU A CB  1 
ATOM   474  C CG  . LEU A 1 63  ? 4.210   1.696   4.491   1.00 6.16  ? 63   LEU A CG  1 
ATOM   475  C CD1 . LEU A 1 63  ? 4.487   1.530   2.973   1.00 8.67  ? 63   LEU A CD1 1 
ATOM   476  C CD2 . LEU A 1 63  ? 3.173   2.776   4.707   1.00 7.80  ? 63   LEU A CD2 1 
ATOM   477  N N   . ARG A 1 64  ? 1.992   -0.748  7.713   1.00 5.04  ? 64   ARG A N   1 
ATOM   478  C CA  . ARG A 1 64  ? 1.209   -1.818  8.301   1.00 5.22  ? 64   ARG A CA  1 
ATOM   479  C C   . ARG A 1 64  ? -0.134  -1.894  7.578   1.00 5.19  ? 64   ARG A C   1 
ATOM   480  O O   . ARG A 1 64  ? -0.751  -0.870  7.304   1.00 5.55  ? 64   ARG A O   1 
ATOM   481  C CB  . ARG A 1 64  ? 0.985   -1.512  9.796   1.00 5.92  ? 64   ARG A CB  1 
ATOM   482  C CG  . ARG A 1 64  ? -0.013  -2.420  10.501  1.00 7.04  ? 64   ARG A CG  1 
ATOM   483  C CD  . ARG A 1 64  ? -1.400  -1.790  10.705  1.00 5.94  ? 64   ARG A CD  1 
ATOM   484  N NE  . ARG A 1 64  ? -2.202  -2.649  11.562  1.00 6.86  ? 64   ARG A NE  1 
ATOM   485  C CZ  . ARG A 1 64  ? -2.953  -3.630  11.130  1.00 7.36  ? 64   ARG A CZ  1 
ATOM   486  N NH1 . ARG A 1 64  ? -3.233  -3.778  9.862   1.00 7.78  ? 64   ARG A NH1 1 
ATOM   487  N NH2 . ARG A 1 64  ? -3.475  -4.505  11.997  1.00 10.31 ? 64   ARG A NH2 1 
ATOM   488  N N   . PHE A 1 65  ? -0.546  -3.082  7.224   1.00 5.39  ? 65   PHE A N   1 
ATOM   489  C CA  . PHE A 1 65  ? -1.793  -3.275  6.508   1.00 5.06  ? 65   PHE A CA  1 
ATOM   490  C C   . PHE A 1 65  ? -2.195  -4.739  6.581   1.00 4.90  ? 65   PHE A C   1 
ATOM   491  O O   . PHE A 1 65  ? -1.373  -5.620  6.801   1.00 5.53  ? 65   PHE A O   1 
ATOM   492  C CB  . PHE A 1 65  ? -1.712  -2.806  5.030   1.00 5.83  ? 65   PHE A CB  1 
ATOM   493  C CG  . PHE A 1 65  ? -0.588  -3.431  4.242   1.00 5.29  ? 65   PHE A CG  1 
ATOM   494  C CD1 . PHE A 1 65  ? -0.802  -4.610  3.561   1.00 6.39  ? 65   PHE A CD1 1 
ATOM   495  C CD2 . PHE A 1 65  ? 0.689   -2.895  4.250   1.00 6.03  ? 65   PHE A CD2 1 
ATOM   496  C CE1 . PHE A 1 65  ? 0.210   -5.224  2.886   1.00 6.83  ? 65   PHE A CE1 1 
ATOM   497  C CE2 . PHE A 1 65  ? 1.715   -3.522  3.596   1.00 6.95  ? 65   PHE A CE2 1 
ATOM   498  C CZ  . PHE A 1 65  ? 1.475   -4.675  2.905   1.00 7.90  ? 65   PHE A CZ  1 
ATOM   499  N N   . ASP A 1 66  ? -3.492  -4.984  6.396   1.00 5.45  ? 66   ASP A N   1 
ATOM   500  C CA  . ASP A 1 66  ? -4.013  -6.311  6.214   1.00 5.90  ? 66   ASP A CA  1 
ATOM   501  C C   . ASP A 1 66  ? -4.251  -6.541  4.727   1.00 5.80  ? 66   ASP A C   1 
ATOM   502  O O   . ASP A 1 66  ? -4.839  -5.694  4.070   1.00 6.85  ? 66   ASP A O   1 
ATOM   503  C CB  . ASP A 1 66  ? -5.348  -6.512  6.954   1.00 6.66  ? 66   ASP A CB  1 
ATOM   504  C CG  . ASP A 1 66  ? -5.238  -6.339  8.422   1.00 7.82  ? 66   ASP A CG  1 
ATOM   505  O OD1 . ASP A 1 66  ? -4.123  -6.383  9.000   1.00 7.94  ? 66   ASP A OD1 1 
ATOM   506  O OD2 . ASP A 1 66  ? -6.308  -6.170  9.089   1.00 10.97 ? 66   ASP A OD2 1 
ATOM   507  N N   . MET A 1 67  ? -3.893  -7.702  4.208   1.00 6.36  ? 67   MET A N   1 
ATOM   508  C CA  . MET A 1 67  ? -4.073  -8.004  2.802   1.00 6.11  ? 67   MET A CA  1 
ATOM   509  C C   . MET A 1 67  ? -4.400  -9.464  2.603   1.00 6.86  ? 67   MET A C   1 
ATOM   510  O O   . MET A 1 67  ? -3.871  -10.336 3.277   1.00 7.23  ? 67   MET A O   1 
ATOM   511  C CB  . MET A 1 67  ? -2.811  -7.629  2.031   1.00 6.56  ? 67   MET A CB  1 
ATOM   512  C CG  . MET A 1 67  ? -2.859  -7.924  0.522   1.00 6.81  ? 67   MET A CG  1 
ATOM   513  S SD  . MET A 1 67  ? -1.430  -7.289  -0.380  1.00 8.98  ? 67   MET A SD  1 
ATOM   514  C CE  . MET A 1 67  ? -0.183  -8.423  0.124   1.00 10.67 ? 67   MET A CE  1 
ATOM   515  N N   . LYS A 1 68  ? -5.279  -9.698  1.622   1.00 6.94  ? 68   LYS A N   1 
ATOM   516  C CA  . LYS A 1 68  ? -5.396  -11.021 0.998   1.00 7.89  ? 68   LYS A CA  1 
ATOM   517  C C   . LYS A 1 68  ? -5.291  -10.811 -0.503  1.00 6.61  ? 68   LYS A C   1 
ATOM   518  O O   . LYS A 1 68  ? -5.480  -9.703  -1.021  1.00 6.62  ? 68   LYS A O   1 
ATOM   519  C CB  . LYS A 1 68  ? -6.646  -11.770 1.444   1.00 10.60 ? 68   LYS A CB  1 
ATOM   520  C CG  . LYS A 1 68  ? -7.932  -11.169 1.138   1.00 12.54 ? 68   LYS A CG  1 
ATOM   521  C CD  . LYS A 1 68  ? -9.125  -12.217 1.366   1.00 13.10 ? 68   LYS A CD  1 
ATOM   522  C CE  . LYS A 1 68  ? -10.397 -11.651 0.777   1.00 15.69 ? 68   LYS A CE  1 
ATOM   523  N NZ  . LYS A 1 68  ? -11.577 -12.445 1.148   1.00 18.04 ? 68   LYS A NZ  1 
ATOM   524  N N   . ASN A 1 69  ? -4.919  -11.856 -1.216  1.00 6.10  ? 69   ASN A N   1 
ATOM   525  C CA  . ASN A 1 69  ? -4.409  -11.652 -2.555  1.00 6.96  ? 69   ASN A CA  1 
ATOM   526  C C   . ASN A 1 69  ? -4.275  -12.958 -3.277  1.00 7.19  ? 69   ASN A C   1 
ATOM   527  O O   . ASN A 1 69  ? -3.654  -13.874 -2.750  1.00 7.63  ? 69   ASN A O   1 
ATOM   528  C CB  . ASN A 1 69  ? -3.059  -10.868 -2.518  1.00 6.57  ? 69   ASN A CB  1 
ATOM   529  C CG  . ASN A 1 69  ? -2.062  -11.393 -1.535  1.00 6.78  ? 69   ASN A CG  1 
ATOM   530  O OD1 . ASN A 1 69  ? -2.286  -11.320 -0.344  1.00 8.02  ? 69   ASN A OD1 1 
ATOM   531  N ND2 . ASN A 1 69  ? -0.868  -11.828 -2.016  1.00 7.15  ? 69   ASN A ND2 1 
ATOM   532  N N   . GLU A 1 70  ? -4.827  -13.019 -4.486  1.00 8.82  ? 70   GLU A N   1 
ATOM   533  C CA  . GLU A 1 70  ? -4.811  -14.225 -5.305  1.00 9.78  ? 70   GLU A CA  1 
ATOM   534  C C   . GLU A 1 70  ? -3.452  -14.553 -5.893  1.00 9.49  ? 70   GLU A C   1 
ATOM   535  O O   . GLU A 1 70  ? -3.188  -15.703 -6.194  1.00 10.35 ? 70   GLU A O   1 
ATOM   536  C CB  . GLU A 1 70  ? -5.866  -14.096 -6.419  1.00 10.49 ? 70   GLU A CB  1 
ATOM   537  C CG  . GLU A 1 70  ? -7.276  -14.184 -5.861  1.00 11.96 ? 70   GLU A CG  1 
ATOM   538  C CD  . GLU A 1 70  ? -8.375  -13.785 -6.821  1.00 12.86 ? 70   GLU A CD  1 
ATOM   539  O OE1 . GLU A 1 70  ? -8.118  -13.137 -7.837  1.00 14.03 ? 70   GLU A OE1 1 
ATOM   540  O OE2 . GLU A 1 70  ? -9.548  -14.111 -6.493  1.00 14.13 ? 70   GLU A OE2 1 
ATOM   541  N N   . GLY A 1 71  ? -2.567  -13.553 -6.022  1.00 9.07  ? 71   GLY A N   1 
ATOM   542  C CA  . GLY A 1 71  ? -1.234  -13.722 -6.595  1.00 7.91  ? 71   GLY A CA  1 
ATOM   543  C C   . GLY A 1 71  ? -0.209  -12.941 -5.830  1.00 7.21  ? 71   GLY A C   1 
ATOM   544  O O   . GLY A 1 71  ? -0.518  -12.322 -4.799  1.00 7.75  ? 71   GLY A O   1 
ATOM   545  N N   . LYS A 1 72  ? 1.027   -12.985 -6.287  1.00 6.67  ? 72   LYS A N   1 
ATOM   546  C CA  . LYS A 1 72  ? 2.107   -12.238 -5.638  1.00 7.35  ? 72   LYS A CA  1 
ATOM   547  C C   . LYS A 1 72  ? 1.843   -10.740 -5.775  1.00 5.66  ? 72   LYS A C   1 
ATOM   548  O O   . LYS A 1 72  ? 1.440   -10.273 -6.849  1.00 6.97  ? 72   LYS A O   1 
ATOM   549  C CB  . LYS A 1 72  ? 3.465   -12.579 -6.259  1.00 7.14  ? 72   LYS A CB  1 
ATOM   550  C CG  . LYS A 1 72  ? 3.956   -13.964 -5.971  1.00 11.25 ? 72   LYS A CG  1 
ATOM   551  C CD  . LYS A 1 72  ? 5.257   -14.306 -6.682  1.00 14.24 ? 72   LYS A CD  1 
ATOM   552  C CE  . LYS A 1 72  ? 6.368   -13.331 -6.532  1.00 21.20 ? 72   LYS A CE  1 
ATOM   553  N NZ  . LYS A 1 72  ? 7.661   -13.894 -7.135  1.00 24.34 ? 72   LYS A NZ  1 
ATOM   554  N N   . VAL A 1 73  ? 2.077   -9.988  -4.717  1.00 6.38  ? 73   VAL A N   1 
ATOM   555  C CA  . VAL A 1 73  ? 1.836   -8.555  -4.734  1.00 5.91  ? 73   VAL A CA  1 
ATOM   556  C C   . VAL A 1 73  ? 3.114   -7.825  -4.385  1.00 6.36  ? 73   VAL A C   1 
ATOM   557  O O   . VAL A 1 73  ? 3.773   -8.122  -3.357  1.00 6.88  ? 73   VAL A O   1 
ATOM   558  C CB  . VAL A 1 73  ? 0.745   -8.180  -3.691  1.00 5.71  ? 73   VAL A CB  1 
ATOM   559  C CG1 . VAL A 1 73  ? 0.614   -6.657  -3.517  1.00 8.03  ? 73   VAL A CG1 1 
ATOM   560  C CG2 . VAL A 1 73  ? -0.606  -8.725  -4.147  1.00 6.31  ? 73   VAL A CG2 1 
ATOM   561  N N   . LYS A 1 74  ? 3.475   -6.848  -5.208  1.00 5.55  ? 74   LYS A N   1 
ATOM   562  C CA  . LYS A 1 74  ? 4.654   -6.030  -4.919  1.00 6.08  ? 74   LYS A CA  1 
ATOM   563  C C   . LYS A 1 74  ? 4.198   -4.750  -4.244  1.00 5.13  ? 74   LYS A C   1 
ATOM   564  O O   . LYS A 1 74  ? 3.277   -4.080  -4.715  1.00 5.32  ? 74   LYS A O   1 
ATOM   565  C CB  . LYS A 1 74  ? 5.388   -5.726  -6.203  1.00 6.17  ? 74   LYS A CB  1 
ATOM   566  C CG  . LYS A 1 74  ? 6.707   -4.966  -6.007  1.00 8.65  ? 74   LYS A CG  1 
ATOM   567  C CD  . LYS A 1 74  ? 7.707   -5.154  -7.117  1.00 11.54 ? 74   LYS A CD  1 
ATOM   568  C CE  . LYS A 1 74  ? 7.165   -4.905  -8.443  1.00 10.81 ? 74   LYS A CE  1 
ATOM   569  N NZ  . LYS A 1 74  ? 8.186   -5.165  -9.545  1.00 10.88 ? 74   LYS A NZ  1 
ATOM   570  N N   . ILE A 1 75  ? 4.889   -4.411  -3.162  1.00 5.08  ? 75   ILE A N   1 
ATOM   571  C CA  . ILE A 1 75  ? 4.683   -3.167  -2.442  1.00 5.10  ? 75   ILE A CA  1 
ATOM   572  C C   . ILE A 1 75  ? 5.814   -2.219  -2.813  1.00 4.74  ? 75   ILE A C   1 
ATOM   573  O O   . ILE A 1 75  ? 6.986   -2.635  -2.700  1.00 5.45  ? 75   ILE A O   1 
ATOM   574  C CB  . ILE A 1 75  ? 4.727   -3.404  -0.913  1.00 6.04  ? 75   ILE A CB  1 
ATOM   575  C CG1 . ILE A 1 75  ? 3.721   -4.498  -0.503  1.00 8.63  ? 75   ILE A CG1 1 
ATOM   576  C CG2 . ILE A 1 75  ? 4.500   -2.084  -0.174  1.00 6.36  ? 75   ILE A CG2 1 
ATOM   577  C CD1 . ILE A 1 75  ? 2.316   -4.271  -0.803  1.00 8.90  ? 75   ILE A CD1 1 
ATOM   578  N N   . LEU A 1 76  ? 5.483   -1.017  -3.282  1.00 4.36  ? 76   LEU A N   1 
ATOM   579  C CA  . LEU A 1 76  ? 6.485   -0.001  -3.571  1.00 4.16  ? 76   LEU A CA  1 
ATOM   580  C C   . LEU A 1 76  ? 6.095   1.261   -2.888  1.00 4.49  ? 76   LEU A C   1 
ATOM   581  O O   . LEU A 1 76  ? 4.917   1.507   -2.576  1.00 4.82  ? 76   LEU A O   1 
ATOM   582  C CB  . LEU A 1 76  ? 6.633   0.312   -5.082  1.00 4.74  ? 76   LEU A CB  1 
ATOM   583  C CG  . LEU A 1 76  ? 6.819   -0.869  -6.040  1.00 5.72  ? 76   LEU A CG  1 
ATOM   584  C CD1 . LEU A 1 76  ? 5.474   -1.384  -6.584  1.00 5.68  ? 76   LEU A CD1 1 
ATOM   585  C CD2 . LEU A 1 76  ? 7.711   -0.495  -7.197  1.00 5.85  ? 76   LEU A CD2 1 
ATOM   586  N N   . VAL A 1 77  ? 7.092   2.119   -2.676  1.00 4.28  ? 77   VAL A N   1 
ATOM   587  C CA  . VAL A 1 77  ? 6.880   3.543   -2.396  1.00 4.33  ? 77   VAL A CA  1 
ATOM   588  C C   . VAL A 1 77  ? 7.542   4.395   -3.478  1.00 4.68  ? 77   VAL A C   1 
ATOM   589  O O   . VAL A 1 77  ? 8.499   3.913   -4.140  1.00 4.92  ? 77   VAL A O   1 
ATOM   590  C CB  . VAL A 1 77  ? 7.352   3.928   -0.974  1.00 4.45  ? 77   VAL A CB  1 
ATOM   591  C CG1 . VAL A 1 77  ? 6.560   3.149   0.071   1.00 5.56  ? 77   VAL A CG1 1 
ATOM   592  C CG2 . VAL A 1 77  ? 8.837   3.744   -0.760  1.00 4.86  ? 77   VAL A CG2 1 
ATOM   593  N N   . GLU A 1 78  ? 7.106   5.635   -3.631  1.00 4.19  ? 78   GLU A N   1 
ATOM   594  C CA  . GLU A 1 78  ? 7.686   6.499   -4.653  1.00 4.51  ? 78   GLU A CA  1 
ATOM   595  C C   . GLU A 1 78  ? 7.759   7.904   -4.147  1.00 5.19  ? 78   GLU A C   1 
ATOM   596  O O   . GLU A 1 78  ? 6.980   8.315   -3.291  1.00 5.03  ? 78   GLU A O   1 
ATOM   597  C CB  . GLU A 1 78  ? 6.923   6.481   -5.969  1.00 4.44  ? 78   GLU A CB  1 
ATOM   598  C CG  . GLU A 1 78  ? 6.342   5.145   -6.413  1.00 6.35  ? 78   GLU A CG  1 
ATOM   599  C CD  . GLU A 1 78  ? 5.887   5.153   -7.832  1.00 6.59  ? 78   GLU A CD  1 
ATOM   600  O OE1 . GLU A 1 78  ? 6.364   5.965   -8.651  1.00 8.12  ? 78   GLU A OE1 1 
ATOM   601  O OE2 . GLU A 1 78  ? 4.915   4.424   -8.194  1.00 8.23  ? 78   GLU A OE2 1 
ATOM   602  N N   . ASN A 1 79  ? 8.725   8.659   -4.696  1.00 5.13  ? 79   ASN A N   1 
ATOM   603  C CA  . ASN A 1 79  ? 8.821   10.106  -4.494  1.00 5.31  ? 79   ASN A CA  1 
ATOM   604  C C   . ASN A 1 79  ? 8.486   10.747  -5.808  1.00 5.90  ? 79   ASN A C   1 
ATOM   605  O O   . ASN A 1 79  ? 9.187   10.548  -6.796  1.00 6.46  ? 79   ASN A O   1 
ATOM   606  C CB  . ASN A 1 79  ? 10.248  10.480  -4.074  1.00 5.28  ? 79   ASN A CB  1 
ATOM   607  C CG  . ASN A 1 79  ? 10.428  11.926  -3.782  1.00 6.00  ? 79   ASN A CG  1 
ATOM   608  O OD1 . ASN A 1 79  ? 10.327  12.762  -4.711  1.00 7.70  ? 79   ASN A OD1 1 
ATOM   609  N ND2 . ASN A 1 79  ? 10.653  12.261  -2.534  1.00 7.70  ? 79   ASN A ND2 1 
ATOM   610  N N   . SER A 1 80  ? 7.351   11.455  -5.844  1.00 7.08  ? 80   SER A N   1 
ATOM   611  C CA  . SER A 1 80  ? 6.898   12.000  -7.115  1.00 8.96  ? 80   SER A CA  1 
ATOM   612  C C   . SER A 1 80  ? 7.757   13.145  -7.610  1.00 10.67 ? 80   SER A C   1 
ATOM   613  O O   . SER A 1 80  ? 7.889   13.314  -8.824  1.00 11.85 ? 80   SER A O   1 
ATOM   614  C CB  . SER A 1 80  ? 5.422   12.429  -7.087  1.00 10.02 ? 80   SER A CB  1 
ATOM   615  O OG  A SER A 1 80  ? 5.166   13.424  -6.122  0.50 6.71  ? 80   SER A OG  1 
ATOM   616  O OG  B SER A 1 80  ? 4.555   11.872  -6.140  0.50 14.94 ? 80   SER A OG  1 
ATOM   617  N N   . GLU A 1 81  ? 8.337   13.925  -6.714  1.00 10.96 ? 81   GLU A N   1 
ATOM   618  C CA  . GLU A 1 81  ? 9.206   15.048  -7.110  1.00 12.71 ? 81   GLU A CA  1 
ATOM   619  C C   . GLU A 1 81  ? 10.449  14.547  -7.866  1.00 12.11 ? 81   GLU A C   1 
ATOM   620  O O   . GLU A 1 81  ? 10.793  15.042  -8.968  1.00 12.93 ? 81   GLU A O   1 
ATOM   621  C CB  . GLU A 1 81  ? 9.585   15.828  -5.853  1.00 13.61 ? 81   GLU A CB  1 
ATOM   622  C CG  A GLU A 1 81  ? 10.029  17.279  -6.097  0.50 14.58 ? 81   GLU A CG  1 
ATOM   623  C CG  B GLU A 1 81  ? 8.923   17.199  -5.673  0.50 16.79 ? 81   GLU A CG  1 
ATOM   624  C CD  A GLU A 1 81  ? 10.611  17.976  -4.878  0.50 16.49 ? 81   GLU A CD  1 
ATOM   625  C CD  B GLU A 1 81  ? 9.012   17.727  -4.240  0.50 17.11 ? 81   GLU A CD  1 
ATOM   626  O OE1 A GLU A 1 81  ? 10.450  17.499  -3.731  0.50 24.31 ? 81   GLU A OE1 1 
ATOM   627  O OE1 B GLU A 1 81  ? 10.006  17.443  -3.529  0.50 26.04 ? 81   GLU A OE1 1 
ATOM   628  O OE2 A GLU A 1 81  ? 11.277  19.022  -5.079  0.50 24.06 ? 81   GLU A OE2 1 
ATOM   629  O OE2 B GLU A 1 81  ? 8.078   18.438  -3.818  0.50 23.11 ? 81   GLU A OE2 1 
ATOM   630  N N   . ALA A 1 82  ? 11.096  13.537  -7.318  1.00 10.89 ? 82   ALA A N   1 
ATOM   631  C CA  . ALA A 1 82  ? 12.304  12.959  -7.890  1.00 10.49 ? 82   ALA A CA  1 
ATOM   632  C C   . ALA A 1 82  ? 12.010  11.965  -8.956  1.00 10.05 ? 82   ALA A C   1 
ATOM   633  O O   . ALA A 1 82  ? 12.904  11.515  -9.666  1.00 11.19 ? 82   ALA A O   1 
ATOM   634  C CB  . ALA A 1 82  ? 13.115  12.282  -6.780  1.00 10.90 ? 82   ALA A CB  1 
ATOM   635  N N   . ALA A 1 83  ? 10.762  11.562  -9.090  1.00 9.91  ? 83   ALA A N   1 
ATOM   636  C CA  . ALA A 1 83  ? 10.368  10.498  -10.017 1.00 10.25 ? 83   ALA A CA  1 
ATOM   637  C C   . ALA A 1 83  ? 11.166  9.195   -9.787  1.00 9.12  ? 83   ALA A C   1 
ATOM   638  O O   . ALA A 1 83  ? 11.763  8.618   -10.718 1.00 11.86 ? 83   ALA A O   1 
ATOM   639  C CB  . ALA A 1 83  ? 10.470  10.983  -11.472 1.00 12.10 ? 83   ALA A CB  1 
ATOM   640  N N   . GLU A 1 84  ? 11.252  8.786   -8.525  1.00 7.62  ? 84   GLU A N   1 
ATOM   641  C CA  . GLU A 1 84  ? 11.984  7.581   -8.141  1.00 6.89  ? 84   GLU A CA  1 
ATOM   642  C C   . GLU A 1 84  ? 10.994  6.649   -7.442  1.00 5.88  ? 84   GLU A C   1 
ATOM   643  O O   . GLU A 1 84  ? 10.101  7.107   -6.717  1.00 6.71  ? 84   GLU A O   1 
ATOM   644  C CB  . GLU A 1 84  ? 13.155  7.917   -7.233  1.00 6.24  ? 84   GLU A CB  1 
ATOM   645  C CG  . GLU A 1 84  ? 14.320  8.635   -7.887  1.00 8.90  ? 84   GLU A CG  1 
ATOM   646  C CD  . GLU A 1 84  ? 15.554  8.719   -6.999  1.00 7.86  ? 84   GLU A CD  1 
ATOM   647  O OE1 . GLU A 1 84  ? 15.665  7.962   -6.013  1.00 10.59 ? 84   GLU A OE1 1 
ATOM   648  O OE2 . GLU A 1 84  ? 16.440  9.562   -7.295  1.00 11.95 ? 84   GLU A OE2 1 
ATOM   649  N N   . LYS A 1 85  ? 11.216  5.372   -7.593  1.00 5.27  ? 85   LYS A N   1 
ATOM   650  C CA  . LYS A 1 85  ? 10.420  4.342   -6.950  1.00 5.22  ? 85   LYS A CA  1 
ATOM   651  C C   . LYS A 1 85  ? 11.346  3.396   -6.226  1.00 4.86  ? 85   LYS A C   1 
ATOM   652  O O   . LYS A 1 85  ? 12.517  3.242   -6.553  1.00 5.05  ? 85   LYS A O   1 
ATOM   653  C CB  . LYS A 1 85  ? 9.567   3.607   -7.960  1.00 5.50  ? 85   LYS A CB  1 
ATOM   654  C CG  . LYS A 1 85  ? 10.360  2.731   -8.942  1.00 6.11  ? 85   LYS A CG  1 
ATOM   655  C CD  . LYS A 1 85  ? 9.439   2.140   -10.007 1.00 6.50  ? 85   LYS A CD  1 
ATOM   656  C CE  . LYS A 1 85  ? 10.114  1.071   -10.815 1.00 6.84  ? 85   LYS A CE  1 
ATOM   657  N NZ  . LYS A 1 85  ? 11.273  1.624   -11.597 1.00 9.14  ? 85   LYS A NZ  1 
ATOM   658  N N   . PHE A 1 86  ? 10.796  2.699   -5.232  1.00 4.91  ? 86   PHE A N   1 
ATOM   659  C CA  . PHE A 1 86  ? 11.530  1.810   -4.365  1.00 4.88  ? 86   PHE A CA  1 
ATOM   660  C C   . PHE A 1 86  ? 10.683  0.608   -4.005  1.00 5.91  ? 86   PHE A C   1 
ATOM   661  O O   . PHE A 1 86  ? 9.617   0.733   -3.369  1.00 5.70  ? 86   PHE A O   1 
ATOM   662  C CB  . PHE A 1 86  ? 11.951  2.540   -3.092  1.00 6.58  ? 86   PHE A CB  1 
ATOM   663  C CG  . PHE A 1 86  ? 12.846  1.727   -2.182  1.00 6.70  ? 86   PHE A CG  1 
ATOM   664  C CD1 . PHE A 1 86  ? 12.295  0.966   -1.180  1.00 6.48  ? 86   PHE A CD1 1 
ATOM   665  C CD2 . PHE A 1 86  ? 14.235  1.760   -2.291  1.00 7.49  ? 86   PHE A CD2 1 
ATOM   666  C CE1 . PHE A 1 86  ? 13.097  0.225   -0.344  1.00 9.32  ? 86   PHE A CE1 1 
ATOM   667  C CE2 . PHE A 1 86  ? 15.026  1.045   -1.425  1.00 10.17 ? 86   PHE A CE2 1 
ATOM   668  C CZ  . PHE A 1 86  ? 14.452  0.269   -0.463  1.00 9.35  ? 86   PHE A CZ  1 
ATOM   669  N N   . GLU A 1 87  ? 11.147  -0.590  -4.372  1.00 5.20  ? 87   GLU A N   1 
ATOM   670  C CA  . GLU A 1 87  ? 10.497  -1.878  -4.105  1.00 5.63  ? 87   GLU A CA  1 
ATOM   671  C C   . GLU A 1 87  ? 10.756  -2.256  -2.664  1.00 6.03  ? 87   GLU A C   1 
ATOM   672  O O   . GLU A 1 87  ? 11.900  -2.492  -2.259  1.00 7.65  ? 87   GLU A O   1 
ATOM   673  C CB  . GLU A 1 87  ? 11.040  -2.944  -5.045  1.00 5.67  ? 87   GLU A CB  1 
ATOM   674  C CG  . GLU A 1 87  ? 10.779  -2.676  -6.499  1.00 6.15  ? 87   GLU A CG  1 
ATOM   675  C CD  . GLU A 1 87  ? 11.648  -1.658  -7.233  1.00 5.76  ? 87   GLU A CD  1 
ATOM   676  O OE1 . GLU A 1 87  ? 12.656  -1.160  -6.633  1.00 5.31  ? 87   GLU A OE1 1 
ATOM   677  O OE2 . GLU A 1 87  ? 11.300  -1.342  -8.392  1.00 6.93  ? 87   GLU A OE2 1 
ATOM   678  N N   . VAL A 1 88  ? 9.699   -2.359  -1.867  1.00 5.46  ? 88   VAL A N   1 
ATOM   679  C CA  . VAL A 1 88  ? 9.766   -2.688  -0.467  1.00 5.80  ? 88   VAL A CA  1 
ATOM   680  C C   . VAL A 1 88  ? 9.775   -4.203  -0.245  1.00 6.65  ? 88   VAL A C   1 
ATOM   681  O O   . VAL A 1 88  ? 10.643  -4.737  0.462   1.00 8.01  ? 88   VAL A O   1 
ATOM   682  C CB  . VAL A 1 88  ? 8.594   -2.016  0.290   1.00 5.82  ? 88   VAL A CB  1 
ATOM   683  C CG1 . VAL A 1 88  ? 8.538   -2.487  1.749   1.00 7.83  ? 88   VAL A CG1 1 
ATOM   684  C CG2 . VAL A 1 88  ? 8.667   -0.517  0.205   1.00 7.38  ? 88   VAL A CG2 1 
ATOM   685  N N   . GLU A 1 89  ? 8.830   -4.915  -0.867  1.00 6.64  ? 89   GLU A N   1 
ATOM   686  C CA  . GLU A 1 89  ? 8.689   -6.357  -0.647  1.00 7.68  ? 89   GLU A CA  1 
ATOM   687  C C   . GLU A 1 89  ? 7.738   -6.926  -1.680  1.00 6.51  ? 89   GLU A C   1 
ATOM   688  O O   . GLU A 1 89  ? 6.889   -6.214  -2.175  1.00 7.18  ? 89   GLU A O   1 
ATOM   689  C CB  . GLU A 1 89  ? 8.068   -6.560  0.731   1.00 9.55  ? 89   GLU A CB  1 
ATOM   690  C CG  . GLU A 1 89  ? 8.041   -7.975  1.234   1.00 13.21 ? 89   GLU A CG  1 
ATOM   691  C CD  . GLU A 1 89  ? 9.334   -8.343  1.860   1.00 24.23 ? 89   GLU A CD  1 
ATOM   692  O OE1 . GLU A 1 89  ? 9.448   -8.143  3.082   1.00 30.51 ? 89   GLU A OE1 1 
ATOM   693  O OE2 . GLU A 1 89  ? 10.236  -8.760  1.113   1.00 32.96 ? 89   GLU A OE2 1 
ATOM   694  N N   . THR A 1 90  ? 7.916   -8.185  -2.051  1.00 7.67  ? 90   THR A N   1 
ATOM   695  C CA  . THR A 1 90  ? 6.894   -8.945  -2.790  1.00 7.76  ? 90   THR A CA  1 
ATOM   696  C C   . THR A 1 90  ? 6.289   -9.980  -1.848  1.00 7.79  ? 90   THR A C   1 
ATOM   697  O O   . THR A 1 90  ? 7.016   -10.745 -1.197  1.00 10.56 ? 90   THR A O   1 
ATOM   698  C CB  . THR A 1 90  ? 7.524   -9.585  -4.008  1.00 8.88  ? 90   THR A CB  1 
ATOM   699  O OG1 . THR A 1 90  ? 7.943   -8.533  -4.877  1.00 11.65 ? 90   THR A OG1 1 
ATOM   700  C CG2 . THR A 1 90  ? 6.507   -10.393 -4.784  1.00 10.25 ? 90   THR A CG2 1 
ATOM   701  N N   . ILE A 1 91  ? 4.975   -10.035 -1.774  1.00 7.91  ? 91   ILE A N   1 
ATOM   702  C CA  . ILE A 1 91  ? 4.245   -10.837 -0.793  1.00 8.55  ? 91   ILE A CA  1 
ATOM   703  C C   . ILE A 1 91  ? 3.514   -11.941 -1.538  1.00 7.42  ? 91   ILE A C   1 
ATOM   704  O O   . ILE A 1 91  ? 2.862   -11.741 -2.558  1.00 7.55  ? 91   ILE A O   1 
ATOM   705  C CB  . ILE A 1 91  ? 3.295   -9.947  -0.052  1.00 8.36  ? 91   ILE A CB  1 
ATOM   706  C CG1 . ILE A 1 91  ? 4.133   -8.955  0.791   1.00 11.07 ? 91   ILE A CG1 1 
ATOM   707  C CG2 . ILE A 1 91  ? 2.363   -10.779 0.831   1.00 8.76  ? 91   ILE A CG2 1 
ATOM   708  C CD1 . ILE A 1 91  ? 3.344   -7.887  1.505   1.00 11.80 ? 91   ILE A CD1 1 
ATOM   709  N N   . SER A 1 92  ? 3.690   -13.158 -1.039  1.00 8.18  ? 92   SER A N   1 
ATOM   710  C CA  . SER A 1 92  ? 3.083   -14.322 -1.652  1.00 8.80  ? 92   SER A CA  1 
ATOM   711  C C   . SER A 1 92  ? 1.572   -14.362 -1.495  1.00 7.31  ? 92   SER A C   1 
ATOM   712  O O   . SER A 1 92  ? 1.015   -13.710 -0.607  1.00 7.70  ? 92   SER A O   1 
ATOM   713  C CB  . SER A 1 92  ? 3.649   -15.596 -1.028  1.00 10.72 ? 92   SER A CB  1 
ATOM   714  O OG  . SER A 1 92  ? 5.022   -15.664 -1.305  1.00 17.90 ? 92   SER A OG  1 
ATOM   715  N N   . PRO A 1 93  ? 0.875   -15.160 -2.310  1.00 8.95  ? 93   PRO A N   1 
ATOM   716  C CA  . PRO A 1 93  ? -0.575  -15.224 -2.237  1.00 9.52  ? 93   PRO A CA  1 
ATOM   717  C C   . PRO A 1 93  ? -1.099  -15.728 -0.909  1.00 9.31  ? 93   PRO A C   1 
ATOM   718  O O   . PRO A 1 93  ? -0.456  -16.525 -0.239  1.00 8.80  ? 93   PRO A O   1 
ATOM   719  C CB  . PRO A 1 93  ? -0.941  -16.202 -3.343  1.00 10.84 ? 93   PRO A CB  1 
ATOM   720  C CG  . PRO A 1 93  ? 0.250   -16.392 -4.167  1.00 11.74 ? 93   PRO A CG  1 
ATOM   721  C CD  . PRO A 1 93  ? 1.412   -15.972 -3.413  1.00 9.58  ? 93   PRO A CD  1 
ATOM   722  N N   . SER A 1 94  ? -2.290  -15.241 -0.544  1.00 8.36  ? 94   SER A N   1 
ATOM   723  C CA  . SER A 1 94  ? -3.007  -15.750 0.639   1.00 9.12  ? 94   SER A CA  1 
ATOM   724  C C   . SER A 1 94  ? -4.478  -15.638 0.413   1.00 8.81  ? 94   SER A C   1 
ATOM   725  O O   . SER A 1 94  ? -4.971  -14.621 -0.053  1.00 9.49  ? 94   SER A O   1 
ATOM   726  C CB  . SER A 1 94  ? -2.663  -14.949 1.880   1.00 10.40 ? 94   SER A CB  1 
ATOM   727  O OG  . SER A 1 94  ? -3.359  -15.480 3.013   1.00 11.27 ? 94   SER A OG  1 
ATOM   728  N N   . ASP A 1 95  ? -5.224  -16.685 0.739   1.00 9.01  ? 95   ASP A N   1 
ATOM   729  C CA  . ASP A 1 95  ? -6.669  -16.723 0.620   1.00 9.32  ? 95   ASP A CA  1 
ATOM   730  C C   . ASP A 1 95  ? -7.373  -16.126 1.856   1.00 9.65  ? 95   ASP A C   1 
ATOM   731  O O   . ASP A 1 95  ? -8.590  -16.050 1.870   1.00 12.21 ? 95   ASP A O   1 
ATOM   732  C CB  . ASP A 1 95  ? -7.064  -18.206 0.458   1.00 10.48 ? 95   ASP A CB  1 
ATOM   733  C CG  . ASP A 1 95  ? -8.486  -18.431 0.052   1.00 11.51 ? 95   ASP A CG  1 
ATOM   734  O OD1 . ASP A 1 95  ? -9.026  -17.727 -0.796  1.00 12.05 ? 95   ASP A OD1 1 
ATOM   735  O OD2 . ASP A 1 95  ? -9.112  -19.410 0.550   1.00 13.36 ? 95   ASP A OD2 1 
ATOM   736  N N   . GLU A 1 96  ? -6.625  -15.744 2.871   1.00 10.12 ? 96   GLU A N   1 
ATOM   737  C CA  . GLU A 1 96  ? -7.159  -15.087 4.073   1.00 10.33 ? 96   GLU A CA  1 
ATOM   738  C C   . GLU A 1 96  ? -6.364  -13.802 4.329   1.00 9.51  ? 96   GLU A C   1 
ATOM   739  O O   . GLU A 1 96  ? -5.179  -13.718 3.953   1.00 10.89 ? 96   GLU A O   1 
ATOM   740  C CB  . GLU A 1 96  ? -6.961  -15.999 5.291   1.00 11.79 ? 96   GLU A CB  1 
ATOM   741  C CG  . GLU A 1 96  ? -7.575  -17.415 5.197   1.00 17.49 ? 96   GLU A CG  1 
ATOM   742  C CD  . GLU A 1 96  ? -9.102  -17.457 5.293   1.00 23.31 ? 96   GLU A CD  1 
ATOM   743  O OE1 . GLU A 1 96  ? -9.733  -16.553 5.918   1.00 25.30 ? 96   GLU A OE1 1 
ATOM   744  O OE2 . GLU A 1 96  ? -9.711  -18.435 4.749   1.00 25.23 ? 96   GLU A OE2 1 
ATOM   745  N N   . TYR A 1 97  ? -6.967  -12.829 4.995   1.00 8.56  ? 97   TYR A N   1 
ATOM   746  C CA  . TYR A 1 97  ? -6.221  -11.631 5.376   1.00 8.05  ? 97   TYR A CA  1 
ATOM   747  C C   . TYR A 1 97  ? -5.078  -11.982 6.291   1.00 8.27  ? 97   TYR A C   1 
ATOM   748  O O   . TYR A 1 97  ? -5.212  -12.807 7.195   1.00 8.74  ? 97   TYR A O   1 
ATOM   749  C CB  . TYR A 1 97  ? -7.107  -10.635 6.081   1.00 8.11  ? 97   TYR A CB  1 
ATOM   750  C CG  . TYR A 1 97  ? -7.996  -9.886  5.161   1.00 7.84  ? 97   TYR A CG  1 
ATOM   751  C CD1 . TYR A 1 97  ? -7.517  -8.823  4.409   1.00 8.58  ? 97   TYR A CD1 1 
ATOM   752  C CD2 . TYR A 1 97  ? -9.337  -10.244 5.003   1.00 9.77  ? 97   TYR A CD2 1 
ATOM   753  C CE1 . TYR A 1 97  ? -8.325  -8.131  3.573   1.00 8.97  ? 97   TYR A CE1 1 
ATOM   754  C CE2 . TYR A 1 97  ? -10.157 -9.542  4.154   1.00 10.14 ? 97   TYR A CE2 1 
ATOM   755  C CZ  . TYR A 1 97  ? -9.650  -8.446  3.447   1.00 9.21  ? 97   TYR A CZ  1 
ATOM   756  O OH  . TYR A 1 97  ? -10.481 -7.754  2.631   1.00 11.03 ? 97   TYR A OH  1 
ATOM   757  N N   . VAL A 1 98  ? -3.935  -11.352 6.048   1.00 7.90  ? 98   VAL A N   1 
ATOM   758  C CA  . VAL A 1 98  ? -2.729  -11.391 6.867   1.00 7.76  ? 98   VAL A CA  1 
ATOM   759  C C   . VAL A 1 98  ? -2.296  -9.972  7.183   1.00 7.62  ? 98   VAL A C   1 
ATOM   760  O O   . VAL A 1 98  ? -2.379  -9.114  6.321   1.00 7.30  ? 98   VAL A O   1 
ATOM   761  C CB  . VAL A 1 98  ? -1.595  -12.075 6.103   1.00 8.32  ? 98   VAL A CB  1 
ATOM   762  C CG1 . VAL A 1 98  ? -0.237  -12.077 6.866   1.00 9.26  ? 98   VAL A CG1 1 
ATOM   763  C CG2 . VAL A 1 98  ? -1.999  -13.501 5.733   1.00 10.89 ? 98   VAL A CG2 1 
ATOM   764  N N   . THR A 1 99  ? -1.862  -9.712  8.415   1.00 7.45  ? 99   THR A N   1 
ATOM   765  C CA  . THR A 1 99  ? -1.251  -8.430  8.799   1.00 7.61  ? 99   THR A CA  1 
ATOM   766  C C   . THR A 1 99  ? 0.206   -8.404  8.463   1.00 7.96  ? 99   THR A C   1 
ATOM   767  O O   . THR A 1 99  ? 0.978   -9.312  8.852   1.00 9.10  ? 99   THR A O   1 
ATOM   768  C CB  . THR A 1 99  ? -1.439  -8.173  10.285  1.00 8.26  ? 99   THR A CB  1 
ATOM   769  O OG1 . THR A 1 99  ? -2.851  -8.194  10.581  1.00 8.87  ? 99   THR A OG1 1 
ATOM   770  C CG2 . THR A 1 99  ? -0.941  -6.812  10.666  1.00 9.10  ? 99   THR A CG2 1 
ATOM   771  N N   . TYR A 1 100 ? 0.622   -7.384  7.720   1.00 6.38  ? 100  TYR A N   1 
ATOM   772  C CA  . TYR A 1 100 ? 2.019   -7.146  7.385   1.00 6.14  ? 100  TYR A CA  1 
ATOM   773  C C   . TYR A 1 100 ? 2.477   -5.875  8.034   1.00 6.07  ? 100  TYR A C   1 
ATOM   774  O O   . TYR A 1 100 ? 1.705   -4.892  8.085   1.00 6.71  ? 100  TYR A O   1 
ATOM   775  C CB  . TYR A 1 100 ? 2.165   -7.026  5.867   1.00 6.79  ? 100  TYR A CB  1 
ATOM   776  C CG  . TYR A 1 100 ? 1.767   -8.287  5.188   1.00 7.13  ? 100  TYR A CG  1 
ATOM   777  C CD1 . TYR A 1 100 ? 2.639   -9.346  5.087   1.00 8.95  ? 100  TYR A CD1 1 
ATOM   778  C CD2 . TYR A 1 100 ? 0.500   -8.454  4.651   1.00 8.40  ? 100  TYR A CD2 1 
ATOM   779  C CE1 . TYR A 1 100 ? 2.244   -10.564 4.466   1.00 8.29  ? 100  TYR A CE1 1 
ATOM   780  C CE2 . TYR A 1 100 ? 0.121   -9.652  4.053   1.00 8.31  ? 100  TYR A CE2 1 
ATOM   781  C CZ  . TYR A 1 100 ? 1.003   -10.672 3.946   1.00 7.37  ? 100  TYR A CZ  1 
ATOM   782  O OH  . TYR A 1 100 ? 0.594   -11.860 3.378   1.00 8.87  ? 100  TYR A OH  1 
ATOM   783  N N   . ILE A 1 101 ? 3.716   -5.849  8.504   1.00 6.13  ? 101  ILE A N   1 
ATOM   784  C CA  . ILE A 1 101 ? 4.344   -4.632  9.004   1.00 6.20  ? 101  ILE A CA  1 
ATOM   785  C C   . ILE A 1 101 ? 5.746   -4.583  8.388   1.00 5.87  ? 101  ILE A C   1 
ATOM   786  O O   . ILE A 1 101 ? 6.568   -5.428  8.696   1.00 6.74  ? 101  ILE A O   1 
ATOM   787  C CB  . ILE A 1 101 ? 4.408   -4.547  10.538  1.00 6.72  ? 101  ILE A CB  1 
ATOM   788  C CG1 . ILE A 1 101 ? 3.041   -4.800  11.184  1.00 6.87  ? 101  ILE A CG1 1 
ATOM   789  C CG2 . ILE A 1 101 ? 4.890   -3.156  10.923  1.00 7.74  ? 101  ILE A CG2 1 
ATOM   790  C CD1 . ILE A 1 101 ? 3.077   -4.793  12.713  1.00 9.01  ? 101  ILE A CD1 1 
ATOM   791  N N   . LEU A 1 102 ? 5.964   -3.661  7.464   1.00 5.70  ? 102  LEU A N   1 
ATOM   792  C CA  . LEU A 1 102 ? 7.155   -3.656  6.609   1.00 6.51  ? 102  LEU A CA  1 
ATOM   793  C C   . LEU A 1 102 ? 7.962   -2.398  6.839   1.00 6.18  ? 102  LEU A C   1 
ATOM   794  O O   . LEU A 1 102 ? 7.453   -1.273  6.738   1.00 6.54  ? 102  LEU A O   1 
ATOM   795  C CB  . LEU A 1 102 ? 6.737   -3.675  5.158   1.00 7.06  ? 102  LEU A CB  1 
ATOM   796  C CG  . LEU A 1 102 ? 5.787   -4.771  4.729   1.00 8.51  ? 102  LEU A CG  1 
ATOM   797  C CD1 . LEU A 1 102 ? 5.418   -4.637  3.256   1.00 10.43 ? 102  LEU A CD1 1 
ATOM   798  C CD2 . LEU A 1 102 ? 6.347   -6.139  4.990   1.00 11.16 ? 102  LEU A CD2 1 
ATOM   799  N N   . ASP A 1 103 ? 9.249   -2.547  7.089   1.00 6.02  ? 103  ASP A N   1 
ATOM   800  C CA  . ASP A 1 103 ? 10.173  -1.425  7.129   1.00 6.18  ? 103  ASP A CA  1 
ATOM   801  C C   . ASP A 1 103 ? 10.329  -0.815  5.728   1.00 6.80  ? 103  ASP A C   1 
ATOM   802  O O   . ASP A 1 103 ? 10.509  -1.541  4.734   1.00 7.36  ? 103  ASP A O   1 
ATOM   803  C CB  . ASP A 1 103 ? 11.550  -1.880  7.656   1.00 7.31  ? 103  ASP A CB  1 
ATOM   804  C CG  . ASP A 1 103 ? 11.540  -2.106  9.133   1.00 8.34  ? 103  ASP A CG  1 
ATOM   805  O OD1 . ASP A 1 103 ? 11.176  -1.164  9.873   1.00 8.93  ? 103  ASP A OD1 1 
ATOM   806  O OD2 . ASP A 1 103 ? 11.909  -3.203  9.601   1.00 12.43 ? 103  ASP A OD2 1 
ATOM   807  N N   . VAL A 1 104 ? 10.375  0.511   5.683   1.00 5.85  ? 104  VAL A N   1 
ATOM   808  C CA  . VAL A 1 104 ? 10.607  1.232   4.449   1.00 5.75  ? 104  VAL A CA  1 
ATOM   809  C C   . VAL A 1 104 ? 11.969  1.839   4.463   1.00 5.96  ? 104  VAL A C   1 
ATOM   810  O O   . VAL A 1 104 ? 12.239  2.744   5.226   1.00 7.21  ? 104  VAL A O   1 
ATOM   811  C CB  . VAL A 1 104 ? 9.536   2.315   4.200   1.00 6.27  ? 104  VAL A CB  1 
ATOM   812  C CG1 . VAL A 1 104 ? 9.869   3.056   2.931   1.00 6.60  ? 104  VAL A CG1 1 
ATOM   813  C CG2 . VAL A 1 104 ? 8.125   1.723   4.095   1.00 7.06  ? 104  VAL A CG2 1 
ATOM   814  N N   . ASP A 1 105 ? 12.859  1.320   3.624   1.00 6.70  ? 105  ASP A N   1 
ATOM   815  C CA  . ASP A 1 105 ? 14.273  1.652   3.681   1.00 8.00  ? 105  ASP A CA  1 
ATOM   816  C C   . ASP A 1 105 ? 14.690  2.649   2.610   1.00 8.96  ? 105  ASP A C   1 
ATOM   817  O O   . ASP A 1 105 ? 15.871  2.976   2.504   1.00 10.81 ? 105  ASP A O   1 
ATOM   818  C CB  . ASP A 1 105 ? 15.131  0.400   3.507   1.00 9.65  ? 105  ASP A CB  1 
ATOM   819  C CG  . ASP A 1 105 ? 15.049  -0.578  4.638   1.00 13.82 ? 105  ASP A CG  1 
ATOM   820  O OD1 . ASP A 1 105 ? 14.636  -0.246  5.749   1.00 14.73 ? 105  ASP A OD1 1 
ATOM   821  O OD2 . ASP A 1 105 ? 15.440  -1.748  4.440   1.00 20.86 ? 105  ASP A OD2 1 
ATOM   822  N N   . PHE A 1 106 ? 13.754  3.176   1.838   1.00 7.28  ? 106  PHE A N   1 
ATOM   823  C CA  . PHE A 1 106 ? 14.017  4.156   0.792   1.00 6.95  ? 106  PHE A CA  1 
ATOM   824  C C   . PHE A 1 106 ? 14.730  5.368   1.387   1.00 7.37  ? 106  PHE A C   1 
ATOM   825  O O   . PHE A 1 106 ? 14.405  5.810   2.497   1.00 7.28  ? 106  PHE A O   1 
ATOM   826  C CB  . PHE A 1 106 ? 12.647  4.551   0.276   1.00 7.11  ? 106  PHE A CB  1 
ATOM   827  C CG  . PHE A 1 106 ? 12.579  5.437   -0.969  1.00 8.04  ? 106  PHE A CG  1 
ATOM   828  C CD1 . PHE A 1 106 ? 13.524  5.463   -1.950  1.00 9.40  ? 106  PHE A CD1 1 
ATOM   829  C CD2 . PHE A 1 106 ? 11.434  6.187   -1.185  1.00 8.14  ? 106  PHE A CD2 1 
ATOM   830  C CE1 . PHE A 1 106 ? 13.275  6.245   -3.130  1.00 9.31  ? 106  PHE A CE1 1 
ATOM   831  C CE2 . PHE A 1 106 ? 11.237  6.930   -2.328  1.00 9.20  ? 106  PHE A CE2 1 
ATOM   832  C CZ  . PHE A 1 106 ? 12.151  6.952   -3.268  1.00 9.71  ? 106  PHE A CZ  1 
ATOM   833  N N   . ASP A 1 107 ? 15.693  5.936   0.668   1.00 7.28  ? 107  ASP A N   1 
ATOM   834  C CA  . ASP A 1 107 ? 16.488  7.028   1.205   1.00 7.35  ? 107  ASP A CA  1 
ATOM   835  C C   . ASP A 1 107 ? 15.878  8.396   0.961   1.00 6.70  ? 107  ASP A C   1 
ATOM   836  O O   . ASP A 1 107 ? 16.456  9.382   1.439   1.00 8.83  ? 107  ASP A O   1 
ATOM   837  C CB  . ASP A 1 107 ? 17.959  6.935   0.723   1.00 7.87  ? 107  ASP A CB  1 
ATOM   838  C CG  A ASP A 1 107 ? 18.146  7.516   -0.659  0.50 5.91  ? 107  ASP A CG  1 
ATOM   839  C CG  B ASP A 1 107 ? 18.674  5.842   1.467   0.50 11.85 ? 107  ASP A CG  1 
ATOM   840  O OD1 A ASP A 1 107 ? 17.261  7.403   -1.515  0.50 5.08  ? 107  ASP A OD1 1 
ATOM   841  O OD1 B ASP A 1 107 ? 18.033  5.016   2.159   0.50 14.80 ? 107  ASP A OD1 1 
ATOM   842  O OD2 A ASP A 1 107 ? 19.232  8.031   -1.052  0.50 7.41  ? 107  ASP A OD2 1 
ATOM   843  O OD2 B ASP A 1 107 ? 19.908  5.705   1.397   0.50 18.76 ? 107  ASP A OD2 1 
ATOM   844  N N   . LEU A 1 108 ? 14.713  8.460   0.314   1.00 5.64  ? 108  LEU A N   1 
ATOM   845  C CA  . LEU A 1 108 ? 13.984  9.706   0.056   1.00 5.69  ? 108  LEU A CA  1 
ATOM   846  C C   . LEU A 1 108 ? 12.665  9.660   0.806   1.00 5.80  ? 108  LEU A C   1 
ATOM   847  O O   . LEU A 1 108 ? 12.118  8.572   1.040   1.00 5.45  ? 108  LEU A O   1 
ATOM   848  C CB  . LEU A 1 108 ? 13.637  9.924   -1.422  1.00 5.71  ? 108  LEU A CB  1 
ATOM   849  C CG  . LEU A 1 108 ? 14.832  9.936   -2.381  1.00 6.28  ? 108  LEU A CG  1 
ATOM   850  C CD1 . LEU A 1 108 ? 14.344  10.284  -3.774  1.00 7.88  ? 108  LEU A CD1 1 
ATOM   851  C CD2 . LEU A 1 108 ? 15.926  10.953  -1.943  1.00 7.34  ? 108  LEU A CD2 1 
ATOM   852  N N   . PRO A 1 109 ? 12.068  10.817  1.055   1.00 4.82  ? 109  PRO A N   1 
ATOM   853  C CA  . PRO A 1 109 ? 10.653  10.810  1.480   1.00 5.45  ? 109  PRO A CA  1 
ATOM   854  C C   . PRO A 1 109 ? 9.804   10.174  0.413   1.00 5.91  ? 109  PRO A C   1 
ATOM   855  O O   . PRO A 1 109 ? 10.160  10.166  -0.764  1.00 5.75  ? 109  PRO A O   1 
ATOM   856  C CB  . PRO A 1 109 ? 10.315  12.310  1.662   1.00 6.34  ? 109  PRO A CB  1 
ATOM   857  C CG  . PRO A 1 109 ? 11.684  13.003  1.804   1.00 6.48  ? 109  PRO A CG  1 
ATOM   858  C CD  . PRO A 1 109 ? 12.573  12.200  0.897   1.00 5.30  ? 109  PRO A CD  1 
ATOM   859  N N   . PHE A 1 110 ? 8.629   9.704   0.782   1.00 5.87  ? 110  PHE A N   1 
ATOM   860  C CA  . PHE A 1 110 ? 7.687   9.116   -0.178  1.00 5.05  ? 110  PHE A CA  1 
ATOM   861  C C   . PHE A 1 110 ? 6.290   9.684   -0.022  1.00 4.47  ? 110  PHE A C   1 
ATOM   862  O O   . PHE A 1 110 ? 5.761   9.847   1.084   1.00 5.66  ? 110  PHE A O   1 
ATOM   863  C CB  . PHE A 1 110 ? 7.671   7.580   -0.136  1.00 4.80  ? 110  PHE A CB  1 
ATOM   864  C CG  . PHE A 1 110 ? 7.283   6.952   1.175   1.00 5.26  ? 110  PHE A CG  1 
ATOM   865  C CD1 . PHE A 1 110 ? 8.216   6.742   2.193   1.00 6.24  ? 110  PHE A CD1 1 
ATOM   866  C CD2 . PHE A 1 110 ? 6.008   6.456   1.372   1.00 5.05  ? 110  PHE A CD2 1 
ATOM   867  C CE1 . PHE A 1 110 ? 7.870   6.107   3.347   1.00 7.10  ? 110  PHE A CE1 1 
ATOM   868  C CE2 . PHE A 1 110 ? 5.645   5.827   2.598   1.00 7.20  ? 110  PHE A CE2 1 
ATOM   869  C CZ  . PHE A 1 110 ? 6.600   5.649   3.544   1.00 6.44  ? 110  PHE A CZ  1 
ATOM   870  N N   . ASP A 1 111 ? 5.683   9.935   -1.161  1.00 5.32  ? 111  ASP A N   1 
ATOM   871  C CA  . ASP A 1 111 ? 4.313   10.436  -1.261  1.00 4.79  ? 111  ASP A CA  1 
ATOM   872  C C   . ASP A 1 111 ? 3.425   9.507   -2.076  1.00 5.59  ? 111  ASP A C   1 
ATOM   873  O O   . ASP A 1 111 ? 2.256   9.841   -2.293  1.00 6.49  ? 111  ASP A O   1 
ATOM   874  C CB  . ASP A 1 111 ? 4.232   11.887  -1.766  1.00 6.48  ? 111  ASP A CB  1 
ATOM   875  C CG  . ASP A 1 111 ? 4.743   12.080  -3.083  1.00 7.80  ? 111  ASP A CG  1 
ATOM   876  O OD1 . ASP A 1 111 ? 5.418   11.233  -3.640  1.00 10.90 ? 111  ASP A OD1 1 
ATOM   877  O OD2 . ASP A 1 111 ? 4.519   13.212  -3.628  1.00 12.53 ? 111  ASP A OD2 1 
ATOM   878  N N   . ARG A 1 112 ? 3.912   8.342   -2.498  1.00 4.81  ? 112  ARG A N   1 
ATOM   879  C CA  . ARG A 1 112 ? 3.083   7.363   -3.155  1.00 4.52  ? 112  ARG A CA  1 
ATOM   880  C C   . ARG A 1 112 ? 3.336   6.015   -2.499  1.00 4.14  ? 112  ARG A C   1 
ATOM   881  O O   . ARG A 1 112 ? 4.494   5.641   -2.229  1.00 4.43  ? 112  ARG A O   1 
ATOM   882  C CB  . ARG A 1 112 ? 3.375   7.276   -4.661  1.00 5.38  ? 112  ARG A CB  1 
ATOM   883  C CG  . ARG A 1 112 ? 3.094   8.524   -5.425  1.00 6.59  ? 112  ARG A CG  1 
ATOM   884  C CD  . ARG A 1 112 ? 3.511   8.471   -6.898  1.00 6.85  ? 112  ARG A CD  1 
ATOM   885  N NE  . ARG A 1 112 ? 2.810   7.427   -7.610  1.00 7.15  ? 112  ARG A NE  1 
ATOM   886  C CZ  . ARG A 1 112 ? 2.966   7.151   -8.908  1.00 9.12  ? 112  ARG A CZ  1 
ATOM   887  N NH1 . ARG A 1 112 ? 3.805   7.857   -9.678  1.00 9.26  ? 112  ARG A NH1 1 
ATOM   888  N NH2 . ARG A 1 112 ? 2.293   6.133   -9.421  1.00 8.27  ? 112  ARG A NH2 1 
ATOM   889  N N   . ILE A 1 113 ? 2.254   5.248   -2.282  1.00 5.02  ? 113  ILE A N   1 
ATOM   890  C CA  . ILE A 1 113 ? 2.310   3.884   -1.778  1.00 4.76  ? 113  ILE A CA  1 
ATOM   891  C C   . ILE A 1 113 ? 1.556   2.984   -2.784  1.00 4.58  ? 113  ILE A C   1 
ATOM   892  O O   . ILE A 1 113 ? 0.366   3.252   -3.090  1.00 4.77  ? 113  ILE A O   1 
ATOM   893  C CB  . ILE A 1 113 ? 1.648   3.788   -0.358  1.00 4.35  ? 113  ILE A CB  1 
ATOM   894  C CG1 . ILE A 1 113 ? 2.354   4.698   0.650   1.00 5.84  ? 113  ILE A CG1 1 
ATOM   895  C CG2 . ILE A 1 113 ? 1.608   2.387   0.122   1.00 6.08  ? 113  ILE A CG2 1 
ATOM   896  C CD1 . ILE A 1 113 ? 1.526   5.020   1.892   1.00 7.26  ? 113  ILE A CD1 1 
ATOM   897  N N   . ASP A 1 114 ? 2.237   1.973   -3.275  1.00 4.69  ? 114  ASP A N   1 
ATOM   898  C CA  . ASP A 1 114 ? 1.747   1.169   -4.406  1.00 4.79  ? 114  ASP A CA  1 
ATOM   899  C C   . ASP A 1 114 ? 1.561   -0.276  -3.986  1.00 4.67  ? 114  ASP A C   1 
ATOM   900  O O   . ASP A 1 114 ? 2.414   -0.857  -3.303  1.00 4.83  ? 114  ASP A O   1 
ATOM   901  C CB  . ASP A 1 114 ? 2.783   1.137   -5.543  1.00 5.06  ? 114  ASP A CB  1 
ATOM   902  C CG  . ASP A 1 114 ? 3.164   2.477   -6.089  1.00 5.62  ? 114  ASP A CG  1 
ATOM   903  O OD1 . ASP A 1 114 ? 2.516   3.504   -5.799  1.00 6.91  ? 114  ASP A OD1 1 
ATOM   904  O OD2 . ASP A 1 114 ? 4.173   2.517   -6.857  1.00 7.10  ? 114  ASP A OD2 1 
ATOM   905  N N   . PHE A 1 115 ? 0.452   -0.863  -4.471  1.00 4.46  ? 115  PHE A N   1 
ATOM   906  C CA  . PHE A 1 115 ? 0.181   -2.302  -4.329  1.00 4.53  ? 115  PHE A CA  1 
ATOM   907  C C   . PHE A 1 115 ? -0.054  -2.847  -5.746  1.00 5.08  ? 115  PHE A C   1 
ATOM   908  O O   . PHE A 1 115 ? -1.035  -2.448  -6.378  1.00 5.70  ? 115  PHE A O   1 
ATOM   909  C CB  . PHE A 1 115 ? -1.084  -2.538  -3.472  1.00 5.85  ? 115  PHE A CB  1 
ATOM   910  C CG  . PHE A 1 115 ? -1.000  -1.983  -2.081  1.00 6.43  ? 115  PHE A CG  1 
ATOM   911  C CD1 . PHE A 1 115 ? -1.267  -0.660  -1.834  1.00 8.69  ? 115  PHE A CD1 1 
ATOM   912  C CD2 . PHE A 1 115 ? -0.669  -2.778  -1.036  1.00 9.75  ? 115  PHE A CD2 1 
ATOM   913  C CE1 . PHE A 1 115 ? -1.174  -0.153  -0.503  1.00 8.85  ? 115  PHE A CE1 1 
ATOM   914  C CE2 . PHE A 1 115 ? -0.595  -2.235  0.289   1.00 10.53 ? 115  PHE A CE2 1 
ATOM   915  C CZ  . PHE A 1 115 ? -0.840  -0.937  0.488   1.00 9.72  ? 115  PHE A CZ  1 
ATOM   916  N N   . GLN A 1 116 ? 0.872   -3.649  -6.256  1.00 4.48  ? 116  GLN A N   1 
ATOM   917  C CA  . GLN A 1 116 ? 0.907   -4.018  -7.659  1.00 4.41  ? 116  GLN A CA  1 
ATOM   918  C C   . GLN A 1 116 ? 0.741   -5.542  -7.860  1.00 5.46  ? 116  GLN A C   1 
ATOM   919  O O   . GLN A 1 116 ? 1.310   -6.373  -7.165  1.00 5.30  ? 116  GLN A O   1 
ATOM   920  C CB  . GLN A 1 116 ? 2.243   -3.568  -8.237  1.00 5.28  ? 116  GLN A CB  1 
ATOM   921  C CG  . GLN A 1 116 ? 2.422   -3.972  -9.703  1.00 5.00  ? 116  GLN A CG  1 
ATOM   922  C CD  . GLN A 1 116 ? 3.612   -3.367  -10.359 1.00 6.02  ? 116  GLN A CD  1 
ATOM   923  O OE1 . GLN A 1 116 ? 4.635   -3.176  -9.668  1.00 7.48  ? 116  GLN A OE1 1 
ATOM   924  N NE2 . GLN A 1 116 ? 3.514   -3.056  -11.637 1.00 6.76  ? 116  GLN A NE2 1 
ATOM   925  N N   . ASP A 1 117 ? 0.019   -5.854  -8.927  1.00 5.39  ? 117  ASP A N   1 
ATOM   926  C CA  . ASP A 1 117 ? -0.142  -7.206  -9.452  1.00 5.62  ? 117  ASP A CA  1 
ATOM   927  C C   . ASP A 1 117 ? 1.144   -7.626  -10.186 1.00 5.53  ? 117  ASP A C   1 
ATOM   928  O O   . ASP A 1 117 ? 1.228   -7.535  -11.388 1.00 6.57  ? 117  ASP A O   1 
ATOM   929  C CB  . ASP A 1 117 ? -1.349  -7.259  -10.405 1.00 6.90  ? 117  ASP A CB  1 
ATOM   930  C CG  . ASP A 1 117 ? -1.574  -8.611  -10.973 1.00 6.82  ? 117  ASP A CG  1 
ATOM   931  O OD1 . ASP A 1 117 ? -1.155  -9.618  -10.356 1.00 8.11  ? 117  ASP A OD1 1 
ATOM   932  O OD2 . ASP A 1 117 ? -2.171  -8.721  -12.072 1.00 6.93  ? 117  ASP A OD2 1 
ATOM   933  N N   . ALA A 1 118 ? 2.111   -8.093  -9.426  1.00 8.06  ? 118  ALA A N   1 
ATOM   934  C CA  . ALA A 1 118 ? 3.440   -8.384  -9.947  1.00 7.78  ? 118  ALA A CA  1 
ATOM   935  C C   . ALA A 1 118 ? 3.492   -9.387  -11.089 1.00 7.10  ? 118  ALA A C   1 
ATOM   936  O O   . ALA A 1 118 ? 4.258   -9.158  -12.047 1.00 7.52  ? 118  ALA A O   1 
ATOM   937  C CB  . ALA A 1 118 ? 4.361   -8.811  -8.813  1.00 9.36  ? 118  ALA A CB  1 
ATOM   938  N N   . PRO A 1 119 ? 2.712   -10.459 -11.028 1.00 7.44  ? 119  PRO A N   1 
ATOM   939  C CA  . PRO A 1 119 ? 2.733   -11.425 -12.138 1.00 8.46  ? 119  PRO A CA  1 
ATOM   940  C C   . PRO A 1 119 ? 2.015   -10.949 -13.364 1.00 8.01  ? 119  PRO A C   1 
ATOM   941  O O   . PRO A 1 119 ? 2.200   -11.539 -14.421 1.00 8.02  ? 119  PRO A O   1 
ATOM   942  C CB  . PRO A 1 119 ? 2.044   -12.654 -11.546 1.00 9.82  ? 119  PRO A CB  1 
ATOM   943  C CG  . PRO A 1 119 ? 2.013   -12.489 -10.058 1.00 11.21 ? 119  PRO A CG  1 
ATOM   944  C CD  . PRO A 1 119 ? 1.939   -10.998 -9.900  1.00 8.76  ? 119  PRO A CD  1 
ATOM   945  N N   . GLY A 1 120 ? 1.121   -9.961  -13.248 1.00 7.23  ? 120  GLY A N   1 
ATOM   946  C CA  . GLY A 1 120 ? 0.368   -9.470  -14.371 1.00 7.90  ? 120  GLY A CA  1 
ATOM   947  C C   . GLY A 1 120 ? -0.663  -10.434 -14.917 1.00 7.99  ? 120  GLY A C   1 
ATOM   948  O O   . GLY A 1 120 ? -1.029  -10.295 -16.098 1.00 9.57  ? 120  GLY A O   1 
ATOM   949  N N   . ASN A 1 121 ? -1.146  -11.333 -14.094 1.00 9.34  ? 121  ASN A N   1 
ATOM   950  C CA  . ASN A 1 121 ? -2.178  -12.288 -14.515 1.00 9.90  ? 121  ASN A CA  1 
ATOM   951  C C   . ASN A 1 121 ? -3.572  -11.831 -14.154 1.00 9.85  ? 121  ASN A C   1 
ATOM   952  O O   . ASN A 1 121 ? -4.529  -12.521 -14.519 1.00 11.39 ? 121  ASN A O   1 
ATOM   953  C CB  . ASN A 1 121 ? -1.900  -13.696 -14.000 1.00 12.33 ? 121  ASN A CB  1 
ATOM   954  C CG  . ASN A 1 121 ? -0.560  -14.233 -14.478 1.00 13.66 ? 121  ASN A CG  1 
ATOM   955  O OD1 . ASN A 1 121 ? -0.214  -14.034 -15.627 1.00 16.53 ? 121  ASN A OD1 1 
ATOM   956  N ND2 . ASN A 1 121 ? 0.160   -14.894 -13.618 1.00 17.56 ? 121  ASN A ND2 1 
ATOM   957  N N   . GLY A 1 122 ? -3.761  -10.687 -13.480 1.00 8.65  ? 122  GLY A N   1 
ATOM   958  C CA  . GLY A 1 122 ? -5.103  -10.212 -13.157 1.00 9.41  ? 122  GLY A CA  1 
ATOM   959  C C   . GLY A 1 122 ? -5.625  -10.644 -11.814 1.00 9.40  ? 122  GLY A C   1 
ATOM   960  O O   . GLY A 1 122 ? -6.825  -10.480 -11.537 1.00 11.07 ? 122  GLY A O   1 
ATOM   961  N N   . ASP A 1 123 ? -4.759  -11.170 -10.963 1.00 8.94  ? 123  ASP A N   1 
ATOM   962  C CA  . ASP A 1 123 ? -5.146  -11.600 -9.627  1.00 9.35  ? 123  ASP A CA  1 
ATOM   963  C C   . ASP A 1 123 ? -5.574  -10.403 -8.747  1.00 8.66  ? 123  ASP A C   1 
ATOM   964  O O   . ASP A 1 123 ? -4.935  -9.369  -8.733  1.00 8.48  ? 123  ASP A O   1 
ATOM   965  C CB  . ASP A 1 123 ? -3.966  -12.287 -8.969  1.00 10.02 ? 123  ASP A CB  1 
ATOM   966  C CG  . ASP A 1 123 ? -3.614  -13.630 -9.575  1.00 12.21 ? 123  ASP A CG  1 
ATOM   967  O OD1 . ASP A 1 123 ? -4.565  -14.381 -9.948  1.00 16.03 ? 123  ASP A OD1 1 
ATOM   968  O OD2 . ASP A 1 123 ? -2.405  -13.961 -9.691  1.00 14.42 ? 123  ASP A OD2 1 
ATOM   969  N N   . ARG A 1 124 ? -6.653  -10.575 -7.988  1.00 9.24  ? 124  ARG A N   1 
ATOM   970  C CA  . ARG A 1 124 ? -7.236  -9.508  -7.192  1.00 9.47  ? 124  ARG A CA  1 
ATOM   971  C C   . ARG A 1 124 ? -6.528  -9.345  -5.846  1.00 7.75  ? 124  ARG A C   1 
ATOM   972  O O   . ARG A 1 124 ? -5.875  -10.283 -5.358  1.00 7.66  ? 124  ARG A O   1 
ATOM   973  C CB  . ARG A 1 124 ? -8.710  -9.759  -6.973  1.00 10.84 ? 124  ARG A CB  1 
ATOM   974  C CG  . ARG A 1 124 ? -9.536  -9.534  -8.196  1.00 14.96 ? 124  ARG A CG  1 
ATOM   975  C CD  . ARG A 1 124 ? -11.012 -9.784  -7.935  1.00 17.46 ? 124  ARG A CD  1 
ATOM   976  N NE  . ARG A 1 124 ? -11.177 -11.176 -7.573  1.00 21.34 ? 124  ARG A NE  1 
ATOM   977  C CZ  . ARG A 1 124 ? -12.270 -11.698 -7.031  1.00 21.85 ? 124  ARG A CZ  1 
ATOM   978  N NH1 . ARG A 1 124 ? -13.335 -10.932 -6.782  1.00 20.84 ? 124  ARG A NH1 1 
ATOM   979  N NH2 . ARG A 1 124 ? -12.292 -12.990 -6.730  1.00 22.64 ? 124  ARG A NH2 1 
ATOM   980  N N   . ILE A 1 125 ? -6.604  -8.138  -5.317  1.00 7.46  ? 125  ILE A N   1 
ATOM   981  C CA  . ILE A 1 125 ? -5.935  -7.745  -4.089  1.00 7.58  ? 125  ILE A CA  1 
ATOM   982  C C   . ILE A 1 125 ? -6.956  -7.041  -3.198  1.00 6.55  ? 125  ILE A C   1 
ATOM   983  O O   . ILE A 1 125 ? -7.712  -6.195  -3.669  1.00 7.72  ? 125  ILE A O   1 
ATOM   984  C CB  . ILE A 1 125 ? -4.756  -6.792  -4.385  1.00 7.66  ? 125  ILE A CB  1 
ATOM   985  C CG1 . ILE A 1 125 ? -3.834  -7.354  -5.467  1.00 8.16  ? 125  ILE A CG1 1 
ATOM   986  C CG2 . ILE A 1 125 ? -4.003  -6.463  -3.107  1.00 7.51  ? 125  ILE A CG2 1 
ATOM   987  C CD1 . ILE A 1 125 ? -2.816  -6.345  -5.990  1.00 8.10  ? 125  ILE A CD1 1 
ATOM   988  N N   . TRP A 1 126 ? -6.975  -7.404  -1.915  1.00 6.39  ? 126  TRP A N   1 
ATOM   989  C CA  . TRP A 1 126 ? -7.849  -6.782  -0.934  1.00 6.51  ? 126  TRP A CA  1 
ATOM   990  C C   . TRP A 1 126 ? -7.008  -6.177  0.173   1.00 6.53  ? 126  TRP A C   1 
ATOM   991  O O   . TRP A 1 126 ? -6.155  -6.874  0.723   1.00 6.70  ? 126  TRP A O   1 
ATOM   992  C CB  . TRP A 1 126 ? -8.778  -7.800  -0.270  1.00 7.44  ? 126  TRP A CB  1 
ATOM   993  C CG  . TRP A 1 126 ? -9.822  -8.473  -1.100  1.00 8.31  ? 126  TRP A CG  1 
ATOM   994  C CD1 . TRP A 1 126 ? -11.158 -8.242  -1.044  1.00 10.01 ? 126  TRP A CD1 1 
ATOM   995  C CD2 . TRP A 1 126 ? -9.637  -9.528  -2.065  1.00 9.14  ? 126  TRP A CD2 1 
ATOM   996  N NE1 . TRP A 1 126 ? -11.817 -9.109  -1.880  1.00 10.34 ? 126  TRP A NE1 1 
ATOM   997  C CE2 . TRP A 1 126 ? -10.920 -9.882  -2.549  1.00 9.59  ? 126  TRP A CE2 1 
ATOM   998  C CE3 . TRP A 1 126 ? -8.527  -10.232 -2.537  1.00 10.52 ? 126  TRP A CE3 1 
ATOM   999  C CZ2 . TRP A 1 126 ? -11.126 -10.914 -3.472  1.00 12.29 ? 126  TRP A CZ2 1 
ATOM   1000 C CZ3 . TRP A 1 126 ? -8.721  -11.257 -3.497  1.00 11.48 ? 126  TRP A CZ3 1 
ATOM   1001 C CH2 . TRP A 1 126 ? -10.026 -11.582 -3.943  1.00 12.41 ? 126  TRP A CH2 1 
ATOM   1002 N N   . ILE A 1 127 ? -7.257  -4.918  0.522   1.00 6.57  ? 127  ILE A N   1 
ATOM   1003 C CA  . ILE A 1 127 ? -6.476  -4.202  1.525   1.00 7.27  ? 127  ILE A CA  1 
ATOM   1004 C C   . ILE A 1 127 ? -7.375  -3.560  2.545   1.00 6.36  ? 127  ILE A C   1 
ATOM   1005 O O   . ILE A 1 127 ? -8.370  -2.921  2.191   1.00 7.14  ? 127  ILE A O   1 
ATOM   1006 C CB  . ILE A 1 127 ? -5.599  -3.095  0.895   1.00 7.41  ? 127  ILE A CB  1 
ATOM   1007 C CG1 . ILE A 1 127 ? -4.752  -3.642  -0.259  1.00 7.86  ? 127  ILE A CG1 1 
ATOM   1008 C CG2 . ILE A 1 127 ? -4.762  -2.429  1.971   1.00 8.25  ? 127  ILE A CG2 1 
ATOM   1009 C CD1 . ILE A 1 127 ? -4.194  -2.599  -1.125  1.00 13.57 ? 127  ILE A CD1 1 
ATOM   1010 N N   . LYS A 1 128 ? -7.001  -3.669  3.806   1.00 7.07  ? 128  LYS A N   1 
ATOM   1011 C CA  . LYS A 1 128 ? -7.691  -3.056  4.948   1.00 8.76  ? 128  LYS A CA  1 
ATOM   1012 C C   . LYS A 1 128 ? -6.627  -2.470  5.867   1.00 6.77  ? 128  LYS A C   1 
ATOM   1013 O O   . LYS A 1 128 ? -5.487  -2.949  5.928   1.00 5.98  ? 128  LYS A O   1 
ATOM   1014 C CB  . LYS A 1 128 ? -8.501  -4.104  5.773   1.00 10.27 ? 128  LYS A CB  1 
ATOM   1015 C CG  . LYS A 1 128 ? -9.704  -4.697  5.084   1.00 14.16 ? 128  LYS A CG  1 
ATOM   1016 C CD  . LYS A 1 128 ? -10.450 -5.622  6.071   1.00 15.14 ? 128  LYS A CD  1 
ATOM   1017 C CE  . LYS A 1 128 ? -9.611  -6.750  6.637   1.00 21.15 ? 128  LYS A CE  1 
ATOM   1018 N NZ  . LYS A 1 128 ? -10.405 -7.809  7.386   1.00 23.83 ? 128  LYS A NZ  1 
ATOM   1019 N N   . ASN A 1 129 ? -7.006  -1.521  6.689   1.00 5.82  ? 129  ASN A N   1 
ATOM   1020 C CA  . ASN A 1 129 ? -6.223  -1.181  7.868   1.00 6.59  ? 129  ASN A CA  1 
ATOM   1021 C C   . ASN A 1 129 ? -4.792  -0.767  7.552   1.00 5.63  ? 129  ASN A C   1 
ATOM   1022 O O   . ASN A 1 129 ? -3.873  -1.285  8.165   1.00 6.51  ? 129  ASN A O   1 
ATOM   1023 C CB  . ASN A 1 129 ? -6.251  -2.323  8.903   1.00 7.29  ? 129  ASN A CB  1 
ATOM   1024 C CG  . ASN A 1 129 ? -7.634  -2.599  9.424   1.00 8.90  ? 129  ASN A CG  1 
ATOM   1025 O OD1 . ASN A 1 129 ? -8.393  -1.676  9.624   1.00 10.41 ? 129  ASN A OD1 1 
ATOM   1026 N ND2 . ASN A 1 129 ? -7.956  -3.852  9.591   1.00 11.83 ? 129  ASN A ND2 1 
ATOM   1027 N N   . LEU A 1 130 ? -4.628  0.214   6.687   1.00 5.60  ? 130  LEU A N   1 
ATOM   1028 C CA  . LEU A 1 130 ? -3.359  0.737   6.252   1.00 5.30  ? 130  LEU A CA  1 
ATOM   1029 C C   . LEU A 1 130 ? -2.914  1.898   7.127   1.00 4.85  ? 130  LEU A C   1 
ATOM   1030 O O   . LEU A 1 130 ? -3.617  2.918   7.202   1.00 6.16  ? 130  LEU A O   1 
ATOM   1031 C CB  . LEU A 1 130 ? -3.432  1.205   4.780   1.00 5.13  ? 130  LEU A CB  1 
ATOM   1032 C CG  . LEU A 1 130 ? -2.154  1.833   4.231   1.00 5.64  ? 130  LEU A CG  1 
ATOM   1033 C CD1 . LEU A 1 130 ? -0.957  0.895   4.223   1.00 5.95  ? 130  LEU A CD1 1 
ATOM   1034 C CD2 . LEU A 1 130 ? -2.426  2.327   2.837   1.00 5.97  ? 130  LEU A CD2 1 
ATOM   1035 N N   . VAL A 1 131 ? -1.775  1.738   7.788   1.00 5.23  ? 131  VAL A N   1 
ATOM   1036 C CA  . VAL A 1 131 ? -1.209  2.708   8.726   1.00 5.36  ? 131  VAL A CA  1 
ATOM   1037 C C   . VAL A 1 131 ? 0.275   2.872   8.477   1.00 5.58  ? 131  VAL A C   1 
ATOM   1038 O O   . VAL A 1 131 ? 0.985   1.866   8.275   1.00 7.10  ? 131  VAL A O   1 
ATOM   1039 C CB  . VAL A 1 131 ? -1.398  2.208   10.153  1.00 6.70  ? 131  VAL A CB  1 
ATOM   1040 C CG1 . VAL A 1 131 ? -0.880  3.194   11.204  1.00 7.59  ? 131  VAL A CG1 1 
ATOM   1041 C CG2 . VAL A 1 131 ? -2.873  1.878   10.423  1.00 6.86  ? 131  VAL A CG2 1 
ATOM   1042 N N   . HIS A 1 132 ? 0.784   4.071   8.512   1.00 5.72  ? 132  HIS A N   1 
ATOM   1043 C CA  . HIS A 1 132 ? 2.233   4.332   8.518   1.00 5.32  ? 132  HIS A CA  1 
ATOM   1044 C C   . HIS A 1 132 ? 2.682   4.626   9.959   1.00 5.69  ? 132  HIS A C   1 
ATOM   1045 O O   . HIS A 1 132 ? 1.992   5.358   10.675  1.00 6.26  ? 132  HIS A O   1 
ATOM   1046 C CB  . HIS A 1 132 ? 2.593   5.515   7.623   1.00 5.47  ? 132  HIS A CB  1 
ATOM   1047 C CG  . HIS A 1 132 ? 4.047   5.859   7.672   1.00 6.07  ? 132  HIS A CG  1 
ATOM   1048 N ND1 . HIS A 1 132 ? 4.549   6.893   8.446   1.00 6.45  ? 132  HIS A ND1 1 
ATOM   1049 C CD2 . HIS A 1 132 ? 5.103   5.305   7.036   1.00 6.01  ? 132  HIS A CD2 1 
ATOM   1050 C CE1 . HIS A 1 132 ? 5.849   6.945   8.259   1.00 6.47  ? 132  HIS A CE1 1 
ATOM   1051 N NE2 . HIS A 1 132 ? 6.221   5.994   7.422   1.00 6.65  ? 132  HIS A NE2 1 
ATOM   1052 N N   . SER A 1 133 ? 3.839   4.127   10.351  1.00 5.25  ? 133  SER A N   1 
ATOM   1053 C CA  . SER A 1 133 ? 4.528   4.565   11.588  1.00 5.10  ? 133  SER A CA  1 
ATOM   1054 C C   . SER A 1 133 ? 5.828   5.226   11.209  1.00 5.33  ? 133  SER A C   1 
ATOM   1055 O O   . SER A 1 133 ? 6.533   4.766   10.318  1.00 6.01  ? 133  SER A O   1 
ATOM   1056 C CB  . SER A 1 133 ? 4.812   3.358   12.455  1.00 5.78  ? 133  SER A CB  1 
ATOM   1057 O OG  . SER A 1 133 ? 5.632   3.758   13.539  1.00 6.96  ? 133  SER A OG  1 
ATOM   1058 N N   . THR A 1 134 ? 6.215   6.285   11.922  1.00 5.96  ? 134  THR A N   1 
ATOM   1059 C CA  . THR A 1 134 ? 7.519   6.851   11.797  1.00 6.53  ? 134  THR A CA  1 
ATOM   1060 C C   . THR A 1 134 ? 8.630   5.936   12.306  1.00 6.67  ? 134  THR A C   1 
ATOM   1061 O O   . THR A 1 134 ? 9.800   6.126   12.011  1.00 7.63  ? 134  THR A O   1 
ATOM   1062 C CB  . THR A 1 134 ? 7.634   8.211   12.538  1.00 6.96  ? 134  THR A CB  1 
ATOM   1063 O OG1 . THR A 1 134 ? 7.231   8.026   13.914  1.00 8.52  ? 134  THR A OG1 1 
ATOM   1064 C CG2 . THR A 1 134 ? 6.692   9.250   11.901  1.00 8.61  ? 134  THR A CG2 1 
ATOM   1065 N N   . GLY A 1 135 ? 8.258   4.961   13.125  1.00 6.61  ? 135  GLY A N   1 
ATOM   1066 C CA  . GLY A 1 135 ? 9.199   4.026   13.732  1.00 6.75  ? 135  GLY A CA  1 
ATOM   1067 C C   . GLY A 1 135 ? 9.314   2.699   12.982  1.00 6.59  ? 135  GLY A C   1 
ATOM   1068 O O   . GLY A 1 135 ? 8.702   2.482   11.919  1.00 6.93  ? 135  GLY A O   1 
ATOM   1069 N N   . SER A 1 136 ? 10.166  1.814   13.492  1.00 6.74  ? 136  SER A N   1 
ATOM   1070 C CA  . SER A 1 136 ? 10.464  0.566   12.803  1.00 7.76  ? 136  SER A CA  1 
ATOM   1071 C C   . SER A 1 136 ? 9.347   -0.450  12.953  1.00 7.41  ? 136  SER A C   1 
ATOM   1072 O O   . SER A 1 136 ? 8.491   -0.374  13.844  1.00 7.76  ? 136  SER A O   1 
ATOM   1073 C CB  . SER A 1 136 ? 11.717  -0.029  13.388  1.00 8.21  ? 136  SER A CB  1 
ATOM   1074 O OG  . SER A 1 136 ? 11.425  -0.516  14.715  1.00 11.35 ? 136  SER A OG  1 
ATOM   1075 N N   . ALA A 1 137 ? 9.375   -1.440  12.068  1.00 6.87  ? 137  ALA A N   1 
ATOM   1076 C CA  . ALA A 1 137 ? 8.396   -2.485  12.105  1.00 8.63  ? 137  ALA A CA  1 
ATOM   1077 C C   . ALA A 1 137 ? 8.454   -3.259  13.419  1.00 8.01  ? 137  ALA A C   1 
ATOM   1078 O O   . ALA A 1 137 ? 7.423   -3.661  13.954  1.00 10.22 ? 137  ALA A O   1 
ATOM   1079 C CB  . ALA A 1 137 ? 8.597   -3.455  10.925  1.00 7.76  ? 137  ALA A CB  1 
ATOM   1080 N N   . ASP A 1 138 ? 9.678   -3.466  13.911  1.00 9.28  ? 138  ASP A N   1 
ATOM   1081 C CA  . ASP A 1 138 ? 9.878   -4.158  15.187  1.00 11.46 ? 138  ASP A CA  1 
ATOM   1082 C C   . ASP A 1 138 ? 9.373   -3.442  16.392  1.00 11.07 ? 138  ASP A C   1 
ATOM   1083 O O   . ASP A 1 138 ? 9.084   -4.138  17.397  1.00 12.28 ? 138  ASP A O   1 
ATOM   1084 C CB  . ASP A 1 138 ? 11.318  -4.539  15.379  1.00 13.53 ? 138  ASP A CB  1 
ATOM   1085 C CG  . ASP A 1 138 ? 11.510  -5.947  15.072  1.00 22.30 ? 138  ASP A CG  1 
ATOM   1086 O OD1 . ASP A 1 138 ? 11.712  -6.227  13.878  1.00 27.82 ? 138  ASP A OD1 1 
ATOM   1087 O OD2 . ASP A 1 138 ? 11.356  -6.824  15.966  1.00 28.67 ? 138  ASP A OD2 1 
ATOM   1088 N N   . ASP A 1 139 ? 9.206   -2.125  16.312  1.00 9.68  ? 139  ASP A N   1 
ATOM   1089 C CA  . ASP A 1 139 ? 8.720   -1.313  17.400  1.00 9.72  ? 139  ASP A CA  1 
ATOM   1090 C C   . ASP A 1 139 ? 7.247   -0.932  17.213  1.00 9.71  ? 139  ASP A C   1 
ATOM   1091 O O   . ASP A 1 139 ? 6.691   -0.221  18.035  1.00 11.21 ? 139  ASP A O   1 
ATOM   1092 C CB  . ASP A 1 139 ? 9.558   -0.043  17.541  1.00 11.31 ? 139  ASP A CB  1 
ATOM   1093 C CG  . ASP A 1 139 ? 10.926  -0.298  18.068  1.00 13.76 ? 139  ASP A CG  1 
ATOM   1094 O OD1 . ASP A 1 139 ? 11.165  -1.378  18.666  1.00 17.24 ? 139  ASP A OD1 1 
ATOM   1095 O OD2 . ASP A 1 139 ? 11.803  0.580   17.893  1.00 16.38 ? 139  ASP A OD2 1 
ATOM   1096 N N   . PHE A 1 140 ? 6.597   -1.382  16.140  1.00 8.04  ? 140  PHE A N   1 
ATOM   1097 C CA  . PHE A 1 140 ? 5.231   -0.970  15.814  1.00 8.89  ? 140  PHE A CA  1 
ATOM   1098 C C   . PHE A 1 140 ? 4.262   -1.601  16.803  1.00 8.51  ? 140  PHE A C   1 
ATOM   1099 O O   . PHE A 1 140 ? 4.188   -2.808  16.937  1.00 9.32  ? 140  PHE A O   1 
ATOM   1100 C CB  . PHE A 1 140 ? 4.932   -1.449  14.367  1.00 8.11  ? 140  PHE A CB  1 
ATOM   1101 C CG  . PHE A 1 140 ? 3.716   -0.844  13.755  1.00 8.12  ? 140  PHE A CG  1 
ATOM   1102 C CD1 . PHE A 1 140 ? 2.432   -1.239  14.137  1.00 9.44  ? 140  PHE A CD1 1 
ATOM   1103 C CD2 . PHE A 1 140 ? 3.846   0.064   12.752  1.00 7.89  ? 140  PHE A CD2 1 
ATOM   1104 C CE1 . PHE A 1 140 ? 1.319   -0.683  13.512  1.00 8.40  ? 140  PHE A CE1 1 
ATOM   1105 C CE2 . PHE A 1 140 ? 2.722   0.628   12.144  1.00 8.59  ? 140  PHE A CE2 1 
ATOM   1106 C CZ  . PHE A 1 140 ? 1.466   0.250   12.547  1.00 8.70  ? 140  PHE A CZ  1 
ATOM   1107 N N   . VAL A 1 141 ? 3.533   -0.752  17.505  1.00 9.48  ? 141  VAL A N   1 
ATOM   1108 C CA  . VAL A 1 141 ? 2.547   -1.258  18.454  1.00 11.04 ? 141  VAL A CA  1 
ATOM   1109 C C   . VAL A 1 141 ? 1.262   -0.903  17.876  1.00 13.52 ? 141  VAL A C   1 
ATOM   1110 O O   . VAL A 1 141 ? 0.898   0.256   17.760  1.00 13.66 ? 141  VAL A O   1 
ATOM   1111 C CB  . VAL A 1 141 ? 2.716   -0.662  19.805  1.00 9.16  ? 141  VAL A CB  1 
ATOM   1112 C CG1 . VAL A 1 141 ? 1.536   -1.047  20.739  1.00 12.93 ? 141  VAL A CG1 1 
ATOM   1113 C CG2 . VAL A 1 141 ? 3.983   -1.187  20.379  1.00 11.15 ? 141  VAL A CG2 1 
ATOM   1114 N N   . ASP A 1 142 ? 0.579   -1.970  17.478  1.00 16.23 ? 142  ASP A N   1 
ATOM   1115 C CA  . ASP A 1 142 ? -0.470  -1.840  16.517  1.00 19.32 ? 142  ASP A CA  1 
ATOM   1116 C C   . ASP A 1 142 ? -1.636  -1.146  17.165  1.00 21.17 ? 142  ASP A C   1 
ATOM   1117 O O   . ASP A 1 142 ? -2.235  -1.703  18.103  1.00 20.87 ? 142  ASP A O   1 
ATOM   1118 C CB  . ASP A 1 142 ? -0.915  -3.165  15.967  1.00 18.68 ? 142  ASP A CB  1 
ATOM   1119 C CG  . ASP A 1 142 ? -2.071  -2.978  15.052  1.00 19.25 ? 142  ASP A CG  1 
ATOM   1120 O OD1 . ASP A 1 142 ? -1.996  -2.037  14.329  1.00 15.88 ? 142  ASP A OD1 1 
ATOM   1121 O OD2 . ASP A 1 142 ? -3.132  -3.583  15.069  1.00 23.66 ? 142  ASP A OD2 1 
ATOM   1122 N N   . PRO A 1 143 ? -1.935  0.069   16.726  1.00 22.71 ? 143  PRO A N   1 
ATOM   1123 C CA  . PRO A 1 143 ? -2.848  0.920   17.461  1.00 24.18 ? 143  PRO A CA  1 
ATOM   1124 C C   . PRO A 1 143 ? -4.327  0.802   17.044  1.00 25.96 ? 143  PRO A C   1 
ATOM   1125 O O   . PRO A 1 143 ? -4.752  -0.220  16.468  1.00 26.89 ? 143  PRO A O   1 
ATOM   1126 C CB  . PRO A 1 143 ? -2.290  2.312   17.147  1.00 24.04 ? 143  PRO A CB  1 
ATOM   1127 C CG  . PRO A 1 143 ? -1.849  2.220   15.720  1.00 24.43 ? 143  PRO A CG  1 
ATOM   1128 C CD  . PRO A 1 143 ? -1.425  0.773   15.531  1.00 23.44 ? 143  PRO A CD  1 
HETATM 1129 C C1  . BMA B 2 .   ? 7.020   -7.855  -13.901 1.00 13.87 ? 1    BMA B C1  1 
HETATM 1130 C C2  . BMA B 2 .   ? 7.003   -7.126  -12.560 1.00 12.47 ? 1    BMA B C2  1 
HETATM 1131 C C3  . BMA B 2 .   ? 6.176   -5.868  -12.698 1.00 11.32 ? 1    BMA B C3  1 
HETATM 1132 C C4  . BMA B 2 .   ? 6.644   -5.003  -13.840 1.00 11.28 ? 1    BMA B C4  1 
HETATM 1133 C C5  . BMA B 2 .   ? 6.601   -5.884  -15.093 1.00 14.84 ? 1    BMA B C5  1 
HETATM 1134 C C6  . BMA B 2 .   ? 6.912   -5.153  -16.386 1.00 17.99 ? 1    BMA B C6  1 
HETATM 1135 O O1  . BMA B 2 .   ? 7.885   -8.959  -13.848 1.00 18.41 ? 1    BMA B O1  1 
HETATM 1136 O O2  . BMA B 2 .   ? 8.298   -6.815  -12.097 1.00 13.37 ? 1    BMA B O2  1 
HETATM 1137 O O3  . BMA B 2 .   ? 6.213   -5.144  -11.498 1.00 12.21 ? 1    BMA B O3  1 
HETATM 1138 O O4  . BMA B 2 .   ? 5.736   -3.957  -14.075 1.00 10.06 ? 1    BMA B O4  1 
HETATM 1139 O O5  . BMA B 2 .   ? 7.464   -7.000  -14.896 1.00 14.95 ? 1    BMA B O5  1 
HETATM 1140 O O6  . BMA B 2 .   ? 8.169   -4.535  -16.245 1.00 19.43 ? 1    BMA B O6  1 
HETATM 1141 C C1  . BMA B 2 .   ? 6.255   -2.636  -14.026 1.00 8.11  ? 2    BMA B C1  1 
HETATM 1142 C C2  . BMA B 2 .   ? 5.338   -1.714  -14.814 1.00 8.95  ? 2    BMA B C2  1 
HETATM 1143 C C3  . BMA B 2 .   ? 5.879   -0.279  -14.683 1.00 8.36  ? 2    BMA B C3  1 
HETATM 1144 C C4  . BMA B 2 .   ? 5.902   0.048   -13.170 1.00 6.94  ? 2    BMA B C4  1 
HETATM 1145 C C5  . BMA B 2 .   ? 6.750   -0.981  -12.419 1.00 7.30  ? 2    BMA B C5  1 
HETATM 1146 C C6  . BMA B 2 .   ? 6.784   -0.709  -10.914 1.00 7.10  ? 2    BMA B C6  1 
HETATM 1147 O O2  . BMA B 2 .   ? 3.997   -1.837  -14.354 1.00 9.55  ? 2    BMA B O2  1 
HETATM 1148 O O3  . BMA B 2 .   ? 5.024   0.579   -15.397 1.00 9.93  ? 2    BMA B O3  1 
HETATM 1149 O O4  . BMA B 2 .   ? 6.402   1.360   -12.904 1.00 7.51  ? 2    BMA B O4  1 
HETATM 1150 O O5  . BMA B 2 .   ? 6.201   -2.276  -12.658 1.00 8.14  ? 2    BMA B O5  1 
HETATM 1151 O O6  . BMA B 2 .   ? 5.477   -0.635  -10.347 1.00 8.94  ? 2    BMA B O6  1 
HETATM 1152 C C1  . BMA B 2 .   ? 5.438   2.320   -12.504 1.00 7.15  ? 3    BMA B C1  1 
HETATM 1153 C C2  . BMA B 2 .   ? 6.099   3.559   -11.946 1.00 6.37  ? 3    BMA B C2  1 
HETATM 1154 C C3  . BMA B 2 .   ? 5.024   4.573   -11.618 1.00 7.84  ? 3    BMA B C3  1 
HETATM 1155 C C4  . BMA B 2 .   ? 4.106   4.820   -12.793 1.00 7.60  ? 3    BMA B C4  1 
HETATM 1156 C C5  . BMA B 2 .   ? 3.551   3.485   -13.292 1.00 8.57  ? 3    BMA B C5  1 
HETATM 1157 C C6  . BMA B 2 .   ? 2.557   3.533   -14.453 1.00 11.07 ? 3    BMA B C6  1 
HETATM 1158 O O2  . BMA B 2 .   ? 6.968   4.061   -12.958 1.00 8.62  ? 3    BMA B O2  1 
HETATM 1159 O O3  . BMA B 2 .   ? 5.585   5.812   -11.196 1.00 7.62  ? 3    BMA B O3  1 
HETATM 1160 O O4  . BMA B 2 .   ? 3.014   5.592   -12.380 1.00 8.16  ? 3    BMA B O4  1 
HETATM 1161 O O5  . BMA B 2 .   ? 4.649   2.634   -13.660 1.00 7.35  ? 3    BMA B O5  1 
HETATM 1162 O O6  . BMA B 2 .   ? 3.204   4.098   -15.570 1.00 13.48 ? 3    BMA B O6  1 
HETATM 1163 C C1  . BMA B 2 .   ? 2.672   6.692   -13.212 1.00 10.02 ? 4    BMA B C1  1 
HETATM 1164 C C2  . BMA B 2 .   ? 1.188   6.947   -13.079 1.00 11.88 ? 4    BMA B C2  1 
HETATM 1165 C C3  . BMA B 2 .   ? 0.814   8.269   -13.739 1.00 12.69 ? 4    BMA B C3  1 
HETATM 1166 C C4  . BMA B 2 .   ? 1.667   9.399   -13.225 1.00 13.74 ? 4    BMA B C4  1 
HETATM 1167 C C5  . BMA B 2 .   ? 3.114   9.034   -13.463 1.00 11.40 ? 4    BMA B C5  1 
HETATM 1168 C C6  . BMA B 2 .   ? 4.075   10.103  -12.979 1.00 13.84 ? 4    BMA B C6  1 
HETATM 1169 O O2  . BMA B 2 .   ? 0.909   7.058   -11.709 1.00 14.33 ? 4    BMA B O2  1 
HETATM 1170 O O3  . BMA B 2 .   ? -0.559  8.505   -13.504 1.00 18.69 ? 4    BMA B O3  1 
HETATM 1171 O O4  . BMA B 2 .   ? 1.406   10.568  -14.020 1.00 18.42 ? 4    BMA B O4  1 
HETATM 1172 O O5  . BMA B 2 .   ? 3.405   7.812   -12.772 1.00 10.20 ? 4    BMA B O5  1 
HETATM 1173 O O6  . BMA B 2 .   ? 5.347   9.810   -13.481 1.00 17.74 ? 4    BMA B O6  1 
HETATM 1174 C C1  . BMA B 2 .   ? 0.689   11.561  -13.287 1.00 25.39 ? 5    BMA B C1  1 
HETATM 1175 C C2  . BMA B 2 .   ? 0.919   12.893  -13.998 1.00 28.47 ? 5    BMA B C2  1 
HETATM 1176 C C3  . BMA B 2 .   ? 0.260   13.973  -13.155 1.00 32.01 ? 5    BMA B C3  1 
HETATM 1177 C C4  . BMA B 2 .   ? -1.216  13.634  -13.006 1.00 33.24 ? 5    BMA B C4  1 
HETATM 1178 C C5  . BMA B 2 .   ? -1.450  12.210  -12.493 1.00 32.87 ? 5    BMA B C5  1 
HETATM 1179 C C6  . BMA B 2 .   ? -2.914  11.851  -12.677 1.00 34.33 ? 5    BMA B C6  1 
HETATM 1180 O O2  . BMA B 2 .   ? 0.382   12.867  -15.308 1.00 29.69 ? 5    BMA B O2  1 
HETATM 1181 O O3  . BMA B 2 .   ? 0.422   15.246  -13.760 1.00 35.22 ? 5    BMA B O3  1 
HETATM 1182 O O4  . BMA B 2 .   ? -1.761  14.548  -12.093 1.00 34.14 ? 5    BMA B O4  1 
HETATM 1183 O O5  . BMA B 2 .   ? -0.684  11.251  -13.204 1.00 27.64 ? 5    BMA B O5  1 
HETATM 1184 O O6  . BMA B 2 .   ? -3.137  10.542  -12.228 1.00 39.53 ? 5    BMA B O6  1 
HETATM 1185 O O   . HOH C 3 .   ? 8.529   2.966   16.968  1.00 17.39 ? 2001 HOH A O   1 
HETATM 1186 O O   . HOH C 3 .   ? 0.287   8.620   16.627  1.00 11.16 ? 2002 HOH A O   1 
HETATM 1187 O O   . HOH C 3 .   ? 10.088  9.207   20.188  1.00 29.31 ? 2003 HOH A O   1 
HETATM 1188 O O   . HOH C 3 .   ? 8.183   13.816  14.428  1.00 24.73 ? 2004 HOH A O   1 
HETATM 1189 O O   . HOH C 3 .   ? 5.305   12.772  11.337  1.00 17.78 ? 2005 HOH A O   1 
HETATM 1190 O O   . HOH C 3 .   ? -1.389  12.874  7.985   1.00 20.32 ? 2006 HOH A O   1 
HETATM 1191 O O   . HOH C 3 .   ? 4.695   10.707  9.545   1.00 11.09 ? 2007 HOH A O   1 
HETATM 1192 O O   . HOH C 3 .   ? 4.395   5.429   20.153  1.00 29.14 ? 2008 HOH A O   1 
HETATM 1193 O O   . HOH C 3 .   ? 5.447   13.220  13.987  1.00 16.87 ? 2009 HOH A O   1 
HETATM 1194 O O   A HOH C 3 .   ? -2.759  8.949   13.827  0.50 10.70 ? 2010 HOH A O   1 
HETATM 1195 O O   B HOH C 3 .   ? -1.995  10.125  13.396  0.50 10.55 ? 2011 HOH A O   1 
HETATM 1196 O O   . HOH C 3 .   ? -12.829 7.485   -5.639  1.00 30.46 ? 2012 HOH A O   1 
HETATM 1197 O O   . HOH C 3 .   ? 3.227   8.442   10.390  1.00 7.30  ? 2013 HOH A O   1 
HETATM 1198 O O   . HOH C 3 .   ? -0.372  11.508  11.719  1.00 11.98 ? 2014 HOH A O   1 
HETATM 1199 O O   . HOH C 3 .   ? 1.172   12.208  8.792   1.00 19.30 ? 2015 HOH A O   1 
HETATM 1200 O O   . HOH C 3 .   ? -2.669  13.899  4.312   1.00 15.56 ? 2016 HOH A O   1 
HETATM 1201 O O   . HOH C 3 .   ? -4.194  17.272  1.862   1.00 27.64 ? 2017 HOH A O   1 
HETATM 1202 O O   . HOH C 3 .   ? -4.173  9.857   6.497   1.00 9.90  ? 2018 HOH A O   1 
HETATM 1203 O O   . HOH C 3 .   ? -9.806  8.190   -8.534  1.00 28.33 ? 2019 HOH A O   1 
HETATM 1204 O O   . HOH C 3 .   ? -0.749  2.842   -18.011 1.00 31.79 ? 2020 HOH A O   1 
HETATM 1205 O O   . HOH C 3 .   ? -18.699 3.154   -1.695  1.00 7.99  ? 2021 HOH A O   1 
HETATM 1206 O O   . HOH C 3 .   ? -16.135 5.110   -3.512  1.00 13.74 ? 2022 HOH A O   1 
HETATM 1207 O O   . HOH C 3 .   ? -10.256 5.697   2.832   1.00 30.42 ? 2023 HOH A O   1 
HETATM 1208 O O   . HOH C 3 .   ? -13.263 8.406   -3.185  1.00 15.77 ? 2024 HOH A O   1 
HETATM 1209 O O   . HOH C 3 .   ? 0.459   -1.562  -19.889 1.00 24.05 ? 2025 HOH A O   1 
HETATM 1210 O O   . HOH C 3 .   ? -6.414  10.854  5.378   1.00 10.10 ? 2026 HOH A O   1 
HETATM 1211 O O   . HOH C 3 .   ? -9.399  14.266  -0.650  1.00 35.56 ? 2027 HOH A O   1 
HETATM 1212 O O   . HOH C 3 .   ? -2.662  14.964  1.681   1.00 10.33 ? 2028 HOH A O   1 
HETATM 1213 O O   . HOH C 3 .   ? -2.013  11.332  5.623   1.00 15.82 ? 2029 HOH A O   1 
HETATM 1214 O O   . HOH C 3 .   ? -9.471  11.879  -1.732  1.00 29.17 ? 2030 HOH A O   1 
HETATM 1215 O O   . HOH C 3 .   ? -2.847  14.212  -7.564  1.00 27.23 ? 2031 HOH A O   1 
HETATM 1216 O O   . HOH C 3 .   ? -7.817  2.418   -10.308 1.00 28.75 ? 2032 HOH A O   1 
HETATM 1217 O O   . HOH C 3 .   ? -7.957  9.893   -7.532  1.00 17.69 ? 2033 HOH A O   1 
HETATM 1218 O O   . HOH C 3 .   ? 13.093  2.830   11.295  1.00 23.44 ? 2034 HOH A O   1 
HETATM 1219 O O   . HOH C 3 .   ? -4.368  2.580   -16.750 1.00 23.39 ? 2035 HOH A O   1 
HETATM 1220 O O   . HOH C 3 .   ? 3.456   -15.738 -9.851  1.00 22.88 ? 2036 HOH A O   1 
HETATM 1221 O O   . HOH C 3 .   ? 1.198   -17.435 -7.513  1.00 28.41 ? 2037 HOH A O   1 
HETATM 1222 O O   . HOH C 3 .   ? -6.233  2.059   -13.075 1.00 21.84 ? 2038 HOH A O   1 
HETATM 1223 O O   . HOH C 3 .   ? -13.583 3.343   -6.987  1.00 14.31 ? 2039 HOH A O   1 
HETATM 1224 O O   . HOH C 3 .   ? 4.402   13.430  -11.293 1.00 31.85 ? 2040 HOH A O   1 
HETATM 1225 O O   . HOH C 3 .   ? -12.222 -3.900  -7.939  0.50 9.24  ? 2041 HOH A O   1 
HETATM 1226 O O   . HOH C 3 .   ? -16.359 -4.161  -4.735  1.00 16.42 ? 2042 HOH A O   1 
HETATM 1227 O O   . HOH C 3 .   ? -11.855 4.988   -5.438  1.00 13.85 ? 2043 HOH A O   1 
HETATM 1228 O O   . HOH C 3 .   ? -17.173 -0.051  -4.693  1.00 10.12 ? 2044 HOH A O   1 
HETATM 1229 O O   . HOH C 3 .   ? 9.765   -0.686  -14.508 1.00 25.31 ? 2045 HOH A O   1 
HETATM 1230 O O   . HOH C 3 .   ? -14.640 -6.714  3.565   1.00 24.57 ? 2046 HOH A O   1 
HETATM 1231 O O   . HOH C 3 .   ? 10.154  -2.687  -12.550 1.00 36.24 ? 2047 HOH A O   1 
HETATM 1232 O O   . HOH C 3 .   ? -16.758 -5.315  7.686   1.00 30.56 ? 2048 HOH A O   1 
HETATM 1233 O O   . HOH C 3 .   ? 11.988  -6.480  -2.796  1.00 30.42 ? 2049 HOH A O   1 
HETATM 1234 O O   . HOH C 3 .   ? -16.266 -0.757  1.914   1.00 8.55  ? 2050 HOH A O   1 
HETATM 1235 O O   . HOH C 3 .   ? 3.454   -19.184 -2.379  1.00 37.52 ? 2051 HOH A O   1 
HETATM 1236 O O   . HOH C 3 .   ? 0.793   -19.887 -3.571  1.00 31.47 ? 2052 HOH A O   1 
HETATM 1237 O O   . HOH C 3 .   ? -5.919  -20.606 3.497   1.00 36.44 ? 2053 HOH A O   1 
HETATM 1238 O O   . HOH C 3 .   ? -13.383 -10.605 5.164   1.00 45.87 ? 2054 HOH A O   1 
HETATM 1239 O O   . HOH C 3 .   ? -8.749  -9.347  -13.092 1.00 28.11 ? 2055 HOH A O   1 
HETATM 1240 O O   . HOH C 3 .   ? -8.024  -5.713  -23.471 1.00 20.11 ? 2056 HOH A O   1 
HETATM 1241 O O   B HOH C 3 .   ? -4.375  -6.332  -21.193 0.50 18.31 ? 2057 HOH A O   1 
HETATM 1242 O O   . HOH C 3 .   ? -5.971  -15.232 -20.371 1.00 15.50 ? 2058 HOH A O   1 
HETATM 1243 O O   A HOH C 3 .   ? -5.614  -7.886  -21.141 0.50 12.53 ? 2059 HOH A O   1 
HETATM 1244 O O   . HOH C 3 .   ? -0.819  -13.229 -18.383 1.00 33.71 ? 2060 HOH A O   1 
HETATM 1245 O O   . HOH C 3 .   ? -8.087  -9.417  -16.885 1.00 12.32 ? 2061 HOH A O   1 
HETATM 1246 O O   . HOH C 3 .   ? 0.751   -4.264  -21.056 1.00 28.46 ? 2062 HOH A O   1 
HETATM 1247 O O   . HOH C 3 .   ? -6.489  -1.424  -17.812 1.00 33.11 ? 2063 HOH A O   1 
HETATM 1248 O O   . HOH C 3 .   ? -3.856  0.834   -18.590 1.00 39.22 ? 2064 HOH A O   1 
HETATM 1249 O O   . HOH C 3 .   ? 2.840   -17.241 -15.036 1.00 42.60 ? 2065 HOH A O   1 
HETATM 1250 O O   . HOH C 3 .   ? 3.079   16.291  -5.025  1.00 32.46 ? 2066 HOH A O   1 
HETATM 1251 O O   . HOH C 3 .   ? 3.760   12.307  7.636   1.00 18.74 ? 2067 HOH A O   1 
HETATM 1252 O O   . HOH C 3 .   ? -1.352  15.104  -5.744  1.00 27.95 ? 2068 HOH A O   1 
HETATM 1253 O O   . HOH C 3 .   ? -6.326  16.817  -1.283  1.00 26.52 ? 2069 HOH A O   1 
HETATM 1254 O O   . HOH C 3 .   ? -0.667  15.990  4.896   1.00 22.66 ? 2070 HOH A O   1 
HETATM 1255 O O   . HOH C 3 .   ? 3.070   15.167  -1.614  1.00 15.77 ? 2071 HOH A O   1 
HETATM 1256 O O   . HOH C 3 .   ? 3.379   18.721  -0.529  1.00 31.11 ? 2072 HOH A O   1 
HETATM 1257 O O   A HOH C 3 .   ? 6.890   14.646  6.042   0.50 13.20 ? 2073 HOH A O   1 
HETATM 1258 O O   . HOH C 3 .   ? 7.769   12.477  -1.615  1.00 22.49 ? 2074 HOH A O   1 
HETATM 1259 O O   . HOH C 3 .   ? 9.324   10.473  9.905   1.00 20.94 ? 2075 HOH A O   1 
HETATM 1260 O O   B HOH C 3 .   ? 7.763   13.060  7.259   0.50 10.02 ? 2076 HOH A O   1 
HETATM 1261 O O   . HOH C 3 .   ? 7.215   14.264  9.959   1.00 24.80 ? 2077 HOH A O   1 
HETATM 1262 O O   . HOH C 3 .   ? 7.144   10.368  8.207   1.00 10.06 ? 2078 HOH A O   1 
HETATM 1263 O O   . HOH C 3 .   ? 10.677  8.044   10.186  1.00 14.76 ? 2079 HOH A O   1 
HETATM 1264 O O   . HOH C 3 .   ? 13.229  8.581   8.512   1.00 23.67 ? 2080 HOH A O   1 
HETATM 1265 O O   . HOH C 3 .   ? 13.102  4.878   9.417   1.00 19.29 ? 2081 HOH A O   1 
HETATM 1266 O O   . HOH C 3 .   ? -5.736  -6.228  11.773  1.00 17.28 ? 2082 HOH A O   1 
HETATM 1267 O O   . HOH C 3 .   ? -10.682 -14.901 -0.334  1.00 36.81 ? 2083 HOH A O   1 
HETATM 1268 O O   . HOH C 3 .   ? -10.344 -15.405 -4.166  1.00 24.73 ? 2084 HOH A O   1 
HETATM 1269 O O   . HOH C 3 .   ? -5.234  -17.861 -6.259  1.00 21.05 ? 2085 HOH A O   1 
HETATM 1270 O O   . HOH C 3 .   ? -9.466  -13.239 -10.083 1.00 29.51 ? 2086 HOH A O   1 
HETATM 1271 O O   . HOH C 3 .   ? -3.121  -10.781 -5.908  1.00 8.15  ? 2087 HOH A O   1 
HETATM 1272 O O   . HOH C 3 .   ? 1.317   -15.192 -8.237  1.00 14.41 ? 2088 HOH A O   1 
HETATM 1273 O O   . HOH C 3 .   ? 8.781   -13.692 -4.434  1.00 29.84 ? 2089 HOH A O   1 
HETATM 1274 O O   . HOH C 3 .   ? 8.154   7.766   -9.418  1.00 22.81 ? 2090 HOH A O   1 
HETATM 1275 O O   . HOH C 3 .   ? 9.752   14.939  -1.707  1.00 22.75 ? 2091 HOH A O   1 
HETATM 1276 O O   . HOH C 3 .   ? 6.394   12.037  -10.675 1.00 19.64 ? 2092 HOH A O   1 
HETATM 1277 O O   . HOH C 3 .   ? 7.490   14.177  -3.764  1.00 16.48 ? 2093 HOH A O   1 
HETATM 1278 O O   . HOH C 3 .   ? 13.911  15.857  -8.043  1.00 28.45 ? 2094 HOH A O   1 
HETATM 1279 O O   . HOH C 3 .   ? 16.656  10.558  -9.639  1.00 24.30 ? 2095 HOH A O   1 
HETATM 1280 O O   . HOH C 3 .   ? 16.406  12.200  -5.974  1.00 23.46 ? 2096 HOH A O   1 
HETATM 1281 O O   . HOH C 3 .   ? 12.916  0.387   -13.757 1.00 24.37 ? 2097 HOH A O   1 
HETATM 1282 O O   . HOH C 3 .   ? 11.316  4.355   -12.357 1.00 21.57 ? 2098 HOH A O   1 
HETATM 1283 O O   . HOH C 3 .   ? 13.688  2.246   -10.141 1.00 6.97  ? 2099 HOH A O   1 
HETATM 1284 O O   . HOH C 3 .   ? 9.525   -2.790  -9.909  1.00 9.20  ? 2100 HOH A O   1 
HETATM 1285 O O   . HOH C 3 .   ? 13.881  1.099   -7.619  1.00 6.13  ? 2101 HOH A O   1 
HETATM 1286 O O   . HOH C 3 .   ? 12.829  -0.976  -10.606 1.00 10.05 ? 2102 HOH A O   1 
HETATM 1287 O O   . HOH C 3 .   ? 12.872  -3.348  0.928   1.00 21.36 ? 2103 HOH A O   1 
HETATM 1288 O O   . HOH C 3 .   ? 9.833   -6.560  -4.473  1.00 13.18 ? 2104 HOH A O   1 
HETATM 1289 O O   . HOH C 3 .   ? 7.274   -11.594 1.421   1.00 29.29 ? 2105 HOH A O   1 
HETATM 1290 O O   . HOH C 3 .   ? 5.092   -13.309 1.567   1.00 21.90 ? 2106 HOH A O   1 
HETATM 1291 O O   . HOH C 3 .   ? 1.679   -18.521 -0.514  1.00 23.34 ? 2107 HOH A O   1 
HETATM 1292 O O   . HOH C 3 .   ? -5.907  -16.107 -2.525  1.00 26.20 ? 2108 HOH A O   1 
HETATM 1293 O O   . HOH C 3 .   ? -2.199  -17.031 4.815   1.00 36.68 ? 2109 HOH A O   1 
HETATM 1294 O O   . HOH C 3 .   ? -11.284 -20.997 0.124   1.00 17.51 ? 2110 HOH A O   1 
HETATM 1295 O O   . HOH C 3 .   ? -3.995  -19.026 1.864   1.00 22.09 ? 2111 HOH A O   1 
HETATM 1296 O O   . HOH C 3 .   ? -8.425  -20.373 3.023   1.00 21.09 ? 2112 HOH A O   1 
HETATM 1297 O O   . HOH C 3 .   ? -8.804  -16.216 8.575   1.00 26.51 ? 2113 HOH A O   1 
HETATM 1298 O O   . HOH C 3 .   ? -7.454  -14.029 9.065   1.00 28.03 ? 2114 HOH A O   1 
HETATM 1299 O O   . HOH C 3 .   ? -12.977 -8.531  2.491   1.00 27.67 ? 2115 HOH A O   1 
HETATM 1300 O O   . HOH C 3 .   ? -3.857  -14.280 8.886   1.00 24.99 ? 2116 HOH A O   1 
HETATM 1301 O O   . HOH C 3 .   ? -1.975  -11.897 10.342  1.00 17.91 ? 2117 HOH A O   1 
HETATM 1302 O O   . HOH C 3 .   ? -3.100  -8.100  13.371  1.00 25.03 ? 2118 HOH A O   1 
HETATM 1303 O O   . HOH C 3 .   ? 3.225   -10.978 8.320   1.00 25.88 ? 2119 HOH A O   1 
HETATM 1304 O O   . HOH C 3 .   ? -1.711  -11.764 2.239   1.00 8.83  ? 2120 HOH A O   1 
HETATM 1305 O O   . HOH C 3 .   ? 1.604   -14.153 2.174   1.00 21.80 ? 2121 HOH A O   1 
HETATM 1306 O O   . HOH C 3 .   ? 4.994   -8.515  8.493   1.00 18.87 ? 2122 HOH A O   1 
HETATM 1307 O O   . HOH C 3 .   ? 9.139   -6.661  8.781   1.00 29.49 ? 2123 HOH A O   1 
HETATM 1308 O O   . HOH C 3 .   ? 6.829   -7.272  10.793  1.00 29.76 ? 2124 HOH A O   1 
HETATM 1309 O O   . HOH C 3 .   ? 11.966  1.342   9.287   1.00 13.85 ? 2125 HOH A O   1 
HETATM 1310 O O   . HOH C 3 .   ? 12.041  -1.196  2.527   1.00 9.39  ? 2126 HOH A O   1 
HETATM 1311 O O   . HOH C 3 .   ? 12.135  -3.466  12.262  1.00 12.56 ? 2127 HOH A O   1 
HETATM 1312 O O   . HOH C 3 .   ? 14.153  1.943   7.787   1.00 30.99 ? 2128 HOH A O   1 
HETATM 1313 O O   . HOH C 3 .   ? 17.154  -2.159  2.043   1.00 28.33 ? 2129 HOH A O   1 
HETATM 1314 O O   . HOH C 3 .   ? 15.051  -1.736  8.284   1.00 30.41 ? 2130 HOH A O   1 
HETATM 1315 O O   . HOH C 3 .   ? 14.311  4.876   5.220   1.00 17.79 ? 2131 HOH A O   1 
HETATM 1316 O O   . HOH C 3 .   ? 18.752  9.109   3.342   1.00 19.49 ? 2132 HOH A O   1 
HETATM 1317 O O   . HOH C 3 .   ? 22.027  7.231   -1.302  1.00 21.16 ? 2133 HOH A O   1 
HETATM 1318 O O   . HOH C 3 .   ? 17.472  11.883  1.352   1.00 16.64 ? 2134 HOH A O   1 
HETATM 1319 O O   . HOH C 3 .   ? 20.629  9.484   0.767   1.00 32.77 ? 2135 HOH A O   1 
HETATM 1320 O O   . HOH C 3 .   ? 11.732  6.888   3.123   1.00 6.63  ? 2136 HOH A O   1 
HETATM 1321 O O   . HOH C 3 .   ? 5.955   9.669   -9.248  1.00 15.27 ? 2137 HOH A O   1 
HETATM 1322 O O   . HOH C 3 .   ? -1.160  -10.269 -7.716  1.00 11.72 ? 2138 HOH A O   1 
HETATM 1323 O O   . HOH C 3 .   ? -2.102  -6.839  -14.024 1.00 7.21  ? 2139 HOH A O   1 
HETATM 1324 O O   . HOH C 3 .   ? -1.678  -11.878 -11.370 1.00 11.39 ? 2140 HOH A O   1 
HETATM 1325 O O   . HOH C 3 .   ? 6.248   -12.855 -12.631 1.00 40.07 ? 2141 HOH A O   1 
HETATM 1326 O O   . HOH C 3 .   ? 1.960   -17.107 -11.884 1.00 27.69 ? 2142 HOH A O   1 
HETATM 1327 O O   . HOH C 3 .   ? -7.209  -12.584 -14.238 1.00 27.51 ? 2143 HOH A O   1 
HETATM 1328 O O   . HOH C 3 .   ? -4.605  -15.073 -15.843 1.00 32.05 ? 2144 HOH A O   1 
HETATM 1329 O O   . HOH C 3 .   ? -7.614  -13.879 -11.733 1.00 30.70 ? 2145 HOH A O   1 
HETATM 1330 O O   . HOH C 3 .   ? -4.209  -15.774 -12.301 1.00 22.40 ? 2146 HOH A O   1 
HETATM 1331 O O   . HOH C 3 .   ? -0.390  -15.097 -10.699 1.00 24.00 ? 2147 HOH A O   1 
HETATM 1332 O O   . HOH C 3 .   ? -6.894  -15.661 -9.667  1.00 25.59 ? 2148 HOH A O   1 
HETATM 1333 O O   . HOH C 3 .   ? -10.805 -5.442  9.975   1.00 37.80 ? 2149 HOH A O   1 
HETATM 1334 O O   . HOH C 3 .   ? 6.904   1.774   14.911  1.00 8.24  ? 2150 HOH A O   1 
HETATM 1335 O O   . HOH C 3 .   ? 9.366   7.304   15.333  1.00 17.85 ? 2151 HOH A O   1 
HETATM 1336 O O   . HOH C 3 .   ? 14.063  -0.882  15.675  1.00 34.68 ? 2152 HOH A O   1 
HETATM 1337 O O   . HOH C 3 .   ? 6.545   -6.488  13.237  1.00 27.56 ? 2153 HOH A O   1 
HETATM 1338 O O   . HOH C 3 .   ? 9.442   -5.098  20.013  1.00 23.63 ? 2154 HOH A O   1 
HETATM 1339 O O   . HOH C 3 .   ? 11.276  2.593   16.081  1.00 12.48 ? 2155 HOH A O   1 
HETATM 1340 O O   . HOH C 3 .   ? 6.991   2.018   19.625  1.00 12.20 ? 2156 HOH A O   1 
HETATM 1341 O O   . HOH C 3 .   ? 2.177   -4.645  17.238  1.00 22.54 ? 2157 HOH A O   1 
HETATM 1342 O O   . HOH C 3 .   ? -1.080  -3.626  20.914  1.00 32.35 ? 2158 HOH A O   1 
HETATM 1343 O O   . HOH C 3 .   ? 2.430   -1.796  -16.560 1.00 15.26 ? 2159 HOH A O   1 
HETATM 1344 O O   . HOH C 3 .   ? 5.821   1.790   -9.165  1.00 15.71 ? 2160 HOH A O   1 
HETATM 1345 O O   . HOH C 3 .   ? 5.150   0.434   -18.231 1.00 25.07 ? 2161 HOH A O   1 
HETATM 1346 O O   . HOH C 3 .   ? 9.114   2.116   -13.946 1.00 17.20 ? 2162 HOH A O   1 
HETATM 1347 O O   . HOH C 3 .   ? 6.386   4.069   -15.928 1.00 17.86 ? 2163 HOH A O   1 
HETATM 1348 O O   . HOH C 3 .   ? 8.920   5.526   -11.716 1.00 22.84 ? 2164 HOH A O   1 
HETATM 1349 O O   . HOH C 3 .   ? 6.744   7.617   -12.874 1.00 15.56 ? 2165 HOH A O   1 
HETATM 1350 O O   . HOH C 3 .   ? -2.982  7.256   -12.890 1.00 22.32 ? 2166 HOH A O   1 
# 
loop_
_pdbx_poly_seq_scheme.asym_id 
_pdbx_poly_seq_scheme.entity_id 
_pdbx_poly_seq_scheme.seq_id 
_pdbx_poly_seq_scheme.mon_id 
_pdbx_poly_seq_scheme.ndb_seq_num 
_pdbx_poly_seq_scheme.pdb_seq_num 
_pdbx_poly_seq_scheme.auth_seq_num 
_pdbx_poly_seq_scheme.pdb_mon_id 
_pdbx_poly_seq_scheme.auth_mon_id 
_pdbx_poly_seq_scheme.pdb_strand_id 
_pdbx_poly_seq_scheme.pdb_ins_code 
_pdbx_poly_seq_scheme.hetero 
A 1 1   SER 1   1   ?   ?   ?   A . n 
A 1 2   ASN 2   2   ?   ?   ?   A . n 
A 1 3   VAL 3   3   3   VAL VAL A . n 
A 1 4   ARG 4   4   4   ARG ARG A . n 
A 1 5   ALA 5   5   5   ALA ALA A . n 
A 1 6   THR 6   6   6   THR THR A . n 
A 1 7   TYR 7   7   7   TYR TYR A . n 
A 1 8   THR 8   8   8   THR THR A . n 
A 1 9   VAL 9   9   9   VAL VAL A . n 
A 1 10  ILE 10  10  10  ILE ILE A . n 
A 1 11  PHE 11  11  11  PHE PHE A . n 
A 1 12  LYS 12  12  12  LYS LYS A . n 
A 1 13  ASN 13  13  13  ASN ASN A . n 
A 1 14  ALA 14  14  14  ALA ALA A . n 
A 1 15  SER 15  15  15  SER SER A . n 
A 1 16  GLY 16  16  16  GLY GLY A . n 
A 1 17  LEU 17  17  17  LEU LEU A . n 
A 1 18  PRO 18  18  18  PRO PRO A . n 
A 1 19  ASN 19  19  19  ASN ASN A . n 
A 1 20  GLY 20  20  20  GLY GLY A . n 
A 1 21  TYR 21  21  21  TYR TYR A . n 
A 1 22  ASP 22  22  22  ASP ASP A . n 
A 1 23  ASN 23  23  23  ASN ASN A . n 
A 1 24  TRP 24  24  24  TRP TRP A . n 
A 1 25  GLY 25  25  25  GLY GLY A . n 
A 1 26  TRP 26  26  26  TRP TRP A . n 
A 1 27  GLY 27  27  27  GLY GLY A . n 
A 1 28  CYS 28  28  28  CYS CYS A . n 
A 1 29  THR 29  29  29  THR THR A . n 
A 1 30  LEU 30  30  30  LEU LEU A . n 
A 1 31  SER 31  31  31  SER SER A . n 
A 1 32  TYR 32  32  32  TYR TYR A . n 
A 1 33  TYR 33  33  33  TYR TYR A . n 
A 1 34  GLY 34  34  34  GLY GLY A . n 
A 1 35  GLY 35  35  35  GLY GLY A . n 
A 1 36  ALA 36  36  36  ALA ALA A . n 
A 1 37  MET 37  37  37  MET MET A . n 
A 1 38  ILE 38  38  38  ILE ILE A . n 
A 1 39  ILE 39  39  39  ILE ILE A . n 
A 1 40  ASN 40  40  40  ASN ASN A . n 
A 1 41  PRO 41  41  41  PRO PRO A . n 
A 1 42  GLN 42  42  42  GLN GLN A . n 
A 1 43  GLU 43  43  43  GLU GLU A . n 
A 1 44  GLY 44  44  44  GLY GLY A . n 
A 1 45  LYS 45  45  45  LYS LYS A . n 
A 1 46  TYR 46  46  46  TYR TYR A . n 
A 1 47  GLY 47  47  47  GLY GLY A . n 
A 1 48  ALA 48  48  48  ALA ALA A . n 
A 1 49  VAL 49  49  49  VAL VAL A . n 
A 1 50  SER 50  50  50  SER SER A . n 
A 1 51  LEU 51  51  51  LEU LEU A . n 
A 1 52  LYS 52  52  52  LYS LYS A . n 
A 1 53  ARG 53  53  53  ARG ARG A . n 
A 1 54  ASN 54  54  54  ASN ASN A . n 
A 1 55  SER 55  55  55  SER SER A . n 
A 1 56  GLY 56  56  56  GLY GLY A . n 
A 1 57  SER 57  57  57  SER SER A . n 
A 1 58  PHE 58  58  58  PHE PHE A . n 
A 1 59  ARG 59  59  59  ARG ARG A . n 
A 1 60  GLY 60  60  60  GLY GLY A . n 
A 1 61  GLY 61  61  61  GLY GLY A . n 
A 1 62  SER 62  62  62  SER SER A . n 
A 1 63  LEU 63  63  63  LEU LEU A . n 
A 1 64  ARG 64  64  64  ARG ARG A . n 
A 1 65  PHE 65  65  65  PHE PHE A . n 
A 1 66  ASP 66  66  66  ASP ASP A . n 
A 1 67  MET 67  67  67  MET MET A . n 
A 1 68  LYS 68  68  68  LYS LYS A . n 
A 1 69  ASN 69  69  69  ASN ASN A . n 
A 1 70  GLU 70  70  70  GLU GLU A . n 
A 1 71  GLY 71  71  71  GLY GLY A . n 
A 1 72  LYS 72  72  72  LYS LYS A . n 
A 1 73  VAL 73  73  73  VAL VAL A . n 
A 1 74  LYS 74  74  74  LYS LYS A . n 
A 1 75  ILE 75  75  75  ILE ILE A . n 
A 1 76  LEU 76  76  76  LEU LEU A . n 
A 1 77  VAL 77  77  77  VAL VAL A . n 
A 1 78  GLU 78  78  78  GLU GLU A . n 
A 1 79  ASN 79  79  79  ASN ASN A . n 
A 1 80  SER 80  80  80  SER SER A . n 
A 1 81  GLU 81  81  81  GLU GLU A . n 
A 1 82  ALA 82  82  82  ALA ALA A . n 
A 1 83  ALA 83  83  83  ALA ALA A . n 
A 1 84  GLU 84  84  84  GLU GLU A . n 
A 1 85  LYS 85  85  85  LYS LYS A . n 
A 1 86  PHE 86  86  86  PHE PHE A . n 
A 1 87  GLU 87  87  87  GLU GLU A . n 
A 1 88  VAL 88  88  88  VAL VAL A . n 
A 1 89  GLU 89  89  89  GLU GLU A . n 
A 1 90  THR 90  90  90  THR THR A . n 
A 1 91  ILE 91  91  91  ILE ILE A . n 
A 1 92  SER 92  92  92  SER SER A . n 
A 1 93  PRO 93  93  93  PRO PRO A . n 
A 1 94  SER 94  94  94  SER SER A . n 
A 1 95  ASP 95  95  95  ASP ASP A . n 
A 1 96  GLU 96  96  96  GLU GLU A . n 
A 1 97  TYR 97  97  97  TYR TYR A . n 
A 1 98  VAL 98  98  98  VAL VAL A . n 
A 1 99  THR 99  99  99  THR THR A . n 
A 1 100 TYR 100 100 100 TYR TYR A . n 
A 1 101 ILE 101 101 101 ILE ILE A . n 
A 1 102 LEU 102 102 102 LEU LEU A . n 
A 1 103 ASP 103 103 103 ASP ASP A . n 
A 1 104 VAL 104 104 104 VAL VAL A . n 
A 1 105 ASP 105 105 105 ASP ASP A . n 
A 1 106 PHE 106 106 106 PHE PHE A . n 
A 1 107 ASP 107 107 107 ASP ASP A . n 
A 1 108 LEU 108 108 108 LEU LEU A . n 
A 1 109 PRO 109 109 109 PRO PRO A . n 
A 1 110 PHE 110 110 110 PHE PHE A . n 
A 1 111 ASP 111 111 111 ASP ASP A . n 
A 1 112 ARG 112 112 112 ARG ARG A . n 
A 1 113 ILE 113 113 113 ILE ILE A . n 
A 1 114 ASP 114 114 114 ASP ASP A . n 
A 1 115 PHE 115 115 115 PHE PHE A . n 
A 1 116 GLN 116 116 116 GLN GLN A . n 
A 1 117 ASP 117 117 117 ASP ASP A . n 
A 1 118 ALA 118 118 118 ALA ALA A . n 
A 1 119 PRO 119 119 119 PRO PRO A . n 
A 1 120 GLY 120 120 120 GLY GLY A . n 
A 1 121 ASN 121 121 121 ASN ASN A . n 
A 1 122 GLY 122 122 122 GLY GLY A . n 
A 1 123 ASP 123 123 123 ASP ASP A . n 
A 1 124 ARG 124 124 124 ARG ARG A . n 
A 1 125 ILE 125 125 125 ILE ILE A . n 
A 1 126 TRP 126 126 126 TRP TRP A . n 
A 1 127 ILE 127 127 127 ILE ILE A . n 
A 1 128 LYS 128 128 128 LYS LYS A . n 
A 1 129 ASN 129 129 129 ASN ASN A . n 
A 1 130 LEU 130 130 130 LEU LEU A . n 
A 1 131 VAL 131 131 131 VAL VAL A . n 
A 1 132 HIS 132 132 132 HIS HIS A . n 
A 1 133 SER 133 133 133 SER SER A . n 
A 1 134 THR 134 134 134 THR THR A . n 
A 1 135 GLY 135 135 135 GLY GLY A . n 
A 1 136 SER 136 136 136 SER SER A . n 
A 1 137 ALA 137 137 137 ALA ALA A . n 
A 1 138 ASP 138 138 138 ASP ASP A . n 
A 1 139 ASP 139 139 139 ASP ASP A . n 
A 1 140 PHE 140 140 140 PHE PHE A . n 
A 1 141 VAL 141 141 141 VAL VAL A . n 
A 1 142 ASP 142 142 142 ASP ASP A . n 
A 1 143 PRO 143 143 143 PRO PRO A . n 
A 1 144 ILE 144 144 ?   ?   ?   A . n 
A 1 145 ASN 145 145 ?   ?   ?   A . n 
A 1 146 LEU 146 146 ?   ?   ?   A . n 
A 1 147 GLU 147 147 ?   ?   ?   A . n 
A 1 148 HIS 148 148 ?   ?   ?   A . n 
A 1 149 HIS 149 149 ?   ?   ?   A . n 
# 
loop_
_pdbx_nonpoly_scheme.asym_id 
_pdbx_nonpoly_scheme.entity_id 
_pdbx_nonpoly_scheme.mon_id 
_pdbx_nonpoly_scheme.ndb_seq_num 
_pdbx_nonpoly_scheme.pdb_seq_num 
_pdbx_nonpoly_scheme.auth_seq_num 
_pdbx_nonpoly_scheme.pdb_mon_id 
_pdbx_nonpoly_scheme.auth_mon_id 
_pdbx_nonpoly_scheme.pdb_strand_id 
_pdbx_nonpoly_scheme.pdb_ins_code 
C 3 HOH 1   2001 2001 HOH HOH A . 
C 3 HOH 2   2002 2002 HOH HOH A . 
C 3 HOH 3   2003 2003 HOH HOH A . 
C 3 HOH 4   2004 2004 HOH HOH A . 
C 3 HOH 5   2005 2005 HOH HOH A . 
C 3 HOH 6   2006 2006 HOH HOH A . 
C 3 HOH 7   2007 2007 HOH HOH A . 
C 3 HOH 8   2008 2008 HOH HOH A . 
C 3 HOH 9   2009 2009 HOH HOH A . 
C 3 HOH 10  2010 2010 HOH HOH A . 
C 3 HOH 11  2011 2011 HOH HOH A . 
C 3 HOH 12  2012 2012 HOH HOH A . 
C 3 HOH 13  2013 2013 HOH HOH A . 
C 3 HOH 14  2014 2014 HOH HOH A . 
C 3 HOH 15  2015 2015 HOH HOH A . 
C 3 HOH 16  2016 2016 HOH HOH A . 
C 3 HOH 17  2017 2017 HOH HOH A . 
C 3 HOH 18  2018 2018 HOH HOH A . 
C 3 HOH 19  2019 2019 HOH HOH A . 
C 3 HOH 20  2020 2020 HOH HOH A . 
C 3 HOH 21  2021 2021 HOH HOH A . 
C 3 HOH 22  2022 2022 HOH HOH A . 
C 3 HOH 23  2023 2023 HOH HOH A . 
C 3 HOH 24  2024 2024 HOH HOH A . 
C 3 HOH 25  2025 2025 HOH HOH A . 
C 3 HOH 26  2026 2026 HOH HOH A . 
C 3 HOH 27  2027 2027 HOH HOH A . 
C 3 HOH 28  2028 2028 HOH HOH A . 
C 3 HOH 29  2029 2029 HOH HOH A . 
C 3 HOH 30  2030 2030 HOH HOH A . 
C 3 HOH 31  2031 2031 HOH HOH A . 
C 3 HOH 32  2032 2032 HOH HOH A . 
C 3 HOH 33  2033 2033 HOH HOH A . 
C 3 HOH 34  2034 2034 HOH HOH A . 
C 3 HOH 35  2035 2035 HOH HOH A . 
C 3 HOH 36  2036 2036 HOH HOH A . 
C 3 HOH 37  2037 2037 HOH HOH A . 
C 3 HOH 38  2038 2038 HOH HOH A . 
C 3 HOH 39  2039 2039 HOH HOH A . 
C 3 HOH 40  2040 2040 HOH HOH A . 
C 3 HOH 41  2041 2041 HOH HOH A . 
C 3 HOH 42  2042 2042 HOH HOH A . 
C 3 HOH 43  2043 2043 HOH HOH A . 
C 3 HOH 44  2044 2044 HOH HOH A . 
C 3 HOH 45  2045 2045 HOH HOH A . 
C 3 HOH 46  2046 2046 HOH HOH A . 
C 3 HOH 47  2047 2047 HOH HOH A . 
C 3 HOH 48  2048 2048 HOH HOH A . 
C 3 HOH 49  2049 2049 HOH HOH A . 
C 3 HOH 50  2050 2050 HOH HOH A . 
C 3 HOH 51  2051 2051 HOH HOH A . 
C 3 HOH 52  2052 2052 HOH HOH A . 
C 3 HOH 53  2053 2053 HOH HOH A . 
C 3 HOH 54  2054 2054 HOH HOH A . 
C 3 HOH 55  2055 2055 HOH HOH A . 
C 3 HOH 56  2056 2056 HOH HOH A . 
C 3 HOH 57  2057 2057 HOH HOH A . 
C 3 HOH 58  2058 2058 HOH HOH A . 
C 3 HOH 59  2059 2059 HOH HOH A . 
C 3 HOH 60  2060 2060 HOH HOH A . 
C 3 HOH 61  2061 2061 HOH HOH A . 
C 3 HOH 62  2062 2062 HOH HOH A . 
C 3 HOH 63  2063 2063 HOH HOH A . 
C 3 HOH 64  2064 2064 HOH HOH A . 
C 3 HOH 65  2065 2065 HOH HOH A . 
C 3 HOH 66  2066 2066 HOH HOH A . 
C 3 HOH 67  2067 2067 HOH HOH A . 
C 3 HOH 68  2068 2068 HOH HOH A . 
C 3 HOH 69  2069 2069 HOH HOH A . 
C 3 HOH 70  2070 2070 HOH HOH A . 
C 3 HOH 71  2071 2071 HOH HOH A . 
C 3 HOH 72  2072 2072 HOH HOH A . 
C 3 HOH 73  2073 2073 HOH HOH A . 
C 3 HOH 74  2074 2074 HOH HOH A . 
C 3 HOH 75  2075 2075 HOH HOH A . 
C 3 HOH 76  2076 2076 HOH HOH A . 
C 3 HOH 77  2077 2077 HOH HOH A . 
C 3 HOH 78  2078 2078 HOH HOH A . 
C 3 HOH 79  2079 2079 HOH HOH A . 
C 3 HOH 80  2080 2080 HOH HOH A . 
C 3 HOH 81  2081 2081 HOH HOH A . 
C 3 HOH 82  2082 2082 HOH HOH A . 
C 3 HOH 83  2083 2083 HOH HOH A . 
C 3 HOH 84  2084 2084 HOH HOH A . 
C 3 HOH 85  2085 2085 HOH HOH A . 
C 3 HOH 86  2086 2086 HOH HOH A . 
C 3 HOH 87  2087 2087 HOH HOH A . 
C 3 HOH 88  2088 2088 HOH HOH A . 
C 3 HOH 89  2089 2089 HOH HOH A . 
C 3 HOH 90  2090 2090 HOH HOH A . 
C 3 HOH 91  2091 2091 HOH HOH A . 
C 3 HOH 92  2092 2092 HOH HOH A . 
C 3 HOH 93  2093 2093 HOH HOH A . 
C 3 HOH 94  2094 2094 HOH HOH A . 
C 3 HOH 95  2095 2095 HOH HOH A . 
C 3 HOH 96  2096 2096 HOH HOH A . 
C 3 HOH 97  2097 2097 HOH HOH A . 
C 3 HOH 98  2098 2098 HOH HOH A . 
C 3 HOH 99  2099 2099 HOH HOH A . 
C 3 HOH 100 2100 2100 HOH HOH A . 
C 3 HOH 101 2101 2101 HOH HOH A . 
C 3 HOH 102 2102 2102 HOH HOH A . 
C 3 HOH 103 2103 2103 HOH HOH A . 
C 3 HOH 104 2104 2104 HOH HOH A . 
C 3 HOH 105 2105 2105 HOH HOH A . 
C 3 HOH 106 2106 2106 HOH HOH A . 
C 3 HOH 107 2107 2107 HOH HOH A . 
C 3 HOH 108 2108 2108 HOH HOH A . 
C 3 HOH 109 2109 2109 HOH HOH A . 
C 3 HOH 110 2110 2110 HOH HOH A . 
C 3 HOH 111 2111 2111 HOH HOH A . 
C 3 HOH 112 2112 2112 HOH HOH A . 
C 3 HOH 113 2113 2113 HOH HOH A . 
C 3 HOH 114 2114 2114 HOH HOH A . 
C 3 HOH 115 2115 2115 HOH HOH A . 
C 3 HOH 116 2116 2116 HOH HOH A . 
C 3 HOH 117 2117 2117 HOH HOH A . 
C 3 HOH 118 2118 2118 HOH HOH A . 
C 3 HOH 119 2119 2119 HOH HOH A . 
C 3 HOH 120 2120 2120 HOH HOH A . 
C 3 HOH 121 2121 2121 HOH HOH A . 
C 3 HOH 122 2122 2122 HOH HOH A . 
C 3 HOH 123 2123 2123 HOH HOH A . 
C 3 HOH 124 2124 2124 HOH HOH A . 
C 3 HOH 125 2125 2125 HOH HOH A . 
C 3 HOH 126 2126 2126 HOH HOH A . 
C 3 HOH 127 2127 2127 HOH HOH A . 
C 3 HOH 128 2128 2128 HOH HOH A . 
C 3 HOH 129 2129 2129 HOH HOH A . 
C 3 HOH 130 2130 2130 HOH HOH A . 
C 3 HOH 131 2131 2131 HOH HOH A . 
C 3 HOH 132 2132 2132 HOH HOH A . 
C 3 HOH 133 2133 2133 HOH HOH A . 
C 3 HOH 134 2134 2134 HOH HOH A . 
C 3 HOH 135 2135 2135 HOH HOH A . 
C 3 HOH 136 2136 2136 HOH HOH A . 
C 3 HOH 137 2137 2137 HOH HOH A . 
C 3 HOH 138 2138 2138 HOH HOH A . 
C 3 HOH 139 2139 2139 HOH HOH A . 
C 3 HOH 140 2140 2140 HOH HOH A . 
C 3 HOH 141 2141 2141 HOH HOH A . 
C 3 HOH 142 2142 2142 HOH HOH A . 
C 3 HOH 143 2143 2143 HOH HOH A . 
C 3 HOH 144 2144 2144 HOH HOH A . 
C 3 HOH 145 2145 2145 HOH HOH A . 
C 3 HOH 146 2146 2146 HOH HOH A . 
C 3 HOH 147 2147 2147 HOH HOH A . 
C 3 HOH 148 2148 2148 HOH HOH A . 
C 3 HOH 149 2149 2149 HOH HOH A . 
C 3 HOH 150 2150 2150 HOH HOH A . 
C 3 HOH 151 2151 2151 HOH HOH A . 
C 3 HOH 152 2152 2152 HOH HOH A . 
C 3 HOH 153 2153 2153 HOH HOH A . 
C 3 HOH 154 2154 2154 HOH HOH A . 
C 3 HOH 155 2155 2155 HOH HOH A . 
C 3 HOH 156 2156 2156 HOH HOH A . 
C 3 HOH 157 2157 2157 HOH HOH A . 
C 3 HOH 158 2158 2158 HOH HOH A . 
C 3 HOH 159 2159 2159 HOH HOH A . 
C 3 HOH 160 2160 2160 HOH HOH A . 
C 3 HOH 161 2161 2161 HOH HOH A . 
C 3 HOH 162 2162 2162 HOH HOH A . 
C 3 HOH 163 2163 2163 HOH HOH A . 
C 3 HOH 164 2164 2164 HOH HOH A . 
C 3 HOH 165 2165 2165 HOH HOH A . 
C 3 HOH 166 2166 2166 HOH HOH A . 
# 
_pdbx_struct_assembly.id                   1 
_pdbx_struct_assembly.details              author_and_software_defined_assembly 
_pdbx_struct_assembly.method_details       PQS 
_pdbx_struct_assembly.oligomeric_details   monomeric 
_pdbx_struct_assembly.oligomeric_count     1 
# 
_pdbx_struct_assembly_gen.assembly_id       1 
_pdbx_struct_assembly_gen.oper_expression   1 
_pdbx_struct_assembly_gen.asym_id_list      A,B,C 
# 
_pdbx_struct_oper_list.id                   1 
_pdbx_struct_oper_list.type                 'identity operation' 
_pdbx_struct_oper_list.name                 1_555 
_pdbx_struct_oper_list.symmetry_operation   x,y,z 
_pdbx_struct_oper_list.matrix[1][1]         1.0000000000 
_pdbx_struct_oper_list.matrix[1][2]         0.0000000000 
_pdbx_struct_oper_list.matrix[1][3]         0.0000000000 
_pdbx_struct_oper_list.vector[1]            0.0000000000 
_pdbx_struct_oper_list.matrix[2][1]         0.0000000000 
_pdbx_struct_oper_list.matrix[2][2]         1.0000000000 
_pdbx_struct_oper_list.matrix[2][3]         0.0000000000 
_pdbx_struct_oper_list.vector[2]            0.0000000000 
_pdbx_struct_oper_list.matrix[3][1]         0.0000000000 
_pdbx_struct_oper_list.matrix[3][2]         0.0000000000 
_pdbx_struct_oper_list.matrix[3][3]         1.0000000000 
_pdbx_struct_oper_list.vector[3]            0.0000000000 
# 
loop_
_pdbx_audit_revision_history.ordinal 
_pdbx_audit_revision_history.data_content_type 
_pdbx_audit_revision_history.major_revision 
_pdbx_audit_revision_history.minor_revision 
_pdbx_audit_revision_history.revision_date 
1 'Structure model' 1 0 2005-03-22 
2 'Structure model' 1 1 2011-05-08 
3 'Structure model' 1 2 2011-07-13 
4 'Structure model' 2 0 2020-07-29 
5 'Structure model' 2 1 2023-12-13 
# 
loop_
_pdbx_audit_revision_details.ordinal 
_pdbx_audit_revision_details.revision_ordinal 
_pdbx_audit_revision_details.data_content_type 
_pdbx_audit_revision_details.provider 
_pdbx_audit_revision_details.type 
_pdbx_audit_revision_details.description 
_pdbx_audit_revision_details.details 
1 1 'Structure model' repository 'Initial release' ?                          ? 
2 4 'Structure model' repository Remediation       'Carbohydrate remediation' ? 
# 
loop_
_pdbx_audit_revision_group.ordinal 
_pdbx_audit_revision_group.revision_ordinal 
_pdbx_audit_revision_group.data_content_type 
_pdbx_audit_revision_group.group 
1  2 'Structure model' 'Version format compliance' 
2  3 'Structure model' 'Version format compliance' 
3  4 'Structure model' 'Atomic model'              
4  4 'Structure model' 'Data collection'           
5  4 'Structure model' 'Derived calculations'      
6  4 'Structure model' Other                       
7  4 'Structure model' 'Structure summary'         
8  5 'Structure model' 'Data collection'           
9  5 'Structure model' 'Database references'       
10 5 'Structure model' 'Refinement description'    
11 5 'Structure model' 'Structure summary'         
# 
loop_
_pdbx_audit_revision_category.ordinal 
_pdbx_audit_revision_category.revision_ordinal 
_pdbx_audit_revision_category.data_content_type 
_pdbx_audit_revision_category.category 
1  4 'Structure model' atom_site                     
2  4 'Structure model' chem_comp                     
3  4 'Structure model' entity                        
4  4 'Structure model' pdbx_branch_scheme            
5  4 'Structure model' pdbx_chem_comp_identifier     
6  4 'Structure model' pdbx_database_status          
7  4 'Structure model' pdbx_entity_branch            
8  4 'Structure model' pdbx_entity_branch_descriptor 
9  4 'Structure model' pdbx_entity_branch_link       
10 4 'Structure model' pdbx_entity_branch_list       
11 4 'Structure model' pdbx_entity_nonpoly           
12 4 'Structure model' pdbx_nonpoly_scheme           
13 4 'Structure model' pdbx_struct_assembly_gen      
14 4 'Structure model' struct_asym                   
15 4 'Structure model' struct_conn                   
16 4 'Structure model' struct_site                   
17 4 'Structure model' struct_site_gen               
18 5 'Structure model' chem_comp                     
19 5 'Structure model' chem_comp_atom                
20 5 'Structure model' chem_comp_bond                
21 5 'Structure model' database_2                    
22 5 'Structure model' pdbx_initial_refinement_model 
# 
loop_
_pdbx_audit_revision_item.ordinal 
_pdbx_audit_revision_item.revision_ordinal 
_pdbx_audit_revision_item.data_content_type 
_pdbx_audit_revision_item.item 
1  4 'Structure model' '_atom_site.auth_asym_id'                
2  4 'Structure model' '_atom_site.auth_seq_id'                 
3  4 'Structure model' '_atom_site.label_asym_id'               
4  4 'Structure model' '_chem_comp.name'                        
5  4 'Structure model' '_chem_comp.type'                        
6  4 'Structure model' '_entity.formula_weight'                 
7  4 'Structure model' '_entity.pdbx_description'               
8  4 'Structure model' '_entity.pdbx_number_of_molecules'       
9  4 'Structure model' '_entity.type'                           
10 4 'Structure model' '_pdbx_database_status.status_code_sf'   
11 4 'Structure model' '_pdbx_struct_assembly_gen.asym_id_list' 
12 4 'Structure model' '_struct_conn.pdbx_leaving_atom_flag'    
13 4 'Structure model' '_struct_conn.ptnr1_auth_asym_id'        
14 4 'Structure model' '_struct_conn.ptnr1_auth_seq_id'         
15 4 'Structure model' '_struct_conn.ptnr1_label_asym_id'       
16 4 'Structure model' '_struct_conn.ptnr2_auth_asym_id'        
17 4 'Structure model' '_struct_conn.ptnr2_auth_seq_id'         
18 4 'Structure model' '_struct_conn.ptnr2_label_asym_id'       
19 5 'Structure model' '_chem_comp.pdbx_synonyms'               
20 5 'Structure model' '_database_2.pdbx_DOI'                   
21 5 'Structure model' '_database_2.pdbx_database_accession'    
# 
loop_
_software.name 
_software.classification 
_software.version 
_software.citation_id 
_software.pdbx_ordinal 
REFMAC    refinement       5.2.0003 ? 1 
DENZO     'data reduction' .        ? 2 
SCALEPACK 'data scaling'   .        ? 3 
AMoRE     phasing          .        ? 4 
# 
_pdbx_database_remark.id     700 
_pdbx_database_remark.text   
;
SHEET
THE SHEET STRUCTURE OF THIS MOLECULE IS BIFURCATED. IN
ORDER TO REPRESENT THIS FEATURE IN THE SHEET RECORDS BELOW,
TWO SHEETS ARE DEFINED.
;
# 
_pdbx_entry_details.entry_id                 1W8U 
_pdbx_entry_details.compound_details         'ENGINEERED RESIDUE ASP 415 ALA, CHAIN A' 
_pdbx_entry_details.source_details           ? 
_pdbx_entry_details.nonpolymer_details       ? 
_pdbx_entry_details.sequence_details         ? 
_pdbx_entry_details.has_ligand_of_interest   ? 
# 
_pdbx_validate_symm_contact.id                1 
_pdbx_validate_symm_contact.PDB_model_num     1 
_pdbx_validate_symm_contact.auth_atom_id_1    O 
_pdbx_validate_symm_contact.auth_asym_id_1    A 
_pdbx_validate_symm_contact.auth_comp_id_1    LYS 
_pdbx_validate_symm_contact.auth_seq_id_1     12 
_pdbx_validate_symm_contact.PDB_ins_code_1    ? 
_pdbx_validate_symm_contact.label_alt_id_1    ? 
_pdbx_validate_symm_contact.site_symmetry_1   1_555 
_pdbx_validate_symm_contact.auth_atom_id_2    OD2 
_pdbx_validate_symm_contact.auth_asym_id_2    A 
_pdbx_validate_symm_contact.auth_comp_id_2    ASP 
_pdbx_validate_symm_contact.auth_seq_id_2     107 
_pdbx_validate_symm_contact.PDB_ins_code_2    ? 
_pdbx_validate_symm_contact.label_alt_id_2    B 
_pdbx_validate_symm_contact.site_symmetry_2   3_555 
_pdbx_validate_symm_contact.dist              1.70 
# 
loop_
_pdbx_validate_rmsd_angle.id 
_pdbx_validate_rmsd_angle.PDB_model_num 
_pdbx_validate_rmsd_angle.auth_atom_id_1 
_pdbx_validate_rmsd_angle.auth_asym_id_1 
_pdbx_validate_rmsd_angle.auth_comp_id_1 
_pdbx_validate_rmsd_angle.auth_seq_id_1 
_pdbx_validate_rmsd_angle.PDB_ins_code_1 
_pdbx_validate_rmsd_angle.label_alt_id_1 
_pdbx_validate_rmsd_angle.auth_atom_id_2 
_pdbx_validate_rmsd_angle.auth_asym_id_2 
_pdbx_validate_rmsd_angle.auth_comp_id_2 
_pdbx_validate_rmsd_angle.auth_seq_id_2 
_pdbx_validate_rmsd_angle.PDB_ins_code_2 
_pdbx_validate_rmsd_angle.label_alt_id_2 
_pdbx_validate_rmsd_angle.auth_atom_id_3 
_pdbx_validate_rmsd_angle.auth_asym_id_3 
_pdbx_validate_rmsd_angle.auth_comp_id_3 
_pdbx_validate_rmsd_angle.auth_seq_id_3 
_pdbx_validate_rmsd_angle.PDB_ins_code_3 
_pdbx_validate_rmsd_angle.label_alt_id_3 
_pdbx_validate_rmsd_angle.angle_value 
_pdbx_validate_rmsd_angle.angle_target_value 
_pdbx_validate_rmsd_angle.angle_deviation 
_pdbx_validate_rmsd_angle.angle_standard_deviation 
_pdbx_validate_rmsd_angle.linker_flag 
1 1 NE  A ARG 4   ? B CZ A ARG 4   ? B NH1 A ARG 4   ? B 113.96 120.30 -6.34 0.50 N 
2 1 NE  A ARG 4   ? B CZ A ARG 4   ? B NH2 A ARG 4   ? B 124.16 120.30 3.86  0.50 N 
3 1 CA  A CYS 28  ? ? CB A CYS 28  ? ? SG  A CYS 28  ? B 133.42 114.20 19.22 1.10 N 
4 1 CG1 A VAL 49  ? B CB A VAL 49  ? ? CG2 A VAL 49  ? B 101.08 110.90 -9.82 1.60 N 
5 1 CB  A ASP 142 ? ? CG A ASP 142 ? ? OD2 A ASP 142 ? ? 127.21 118.30 8.91  0.90 N 
# 
loop_
_pdbx_unobs_or_zero_occ_residues.id 
_pdbx_unobs_or_zero_occ_residues.PDB_model_num 
_pdbx_unobs_or_zero_occ_residues.polymer_flag 
_pdbx_unobs_or_zero_occ_residues.occupancy_flag 
_pdbx_unobs_or_zero_occ_residues.auth_asym_id 
_pdbx_unobs_or_zero_occ_residues.auth_comp_id 
_pdbx_unobs_or_zero_occ_residues.auth_seq_id 
_pdbx_unobs_or_zero_occ_residues.PDB_ins_code 
_pdbx_unobs_or_zero_occ_residues.label_asym_id 
_pdbx_unobs_or_zero_occ_residues.label_comp_id 
_pdbx_unobs_or_zero_occ_residues.label_seq_id 
1 1 Y 1 A SER 1   ? A SER 1   
2 1 Y 1 A ASN 2   ? A ASN 2   
3 1 Y 1 A ILE 144 ? A ILE 144 
4 1 Y 1 A ASN 145 ? A ASN 145 
5 1 Y 1 A LEU 146 ? A LEU 146 
6 1 Y 1 A GLU 147 ? A GLU 147 
7 1 Y 1 A HIS 148 ? A HIS 148 
8 1 Y 1 A HIS 149 ? A HIS 149 
# 
loop_
_chem_comp_atom.comp_id 
_chem_comp_atom.atom_id 
_chem_comp_atom.type_symbol 
_chem_comp_atom.pdbx_aromatic_flag 
_chem_comp_atom.pdbx_stereo_config 
_chem_comp_atom.pdbx_ordinal 
ALA N    N N N 1   
ALA CA   C N S 2   
ALA C    C N N 3   
ALA O    O N N 4   
ALA CB   C N N 5   
ALA OXT  O N N 6   
ALA H    H N N 7   
ALA H2   H N N 8   
ALA HA   H N N 9   
ALA HB1  H N N 10  
ALA HB2  H N N 11  
ALA HB3  H N N 12  
ALA HXT  H N N 13  
ARG N    N N N 14  
ARG CA   C N S 15  
ARG C    C N N 16  
ARG O    O N N 17  
ARG CB   C N N 18  
ARG CG   C N N 19  
ARG CD   C N N 20  
ARG NE   N N N 21  
ARG CZ   C N N 22  
ARG NH1  N N N 23  
ARG NH2  N N N 24  
ARG OXT  O N N 25  
ARG H    H N N 26  
ARG H2   H N N 27  
ARG HA   H N N 28  
ARG HB2  H N N 29  
ARG HB3  H N N 30  
ARG HG2  H N N 31  
ARG HG3  H N N 32  
ARG HD2  H N N 33  
ARG HD3  H N N 34  
ARG HE   H N N 35  
ARG HH11 H N N 36  
ARG HH12 H N N 37  
ARG HH21 H N N 38  
ARG HH22 H N N 39  
ARG HXT  H N N 40  
ASN N    N N N 41  
ASN CA   C N S 42  
ASN C    C N N 43  
ASN O    O N N 44  
ASN CB   C N N 45  
ASN CG   C N N 46  
ASN OD1  O N N 47  
ASN ND2  N N N 48  
ASN OXT  O N N 49  
ASN H    H N N 50  
ASN H2   H N N 51  
ASN HA   H N N 52  
ASN HB2  H N N 53  
ASN HB3  H N N 54  
ASN HD21 H N N 55  
ASN HD22 H N N 56  
ASN HXT  H N N 57  
ASP N    N N N 58  
ASP CA   C N S 59  
ASP C    C N N 60  
ASP O    O N N 61  
ASP CB   C N N 62  
ASP CG   C N N 63  
ASP OD1  O N N 64  
ASP OD2  O N N 65  
ASP OXT  O N N 66  
ASP H    H N N 67  
ASP H2   H N N 68  
ASP HA   H N N 69  
ASP HB2  H N N 70  
ASP HB3  H N N 71  
ASP HD2  H N N 72  
ASP HXT  H N N 73  
BMA C1   C N R 74  
BMA C2   C N S 75  
BMA C3   C N S 76  
BMA C4   C N S 77  
BMA C5   C N R 78  
BMA C6   C N N 79  
BMA O1   O N N 80  
BMA O2   O N N 81  
BMA O3   O N N 82  
BMA O4   O N N 83  
BMA O5   O N N 84  
BMA O6   O N N 85  
BMA H1   H N N 86  
BMA H2   H N N 87  
BMA H3   H N N 88  
BMA H4   H N N 89  
BMA H5   H N N 90  
BMA H61  H N N 91  
BMA H62  H N N 92  
BMA HO1  H N N 93  
BMA HO2  H N N 94  
BMA HO3  H N N 95  
BMA HO4  H N N 96  
BMA HO6  H N N 97  
CYS N    N N N 98  
CYS CA   C N R 99  
CYS C    C N N 100 
CYS O    O N N 101 
CYS CB   C N N 102 
CYS SG   S N N 103 
CYS OXT  O N N 104 
CYS H    H N N 105 
CYS H2   H N N 106 
CYS HA   H N N 107 
CYS HB2  H N N 108 
CYS HB3  H N N 109 
CYS HG   H N N 110 
CYS HXT  H N N 111 
GLN N    N N N 112 
GLN CA   C N S 113 
GLN C    C N N 114 
GLN O    O N N 115 
GLN CB   C N N 116 
GLN CG   C N N 117 
GLN CD   C N N 118 
GLN OE1  O N N 119 
GLN NE2  N N N 120 
GLN OXT  O N N 121 
GLN H    H N N 122 
GLN H2   H N N 123 
GLN HA   H N N 124 
GLN HB2  H N N 125 
GLN HB3  H N N 126 
GLN HG2  H N N 127 
GLN HG3  H N N 128 
GLN HE21 H N N 129 
GLN HE22 H N N 130 
GLN HXT  H N N 131 
GLU N    N N N 132 
GLU CA   C N S 133 
GLU C    C N N 134 
GLU O    O N N 135 
GLU CB   C N N 136 
GLU CG   C N N 137 
GLU CD   C N N 138 
GLU OE1  O N N 139 
GLU OE2  O N N 140 
GLU OXT  O N N 141 
GLU H    H N N 142 
GLU H2   H N N 143 
GLU HA   H N N 144 
GLU HB2  H N N 145 
GLU HB3  H N N 146 
GLU HG2  H N N 147 
GLU HG3  H N N 148 
GLU HE2  H N N 149 
GLU HXT  H N N 150 
GLY N    N N N 151 
GLY CA   C N N 152 
GLY C    C N N 153 
GLY O    O N N 154 
GLY OXT  O N N 155 
GLY H    H N N 156 
GLY H2   H N N 157 
GLY HA2  H N N 158 
GLY HA3  H N N 159 
GLY HXT  H N N 160 
HIS N    N N N 161 
HIS CA   C N S 162 
HIS C    C N N 163 
HIS O    O N N 164 
HIS CB   C N N 165 
HIS CG   C Y N 166 
HIS ND1  N Y N 167 
HIS CD2  C Y N 168 
HIS CE1  C Y N 169 
HIS NE2  N Y N 170 
HIS OXT  O N N 171 
HIS H    H N N 172 
HIS H2   H N N 173 
HIS HA   H N N 174 
HIS HB2  H N N 175 
HIS HB3  H N N 176 
HIS HD1  H N N 177 
HIS HD2  H N N 178 
HIS HE1  H N N 179 
HIS HE2  H N N 180 
HIS HXT  H N N 181 
HOH O    O N N 182 
HOH H1   H N N 183 
HOH H2   H N N 184 
ILE N    N N N 185 
ILE CA   C N S 186 
ILE C    C N N 187 
ILE O    O N N 188 
ILE CB   C N S 189 
ILE CG1  C N N 190 
ILE CG2  C N N 191 
ILE CD1  C N N 192 
ILE OXT  O N N 193 
ILE H    H N N 194 
ILE H2   H N N 195 
ILE HA   H N N 196 
ILE HB   H N N 197 
ILE HG12 H N N 198 
ILE HG13 H N N 199 
ILE HG21 H N N 200 
ILE HG22 H N N 201 
ILE HG23 H N N 202 
ILE HD11 H N N 203 
ILE HD12 H N N 204 
ILE HD13 H N N 205 
ILE HXT  H N N 206 
LEU N    N N N 207 
LEU CA   C N S 208 
LEU C    C N N 209 
LEU O    O N N 210 
LEU CB   C N N 211 
LEU CG   C N N 212 
LEU CD1  C N N 213 
LEU CD2  C N N 214 
LEU OXT  O N N 215 
LEU H    H N N 216 
LEU H2   H N N 217 
LEU HA   H N N 218 
LEU HB2  H N N 219 
LEU HB3  H N N 220 
LEU HG   H N N 221 
LEU HD11 H N N 222 
LEU HD12 H N N 223 
LEU HD13 H N N 224 
LEU HD21 H N N 225 
LEU HD22 H N N 226 
LEU HD23 H N N 227 
LEU HXT  H N N 228 
LYS N    N N N 229 
LYS CA   C N S 230 
LYS C    C N N 231 
LYS O    O N N 232 
LYS CB   C N N 233 
LYS CG   C N N 234 
LYS CD   C N N 235 
LYS CE   C N N 236 
LYS NZ   N N N 237 
LYS OXT  O N N 238 
LYS H    H N N 239 
LYS H2   H N N 240 
LYS HA   H N N 241 
LYS HB2  H N N 242 
LYS HB3  H N N 243 
LYS HG2  H N N 244 
LYS HG3  H N N 245 
LYS HD2  H N N 246 
LYS HD3  H N N 247 
LYS HE2  H N N 248 
LYS HE3  H N N 249 
LYS HZ1  H N N 250 
LYS HZ2  H N N 251 
LYS HZ3  H N N 252 
LYS HXT  H N N 253 
MET N    N N N 254 
MET CA   C N S 255 
MET C    C N N 256 
MET O    O N N 257 
MET CB   C N N 258 
MET CG   C N N 259 
MET SD   S N N 260 
MET CE   C N N 261 
MET OXT  O N N 262 
MET H    H N N 263 
MET H2   H N N 264 
MET HA   H N N 265 
MET HB2  H N N 266 
MET HB3  H N N 267 
MET HG2  H N N 268 
MET HG3  H N N 269 
MET HE1  H N N 270 
MET HE2  H N N 271 
MET HE3  H N N 272 
MET HXT  H N N 273 
PHE N    N N N 274 
PHE CA   C N S 275 
PHE C    C N N 276 
PHE O    O N N 277 
PHE CB   C N N 278 
PHE CG   C Y N 279 
PHE CD1  C Y N 280 
PHE CD2  C Y N 281 
PHE CE1  C Y N 282 
PHE CE2  C Y N 283 
PHE CZ   C Y N 284 
PHE OXT  O N N 285 
PHE H    H N N 286 
PHE H2   H N N 287 
PHE HA   H N N 288 
PHE HB2  H N N 289 
PHE HB3  H N N 290 
PHE HD1  H N N 291 
PHE HD2  H N N 292 
PHE HE1  H N N 293 
PHE HE2  H N N 294 
PHE HZ   H N N 295 
PHE HXT  H N N 296 
PRO N    N N N 297 
PRO CA   C N S 298 
PRO C    C N N 299 
PRO O    O N N 300 
PRO CB   C N N 301 
PRO CG   C N N 302 
PRO CD   C N N 303 
PRO OXT  O N N 304 
PRO H    H N N 305 
PRO HA   H N N 306 
PRO HB2  H N N 307 
PRO HB3  H N N 308 
PRO HG2  H N N 309 
PRO HG3  H N N 310 
PRO HD2  H N N 311 
PRO HD3  H N N 312 
PRO HXT  H N N 313 
SER N    N N N 314 
SER CA   C N S 315 
SER C    C N N 316 
SER O    O N N 317 
SER CB   C N N 318 
SER OG   O N N 319 
SER OXT  O N N 320 
SER H    H N N 321 
SER H2   H N N 322 
SER HA   H N N 323 
SER HB2  H N N 324 
SER HB3  H N N 325 
SER HG   H N N 326 
SER HXT  H N N 327 
THR N    N N N 328 
THR CA   C N S 329 
THR C    C N N 330 
THR O    O N N 331 
THR CB   C N R 332 
THR OG1  O N N 333 
THR CG2  C N N 334 
THR OXT  O N N 335 
THR H    H N N 336 
THR H2   H N N 337 
THR HA   H N N 338 
THR HB   H N N 339 
THR HG1  H N N 340 
THR HG21 H N N 341 
THR HG22 H N N 342 
THR HG23 H N N 343 
THR HXT  H N N 344 
TRP N    N N N 345 
TRP CA   C N S 346 
TRP C    C N N 347 
TRP O    O N N 348 
TRP CB   C N N 349 
TRP CG   C Y N 350 
TRP CD1  C Y N 351 
TRP CD2  C Y N 352 
TRP NE1  N Y N 353 
TRP CE2  C Y N 354 
TRP CE3  C Y N 355 
TRP CZ2  C Y N 356 
TRP CZ3  C Y N 357 
TRP CH2  C Y N 358 
TRP OXT  O N N 359 
TRP H    H N N 360 
TRP H2   H N N 361 
TRP HA   H N N 362 
TRP HB2  H N N 363 
TRP HB3  H N N 364 
TRP HD1  H N N 365 
TRP HE1  H N N 366 
TRP HE3  H N N 367 
TRP HZ2  H N N 368 
TRP HZ3  H N N 369 
TRP HH2  H N N 370 
TRP HXT  H N N 371 
TYR N    N N N 372 
TYR CA   C N S 373 
TYR C    C N N 374 
TYR O    O N N 375 
TYR CB   C N N 376 
TYR CG   C Y N 377 
TYR CD1  C Y N 378 
TYR CD2  C Y N 379 
TYR CE1  C Y N 380 
TYR CE2  C Y N 381 
TYR CZ   C Y N 382 
TYR OH   O N N 383 
TYR OXT  O N N 384 
TYR H    H N N 385 
TYR H2   H N N 386 
TYR HA   H N N 387 
TYR HB2  H N N 388 
TYR HB3  H N N 389 
TYR HD1  H N N 390 
TYR HD2  H N N 391 
TYR HE1  H N N 392 
TYR HE2  H N N 393 
TYR HH   H N N 394 
TYR HXT  H N N 395 
VAL N    N N N 396 
VAL CA   C N S 397 
VAL C    C N N 398 
VAL O    O N N 399 
VAL CB   C N N 400 
VAL CG1  C N N 401 
VAL CG2  C N N 402 
VAL OXT  O N N 403 
VAL H    H N N 404 
VAL H2   H N N 405 
VAL HA   H N N 406 
VAL HB   H N N 407 
VAL HG11 H N N 408 
VAL HG12 H N N 409 
VAL HG13 H N N 410 
VAL HG21 H N N 411 
VAL HG22 H N N 412 
VAL HG23 H N N 413 
VAL HXT  H N N 414 
# 
loop_
_chem_comp_bond.comp_id 
_chem_comp_bond.atom_id_1 
_chem_comp_bond.atom_id_2 
_chem_comp_bond.value_order 
_chem_comp_bond.pdbx_aromatic_flag 
_chem_comp_bond.pdbx_stereo_config 
_chem_comp_bond.pdbx_ordinal 
ALA N   CA   sing N N 1   
ALA N   H    sing N N 2   
ALA N   H2   sing N N 3   
ALA CA  C    sing N N 4   
ALA CA  CB   sing N N 5   
ALA CA  HA   sing N N 6   
ALA C   O    doub N N 7   
ALA C   OXT  sing N N 8   
ALA CB  HB1  sing N N 9   
ALA CB  HB2  sing N N 10  
ALA CB  HB3  sing N N 11  
ALA OXT HXT  sing N N 12  
ARG N   CA   sing N N 13  
ARG N   H    sing N N 14  
ARG N   H2   sing N N 15  
ARG CA  C    sing N N 16  
ARG CA  CB   sing N N 17  
ARG CA  HA   sing N N 18  
ARG C   O    doub N N 19  
ARG C   OXT  sing N N 20  
ARG CB  CG   sing N N 21  
ARG CB  HB2  sing N N 22  
ARG CB  HB3  sing N N 23  
ARG CG  CD   sing N N 24  
ARG CG  HG2  sing N N 25  
ARG CG  HG3  sing N N 26  
ARG CD  NE   sing N N 27  
ARG CD  HD2  sing N N 28  
ARG CD  HD3  sing N N 29  
ARG NE  CZ   sing N N 30  
ARG NE  HE   sing N N 31  
ARG CZ  NH1  sing N N 32  
ARG CZ  NH2  doub N N 33  
ARG NH1 HH11 sing N N 34  
ARG NH1 HH12 sing N N 35  
ARG NH2 HH21 sing N N 36  
ARG NH2 HH22 sing N N 37  
ARG OXT HXT  sing N N 38  
ASN N   CA   sing N N 39  
ASN N   H    sing N N 40  
ASN N   H2   sing N N 41  
ASN CA  C    sing N N 42  
ASN CA  CB   sing N N 43  
ASN CA  HA   sing N N 44  
ASN C   O    doub N N 45  
ASN C   OXT  sing N N 46  
ASN CB  CG   sing N N 47  
ASN CB  HB2  sing N N 48  
ASN CB  HB3  sing N N 49  
ASN CG  OD1  doub N N 50  
ASN CG  ND2  sing N N 51  
ASN ND2 HD21 sing N N 52  
ASN ND2 HD22 sing N N 53  
ASN OXT HXT  sing N N 54  
ASP N   CA   sing N N 55  
ASP N   H    sing N N 56  
ASP N   H2   sing N N 57  
ASP CA  C    sing N N 58  
ASP CA  CB   sing N N 59  
ASP CA  HA   sing N N 60  
ASP C   O    doub N N 61  
ASP C   OXT  sing N N 62  
ASP CB  CG   sing N N 63  
ASP CB  HB2  sing N N 64  
ASP CB  HB3  sing N N 65  
ASP CG  OD1  doub N N 66  
ASP CG  OD2  sing N N 67  
ASP OD2 HD2  sing N N 68  
ASP OXT HXT  sing N N 69  
BMA C1  C2   sing N N 70  
BMA C1  O1   sing N N 71  
BMA C1  O5   sing N N 72  
BMA C1  H1   sing N N 73  
BMA C2  C3   sing N N 74  
BMA C2  O2   sing N N 75  
BMA C2  H2   sing N N 76  
BMA C3  C4   sing N N 77  
BMA C3  O3   sing N N 78  
BMA C3  H3   sing N N 79  
BMA C4  C5   sing N N 80  
BMA C4  O4   sing N N 81  
BMA C4  H4   sing N N 82  
BMA C5  C6   sing N N 83  
BMA C5  O5   sing N N 84  
BMA C5  H5   sing N N 85  
BMA C6  O6   sing N N 86  
BMA C6  H61  sing N N 87  
BMA C6  H62  sing N N 88  
BMA O1  HO1  sing N N 89  
BMA O2  HO2  sing N N 90  
BMA O3  HO3  sing N N 91  
BMA O4  HO4  sing N N 92  
BMA O6  HO6  sing N N 93  
CYS N   CA   sing N N 94  
CYS N   H    sing N N 95  
CYS N   H2   sing N N 96  
CYS CA  C    sing N N 97  
CYS CA  CB   sing N N 98  
CYS CA  HA   sing N N 99  
CYS C   O    doub N N 100 
CYS C   OXT  sing N N 101 
CYS CB  SG   sing N N 102 
CYS CB  HB2  sing N N 103 
CYS CB  HB3  sing N N 104 
CYS SG  HG   sing N N 105 
CYS OXT HXT  sing N N 106 
GLN N   CA   sing N N 107 
GLN N   H    sing N N 108 
GLN N   H2   sing N N 109 
GLN CA  C    sing N N 110 
GLN CA  CB   sing N N 111 
GLN CA  HA   sing N N 112 
GLN C   O    doub N N 113 
GLN C   OXT  sing N N 114 
GLN CB  CG   sing N N 115 
GLN CB  HB2  sing N N 116 
GLN CB  HB3  sing N N 117 
GLN CG  CD   sing N N 118 
GLN CG  HG2  sing N N 119 
GLN CG  HG3  sing N N 120 
GLN CD  OE1  doub N N 121 
GLN CD  NE2  sing N N 122 
GLN NE2 HE21 sing N N 123 
GLN NE2 HE22 sing N N 124 
GLN OXT HXT  sing N N 125 
GLU N   CA   sing N N 126 
GLU N   H    sing N N 127 
GLU N   H2   sing N N 128 
GLU CA  C    sing N N 129 
GLU CA  CB   sing N N 130 
GLU CA  HA   sing N N 131 
GLU C   O    doub N N 132 
GLU C   OXT  sing N N 133 
GLU CB  CG   sing N N 134 
GLU CB  HB2  sing N N 135 
GLU CB  HB3  sing N N 136 
GLU CG  CD   sing N N 137 
GLU CG  HG2  sing N N 138 
GLU CG  HG3  sing N N 139 
GLU CD  OE1  doub N N 140 
GLU CD  OE2  sing N N 141 
GLU OE2 HE2  sing N N 142 
GLU OXT HXT  sing N N 143 
GLY N   CA   sing N N 144 
GLY N   H    sing N N 145 
GLY N   H2   sing N N 146 
GLY CA  C    sing N N 147 
GLY CA  HA2  sing N N 148 
GLY CA  HA3  sing N N 149 
GLY C   O    doub N N 150 
GLY C   OXT  sing N N 151 
GLY OXT HXT  sing N N 152 
HIS N   CA   sing N N 153 
HIS N   H    sing N N 154 
HIS N   H2   sing N N 155 
HIS CA  C    sing N N 156 
HIS CA  CB   sing N N 157 
HIS CA  HA   sing N N 158 
HIS C   O    doub N N 159 
HIS C   OXT  sing N N 160 
HIS CB  CG   sing N N 161 
HIS CB  HB2  sing N N 162 
HIS CB  HB3  sing N N 163 
HIS CG  ND1  sing Y N 164 
HIS CG  CD2  doub Y N 165 
HIS ND1 CE1  doub Y N 166 
HIS ND1 HD1  sing N N 167 
HIS CD2 NE2  sing Y N 168 
HIS CD2 HD2  sing N N 169 
HIS CE1 NE2  sing Y N 170 
HIS CE1 HE1  sing N N 171 
HIS NE2 HE2  sing N N 172 
HIS OXT HXT  sing N N 173 
HOH O   H1   sing N N 174 
HOH O   H2   sing N N 175 
ILE N   CA   sing N N 176 
ILE N   H    sing N N 177 
ILE N   H2   sing N N 178 
ILE CA  C    sing N N 179 
ILE CA  CB   sing N N 180 
ILE CA  HA   sing N N 181 
ILE C   O    doub N N 182 
ILE C   OXT  sing N N 183 
ILE CB  CG1  sing N N 184 
ILE CB  CG2  sing N N 185 
ILE CB  HB   sing N N 186 
ILE CG1 CD1  sing N N 187 
ILE CG1 HG12 sing N N 188 
ILE CG1 HG13 sing N N 189 
ILE CG2 HG21 sing N N 190 
ILE CG2 HG22 sing N N 191 
ILE CG2 HG23 sing N N 192 
ILE CD1 HD11 sing N N 193 
ILE CD1 HD12 sing N N 194 
ILE CD1 HD13 sing N N 195 
ILE OXT HXT  sing N N 196 
LEU N   CA   sing N N 197 
LEU N   H    sing N N 198 
LEU N   H2   sing N N 199 
LEU CA  C    sing N N 200 
LEU CA  CB   sing N N 201 
LEU CA  HA   sing N N 202 
LEU C   O    doub N N 203 
LEU C   OXT  sing N N 204 
LEU CB  CG   sing N N 205 
LEU CB  HB2  sing N N 206 
LEU CB  HB3  sing N N 207 
LEU CG  CD1  sing N N 208 
LEU CG  CD2  sing N N 209 
LEU CG  HG   sing N N 210 
LEU CD1 HD11 sing N N 211 
LEU CD1 HD12 sing N N 212 
LEU CD1 HD13 sing N N 213 
LEU CD2 HD21 sing N N 214 
LEU CD2 HD22 sing N N 215 
LEU CD2 HD23 sing N N 216 
LEU OXT HXT  sing N N 217 
LYS N   CA   sing N N 218 
LYS N   H    sing N N 219 
LYS N   H2   sing N N 220 
LYS CA  C    sing N N 221 
LYS CA  CB   sing N N 222 
LYS CA  HA   sing N N 223 
LYS C   O    doub N N 224 
LYS C   OXT  sing N N 225 
LYS CB  CG   sing N N 226 
LYS CB  HB2  sing N N 227 
LYS CB  HB3  sing N N 228 
LYS CG  CD   sing N N 229 
LYS CG  HG2  sing N N 230 
LYS CG  HG3  sing N N 231 
LYS CD  CE   sing N N 232 
LYS CD  HD2  sing N N 233 
LYS CD  HD3  sing N N 234 
LYS CE  NZ   sing N N 235 
LYS CE  HE2  sing N N 236 
LYS CE  HE3  sing N N 237 
LYS NZ  HZ1  sing N N 238 
LYS NZ  HZ2  sing N N 239 
LYS NZ  HZ3  sing N N 240 
LYS OXT HXT  sing N N 241 
MET N   CA   sing N N 242 
MET N   H    sing N N 243 
MET N   H2   sing N N 244 
MET CA  C    sing N N 245 
MET CA  CB   sing N N 246 
MET CA  HA   sing N N 247 
MET C   O    doub N N 248 
MET C   OXT  sing N N 249 
MET CB  CG   sing N N 250 
MET CB  HB2  sing N N 251 
MET CB  HB3  sing N N 252 
MET CG  SD   sing N N 253 
MET CG  HG2  sing N N 254 
MET CG  HG3  sing N N 255 
MET SD  CE   sing N N 256 
MET CE  HE1  sing N N 257 
MET CE  HE2  sing N N 258 
MET CE  HE3  sing N N 259 
MET OXT HXT  sing N N 260 
PHE N   CA   sing N N 261 
PHE N   H    sing N N 262 
PHE N   H2   sing N N 263 
PHE CA  C    sing N N 264 
PHE CA  CB   sing N N 265 
PHE CA  HA   sing N N 266 
PHE C   O    doub N N 267 
PHE C   OXT  sing N N 268 
PHE CB  CG   sing N N 269 
PHE CB  HB2  sing N N 270 
PHE CB  HB3  sing N N 271 
PHE CG  CD1  doub Y N 272 
PHE CG  CD2  sing Y N 273 
PHE CD1 CE1  sing Y N 274 
PHE CD1 HD1  sing N N 275 
PHE CD2 CE2  doub Y N 276 
PHE CD2 HD2  sing N N 277 
PHE CE1 CZ   doub Y N 278 
PHE CE1 HE1  sing N N 279 
PHE CE2 CZ   sing Y N 280 
PHE CE2 HE2  sing N N 281 
PHE CZ  HZ   sing N N 282 
PHE OXT HXT  sing N N 283 
PRO N   CA   sing N N 284 
PRO N   CD   sing N N 285 
PRO N   H    sing N N 286 
PRO CA  C    sing N N 287 
PRO CA  CB   sing N N 288 
PRO CA  HA   sing N N 289 
PRO C   O    doub N N 290 
PRO C   OXT  sing N N 291 
PRO CB  CG   sing N N 292 
PRO CB  HB2  sing N N 293 
PRO CB  HB3  sing N N 294 
PRO CG  CD   sing N N 295 
PRO CG  HG2  sing N N 296 
PRO CG  HG3  sing N N 297 
PRO CD  HD2  sing N N 298 
PRO CD  HD3  sing N N 299 
PRO OXT HXT  sing N N 300 
SER N   CA   sing N N 301 
SER N   H    sing N N 302 
SER N   H2   sing N N 303 
SER CA  C    sing N N 304 
SER CA  CB   sing N N 305 
SER CA  HA   sing N N 306 
SER C   O    doub N N 307 
SER C   OXT  sing N N 308 
SER CB  OG   sing N N 309 
SER CB  HB2  sing N N 310 
SER CB  HB3  sing N N 311 
SER OG  HG   sing N N 312 
SER OXT HXT  sing N N 313 
THR N   CA   sing N N 314 
THR N   H    sing N N 315 
THR N   H2   sing N N 316 
THR CA  C    sing N N 317 
THR CA  CB   sing N N 318 
THR CA  HA   sing N N 319 
THR C   O    doub N N 320 
THR C   OXT  sing N N 321 
THR CB  OG1  sing N N 322 
THR CB  CG2  sing N N 323 
THR CB  HB   sing N N 324 
THR OG1 HG1  sing N N 325 
THR CG2 HG21 sing N N 326 
THR CG2 HG22 sing N N 327 
THR CG2 HG23 sing N N 328 
THR OXT HXT  sing N N 329 
TRP N   CA   sing N N 330 
TRP N   H    sing N N 331 
TRP N   H2   sing N N 332 
TRP CA  C    sing N N 333 
TRP CA  CB   sing N N 334 
TRP CA  HA   sing N N 335 
TRP C   O    doub N N 336 
TRP C   OXT  sing N N 337 
TRP CB  CG   sing N N 338 
TRP CB  HB2  sing N N 339 
TRP CB  HB3  sing N N 340 
TRP CG  CD1  doub Y N 341 
TRP CG  CD2  sing Y N 342 
TRP CD1 NE1  sing Y N 343 
TRP CD1 HD1  sing N N 344 
TRP CD2 CE2  doub Y N 345 
TRP CD2 CE3  sing Y N 346 
TRP NE1 CE2  sing Y N 347 
TRP NE1 HE1  sing N N 348 
TRP CE2 CZ2  sing Y N 349 
TRP CE3 CZ3  doub Y N 350 
TRP CE3 HE3  sing N N 351 
TRP CZ2 CH2  doub Y N 352 
TRP CZ2 HZ2  sing N N 353 
TRP CZ3 CH2  sing Y N 354 
TRP CZ3 HZ3  sing N N 355 
TRP CH2 HH2  sing N N 356 
TRP OXT HXT  sing N N 357 
TYR N   CA   sing N N 358 
TYR N   H    sing N N 359 
TYR N   H2   sing N N 360 
TYR CA  C    sing N N 361 
TYR CA  CB   sing N N 362 
TYR CA  HA   sing N N 363 
TYR C   O    doub N N 364 
TYR C   OXT  sing N N 365 
TYR CB  CG   sing N N 366 
TYR CB  HB2  sing N N 367 
TYR CB  HB3  sing N N 368 
TYR CG  CD1  doub Y N 369 
TYR CG  CD2  sing Y N 370 
TYR CD1 CE1  sing Y N 371 
TYR CD1 HD1  sing N N 372 
TYR CD2 CE2  doub Y N 373 
TYR CD2 HD2  sing N N 374 
TYR CE1 CZ   doub Y N 375 
TYR CE1 HE1  sing N N 376 
TYR CE2 CZ   sing Y N 377 
TYR CE2 HE2  sing N N 378 
TYR CZ  OH   sing N N 379 
TYR OH  HH   sing N N 380 
TYR OXT HXT  sing N N 381 
VAL N   CA   sing N N 382 
VAL N   H    sing N N 383 
VAL N   H2   sing N N 384 
VAL CA  C    sing N N 385 
VAL CA  CB   sing N N 386 
VAL CA  HA   sing N N 387 
VAL C   O    doub N N 388 
VAL C   OXT  sing N N 389 
VAL CB  CG1  sing N N 390 
VAL CB  CG2  sing N N 391 
VAL CB  HB   sing N N 392 
VAL CG1 HG11 sing N N 393 
VAL CG1 HG12 sing N N 394 
VAL CG1 HG13 sing N N 395 
VAL CG2 HG21 sing N N 396 
VAL CG2 HG22 sing N N 397 
VAL CG2 HG23 sing N N 398 
VAL OXT HXT  sing N N 399 
# 
loop_
_pdbx_branch_scheme.asym_id 
_pdbx_branch_scheme.entity_id 
_pdbx_branch_scheme.mon_id 
_pdbx_branch_scheme.num 
_pdbx_branch_scheme.pdb_asym_id 
_pdbx_branch_scheme.pdb_mon_id 
_pdbx_branch_scheme.pdb_seq_num 
_pdbx_branch_scheme.auth_asym_id 
_pdbx_branch_scheme.auth_mon_id 
_pdbx_branch_scheme.auth_seq_num 
_pdbx_branch_scheme.hetero 
B 2 BMA 1 B BMA 1 A BMA 1143 n 
B 2 BMA 2 B BMA 2 A BMA 1144 n 
B 2 BMA 3 B BMA 3 A BMA 1145 n 
B 2 BMA 4 B BMA 4 A BMA 1146 n 
B 2 BMA 5 B BMA 5 A BMA 1147 n 
# 
loop_
_pdbx_chem_comp_identifier.comp_id 
_pdbx_chem_comp_identifier.type 
_pdbx_chem_comp_identifier.program 
_pdbx_chem_comp_identifier.program_version 
_pdbx_chem_comp_identifier.identifier 
BMA 'CONDENSED IUPAC CARBOHYDRATE SYMBOL' GMML     1.0 DManpb            
BMA 'COMMON NAME'                         GMML     1.0 b-D-mannopyranose 
BMA 'IUPAC CARBOHYDRATE SYMBOL'           PDB-CARE 1.0 b-D-Manp          
BMA 'SNFG CARBOHYDRATE SYMBOL'            GMML     1.0 Man               
# 
_pdbx_entity_branch.entity_id   2 
_pdbx_entity_branch.type        oligosaccharide 
# 
loop_
_pdbx_entity_branch_descriptor.ordinal 
_pdbx_entity_branch_descriptor.entity_id 
_pdbx_entity_branch_descriptor.descriptor 
_pdbx_entity_branch_descriptor.type 
_pdbx_entity_branch_descriptor.program 
_pdbx_entity_branch_descriptor.program_version 
1 2 DManpb1-4DManpb1-4DManpb1-4DManpb1-4DManpb1-ROH                                              'Glycam Condensed Sequence' GMML 
1.0   
2 2 'WURCS=2.0/1,5,4/[a1122h-1b_1-5]/1-1-1-1-1/a4-b1_b4-c1_c4-d1_d4-e1'                          WURCS                       
PDB2Glycan 1.1.0 
3 2 '[][b-D-Manp]{[(4+1)][b-D-Manp]{[(4+1)][b-D-Manp]{[(4+1)][b-D-Manp]{[(4+1)][b-D-Manp]{}}}}}' LINUCS                      
PDB-CARE   ?     
# 
loop_
_pdbx_entity_branch_link.link_id 
_pdbx_entity_branch_link.entity_id 
_pdbx_entity_branch_link.entity_branch_list_num_1 
_pdbx_entity_branch_link.comp_id_1 
_pdbx_entity_branch_link.atom_id_1 
_pdbx_entity_branch_link.leaving_atom_id_1 
_pdbx_entity_branch_link.entity_branch_list_num_2 
_pdbx_entity_branch_link.comp_id_2 
_pdbx_entity_branch_link.atom_id_2 
_pdbx_entity_branch_link.leaving_atom_id_2 
_pdbx_entity_branch_link.value_order 
_pdbx_entity_branch_link.details 
1 2 2 BMA C1 O1 1 BMA O4 HO4 sing ? 
2 2 3 BMA C1 O1 2 BMA O4 HO4 sing ? 
3 2 4 BMA C1 O1 3 BMA O4 HO4 sing ? 
4 2 5 BMA C1 O1 4 BMA O4 HO4 sing ? 
# 
loop_
_pdbx_entity_branch_list.entity_id 
_pdbx_entity_branch_list.comp_id 
_pdbx_entity_branch_list.num 
_pdbx_entity_branch_list.hetero 
2 BMA 1 n 
2 BMA 2 n 
2 BMA 3 n 
2 BMA 4 n 
2 BMA 5 n 
# 
_pdbx_entity_nonpoly.entity_id   3 
_pdbx_entity_nonpoly.name        water 
_pdbx_entity_nonpoly.comp_id     HOH 
# 
_pdbx_initial_refinement_model.id               1 
_pdbx_initial_refinement_model.entity_id_list   ? 
_pdbx_initial_refinement_model.type             'experimental model' 
_pdbx_initial_refinement_model.source_name      PDB 
_pdbx_initial_refinement_model.accession_code   1GWM 
_pdbx_initial_refinement_model.details          'PDB ENTRY 1GWM' 
# 
